data_7YQ5
#
_entry.id   7YQ5
#
_cell.length_a   1.00
_cell.length_b   1.00
_cell.length_c   1.00
_cell.angle_alpha   90.00
_cell.angle_beta   90.00
_cell.angle_gamma   90.00
#
_symmetry.space_group_name_H-M   'P 1'
#
loop_
_entity.id
_entity.type
_entity.pdbx_description
1 polymer 'Insulin A chain'
2 polymer 'Insulin, isoform 2'
3 polymer 'IR-A62 aptamer'
4 polymer 'Isoform Short of Insulin receptor'
#
loop_
_entity_poly.entity_id
_entity_poly.type
_entity_poly.pdbx_seq_one_letter_code
_entity_poly.pdbx_strand_id
1 'polypeptide(L)' GIVEQCCTSICSLYQLENYCN A
2 'polypeptide(L)' NQHLCGSHLVEALYLVCGERGFFYT B
3 'polydeoxyribonucleotide'
;(DC)(AF2)(DUZ)(DUZ)(DA)(CFZ)(DG)(CFZ)(DA)(85Y)(OMG)(AF2)(OMG)(DUZ)(DC)(85Y)(DA)
(DG)(AF2)(85Y)(OMC)(CFZ)(DG)(DUZ)
;
G
4 'polypeptide(L)'
;HLYPGEVCPGMDIRNNLTRLHELENCSVIEGHLQILLMFKTRPEDFRDLSFPKLIMITDYLLLFRVYGLESLKDLFPNLT
VIRGSRLFFNYALVIFEMVHLKELGLYNLMNITRGSVRIEKNNELCYLATIDWSRILDSVEDNHIVLNKDDNEECGDICP
GTAKGKTNCPATVINGQFVERCWTHSHCQKVCPTICKSHGCTAEGLCCHSECLGNCSQPDDPTKCVACRNFYLDGRCVET
CPPPYYHFQDWRCVNFSFCQDLHHKCKNSRRQGCHQYVIHNNKCIPECPSGYTMNSSNLLCTPCLGPCPKVCHLLEGEKT
IDSVTSAQELRGCTVINGSLIINIRGGNNLAAELEANLGLIEEISGYLKIRRSYALVSLSFFRKLRLIRGETLEIGNYSF
YALDNQNLRQLWDWSKHNLTTTQGKLFFHYNPKLCLSEIHKMEEVSGTKGRQERNDIALKTNGDKASCENELLKFSYIRT
SFDKILLRWEPYWPPDFRDLLGFMLFYKEAPYQNVTEFDGQDACGSNSWTVVDIDPPLRSNDPKSQNHPGWLMRGLKPWT
QYAIFVKTLVTFSDERRTYGAKSDIIYVQTDATNPSVPLDPISVSNSSSQIILKWKPPSDPNGNITHYLVFWERQAEDSE
LFELDYCLKGLKLPSRTWSPPFESEDSQKHNQSEYEDSAGECCSCPKTDSQILKELEESSFRKTFEDYLHNVVFVPRPSR
KRRSLGDVGNVTVAVPTVAAFPNTSSTSVPTSPEEHRPFEKVVNKESLVISGLRHFTGYRIELQACNQDTPEERCSVAAY
VSARTMPEAKADDIVGPVTHEIFENNVVHLMWQEPKEPNGLIVLYEVSYRRYGDEELHLCVSRKHFALERGCRLRGLSPG
NYSVRIRATSLAGNGSWTEPTYFYVTD
;
F,E
#
loop_
_chem_comp.id
_chem_comp.type
_chem_comp.name
_chem_comp.formula
85Y RNA linking '2'-deoxy-5-{[(naphthalen-2-yl)methyl]carbamoyl}uridine 5'-(dihydrogen phosphate)' 'C21 H22 N3 O9 P'
AF2 DNA linking '2'-deoxy-2'-fluoroadenosine 5'-(dihydrogen phosphate)' 'C10 H13 F N5 O6 P'
CFZ DNA linking '2'-deoxy-2'-fluorocytidine 5'-(dihydrogen phosphate)' 'C9 H13 F N3 O7 P'
DA DNA linking 2'-DEOXYADENOSINE-5'-MONOPHOSPHATE 'C10 H14 N5 O6 P'
DC DNA linking 2'-DEOXYCYTIDINE-5'-MONOPHOSPHATE 'C9 H14 N3 O7 P'
DG DNA linking 2'-DEOXYGUANOSINE-5'-MONOPHOSPHATE 'C10 H14 N5 O7 P'
DUZ DNA linking '5-(benzylcarbamoyl)-2'-deoxyuridine 5'-(dihydrogen phosphate)' 'C17 H20 N3 O9 P'
OMC RNA linking O2'-METHYLYCYTIDINE-5'-MONOPHOSPHATE 'C10 H16 N3 O8 P'
OMG RNA linking O2'-METHYLGUANOSINE-5'-MONOPHOSPHATE 'C11 H16 N5 O8 P'
#
# COMPACT_ATOMS: atom_id res chain seq x y z
N GLY A 1 6.08 54.34 4.41
CA GLY A 1 5.84 52.93 4.62
C GLY A 1 6.31 52.44 5.99
N ILE A 2 5.35 52.28 6.90
CA ILE A 2 5.65 51.81 8.25
C ILE A 2 6.10 50.36 8.24
N VAL A 3 5.60 49.52 7.34
CA VAL A 3 5.97 48.11 7.36
C VAL A 3 7.31 47.85 6.69
N GLU A 4 7.97 48.87 6.16
CA GLU A 4 9.30 48.70 5.59
C GLU A 4 10.38 49.41 6.37
N GLN A 5 10.03 50.34 7.27
CA GLN A 5 11.05 50.92 8.14
C GLN A 5 10.87 50.55 9.60
N CYS A 6 9.96 49.64 9.94
CA CYS A 6 9.89 49.09 11.29
C CYS A 6 9.71 47.57 11.28
N CYS A 7 9.91 46.92 10.13
CA CYS A 7 9.93 45.48 10.07
C CYS A 7 11.16 44.90 9.40
N THR A 8 11.71 45.57 8.39
CA THR A 8 12.93 45.08 7.75
C THR A 8 14.17 45.53 8.50
N SER A 9 14.02 46.48 9.40
CA SER A 9 15.12 46.96 10.24
C SER A 9 14.53 47.39 11.57
N ILE A 10 15.40 47.70 12.53
CA ILE A 10 14.93 48.27 13.79
C ILE A 10 14.61 49.74 13.57
N CYS A 11 13.66 50.26 14.35
CA CYS A 11 13.35 51.68 14.25
C CYS A 11 13.33 52.28 15.64
N SER A 12 13.80 53.52 15.74
CA SER A 12 13.90 54.21 17.02
C SER A 12 12.58 54.89 17.37
N LEU A 13 12.45 55.26 18.64
CA LEU A 13 11.23 55.91 19.10
C LEU A 13 11.15 57.36 18.67
N TYR A 14 12.25 57.92 18.18
CA TYR A 14 12.18 59.21 17.49
C TYR A 14 11.51 59.06 16.13
N GLN A 15 11.62 57.90 15.51
CA GLN A 15 11.09 57.72 14.16
C GLN A 15 9.59 57.44 14.18
N LEU A 16 9.13 56.54 15.05
CA LEU A 16 7.71 56.22 15.06
C LEU A 16 6.91 57.16 15.94
N GLU A 17 7.53 58.18 16.50
CA GLU A 17 6.77 59.29 17.07
C GLU A 17 6.26 60.24 16.00
N ASN A 18 6.78 60.13 14.77
CA ASN A 18 6.32 60.98 13.68
C ASN A 18 4.90 60.61 13.25
N TYR A 19 4.48 59.38 13.51
CA TYR A 19 3.20 58.88 13.01
C TYR A 19 2.01 59.49 13.74
N CYS A 20 2.22 60.06 14.92
CA CYS A 20 1.10 60.57 15.70
C CYS A 20 1.21 62.09 15.80
N ASN A 21 0.64 62.77 14.82
CA ASN A 21 0.69 64.24 14.66
C ASN A 21 2.09 64.84 14.72
N ASN B 1 11.46 43.66 22.30
CA ASN B 1 12.18 42.93 21.26
C ASN B 1 12.71 43.89 20.21
N GLN B 2 12.07 45.06 20.12
CA GLN B 2 12.43 46.16 19.23
C GLN B 2 12.47 45.77 17.76
N HIS B 3 11.63 44.82 17.37
CA HIS B 3 11.48 44.47 15.96
C HIS B 3 9.97 44.45 15.73
N LEU B 4 9.41 45.64 15.54
CA LEU B 4 7.97 45.87 15.71
C LEU B 4 7.23 45.70 14.39
N CYS B 5 6.94 44.46 14.01
CA CYS B 5 6.00 44.26 12.92
C CYS B 5 5.15 43.03 13.18
N GLY B 6 4.06 42.92 12.46
CA GLY B 6 3.01 41.97 12.78
C GLY B 6 1.88 42.62 13.55
N SER B 7 1.16 41.83 14.34
CA SER B 7 -0.02 42.35 15.02
C SER B 7 0.35 43.23 16.20
N HIS B 8 1.59 43.11 16.69
CA HIS B 8 2.03 43.95 17.81
C HIS B 8 2.22 45.41 17.40
N LEU B 9 2.36 45.68 16.09
CA LEU B 9 2.64 47.03 15.62
C LEU B 9 1.46 47.96 15.87
N VAL B 10 0.24 47.43 15.79
CA VAL B 10 -0.91 48.31 15.98
C VAL B 10 -1.18 48.49 17.48
N GLU B 11 -0.62 47.64 18.33
CA GLU B 11 -0.82 47.83 19.77
C GLU B 11 0.29 48.64 20.40
N ALA B 12 1.54 48.43 19.98
CA ALA B 12 2.66 49.13 20.59
C ALA B 12 2.68 50.59 20.16
N LEU B 13 2.15 50.89 18.99
CA LEU B 13 2.08 52.27 18.53
C LEU B 13 0.98 53.04 19.25
N TYR B 14 0.00 52.36 19.85
CA TYR B 14 -1.09 53.06 20.52
C TYR B 14 -0.64 53.66 21.84
N LEU B 15 0.19 52.93 22.61
CA LEU B 15 0.57 53.40 23.93
C LEU B 15 1.52 54.59 23.88
N VAL B 16 2.27 54.74 22.79
CA VAL B 16 3.13 55.91 22.65
C VAL B 16 2.35 57.09 22.05
N CYS B 17 1.07 56.89 21.72
CA CYS B 17 0.25 57.91 21.09
C CYS B 17 -1.13 57.97 21.74
N GLY B 18 -1.18 57.77 23.04
CA GLY B 18 -2.43 57.53 23.74
C GLY B 18 -3.38 58.70 23.83
N GLU B 19 -2.96 59.92 23.48
CA GLU B 19 -3.85 61.07 23.56
C GLU B 19 -3.77 62.02 22.37
N ARG B 20 -2.68 62.03 21.62
CA ARG B 20 -2.56 62.98 20.51
C ARG B 20 -3.45 62.59 19.35
N GLY B 21 -3.56 61.29 19.06
CA GLY B 21 -4.29 60.81 17.91
C GLY B 21 -3.37 60.57 16.73
N PHE B 22 -3.87 59.77 15.80
CA PHE B 22 -3.07 59.36 14.66
C PHE B 22 -3.09 60.48 13.63
N PHE B 23 -2.23 60.41 12.61
CA PHE B 23 -2.10 61.53 11.70
C PHE B 23 -2.40 61.10 10.27
N TYR B 24 -3.10 61.96 9.55
N TYR B 24 -3.08 61.99 9.56
CA TYR B 24 -3.40 61.69 8.15
CA TYR B 24 -3.52 61.74 8.19
C TYR B 24 -3.50 63.03 7.43
C TYR B 24 -3.49 63.06 7.44
N THR B 25 -3.31 62.98 6.12
CA THR B 25 -3.33 64.19 5.29
C THR B 25 -4.75 64.73 5.15
F AF2 C 2 -1.38 -13.14 -46.37
P AF2 C 2 -0.62 -13.30 -52.60
N1 AF2 C 2 5.51 -11.92 -47.33
C2 AF2 C 2 4.80 -13.04 -47.01
N3 AF2 C 2 3.44 -13.05 -47.22
C4 AF2 C 2 2.83 -12.00 -47.71
C5 AF2 C 2 3.54 -10.88 -48.03
C6 AF2 C 2 4.91 -10.86 -47.82
N6 AF2 C 2 5.92 -9.83 -48.07
N7 AF2 C 2 2.69 -9.97 -48.51
C8 AF2 C 2 1.45 -10.50 -48.49
N9 AF2 C 2 1.56 -11.75 -48.01
C1' AF2 C 2 0.71 -12.91 -47.69
OP2 AF2 C 2 -0.14 -11.91 -53.09
C2' AF2 C 2 -0.78 -12.39 -47.40
OP1 AF2 C 2 -1.57 -13.96 -53.61
C3' AF2 C 2 -1.41 -12.61 -48.52
O3' AF2 C 2 -2.90 -12.67 -48.36
C4' AF2 C 2 -0.87 -13.96 -48.91
O4' AF2 C 2 0.65 -13.74 -48.69
C5' AF2 C 2 -1.20 -14.29 -50.27
O5' AF2 C 2 -1.34 -13.19 -51.06
P DUZ C 3 -3.78 -11.37 -48.62
N1 DUZ C 3 -0.98 -8.13 -43.97
C2 DUZ C 3 -1.05 -7.06 -42.85
O2 DUZ C 3 -1.89 -7.07 -41.98
N3 DUZ C 3 -0.07 -5.94 -42.81
C4 DUZ C 3 0.98 -5.85 -43.79
O4 DUZ C 3 1.80 -4.93 -43.76
C5 DUZ C 3 1.06 -6.89 -44.89
C6 DUZ C 3 0.08 -8.02 -44.95
C1' DUZ C 3 -1.95 -9.26 -44.02
C2' DUZ C 3 -3.50 -8.92 -43.95
C21 DUZ C 3 2.27 -6.65 -45.86
O22 DUZ C 3 2.24 -6.88 -47.05
N23 DUZ C 3 3.40 -6.09 -45.19
C24 DUZ C 3 4.74 -5.73 -45.81
C25 DUZ C 3 5.53 -5.10 -44.69
C26 DUZ C 3 5.07 -5.19 -43.40
C27 DUZ C 3 5.79 -4.62 -42.36
C28 DUZ C 3 6.97 -3.96 -42.62
C29 DUZ C 3 7.44 -3.87 -43.92
C3' DUZ C 3 -4.02 -10.32 -43.93
O3' DUZ C 3 -3.78 -10.93 -42.62
C30 DUZ C 3 6.73 -4.43 -44.96
C4' DUZ C 3 -3.27 -10.91 -44.87
O4' DUZ C 3 -1.94 -9.97 -45.08
C5' DUZ C 3 -4.12 -11.03 -46.08
O5' DUZ C 3 -3.57 -10.46 -47.20
OP1 DUZ C 3 -5.20 -11.76 -48.79
OP2 DUZ C 3 -3.26 -10.62 -49.87
P DUZ C 4 -4.87 -10.78 -41.45
N1 DUZ C 4 -0.99 -11.98 -37.52
C2 DUZ C 4 0.15 -12.25 -36.57
O2 DUZ C 4 0.12 -13.24 -35.86
N3 DUZ C 4 1.32 -11.32 -36.50
C4 DUZ C 4 1.34 -10.15 -37.35
O4 DUZ C 4 2.29 -9.36 -37.32
C5 DUZ C 4 0.20 -9.87 -38.29
C6 DUZ C 4 -0.97 -10.80 -38.36
C1' DUZ C 4 -2.10 -12.93 -37.56
C2' DUZ C 4 -3.43 -12.25 -36.99
C21 DUZ C 4 0.31 -8.58 -39.20
O22 DUZ C 4 0.48 -8.69 -40.38
N23 DUZ C 4 0.24 -7.29 -38.61
C24 DUZ C 4 0.35 -6.07 -39.50
C25 DUZ C 4 1.70 -5.40 -39.38
C26 DUZ C 4 2.58 -5.81 -38.41
C27 DUZ C 4 3.81 -5.19 -38.29
C28 DUZ C 4 4.15 -4.17 -39.16
C29 DUZ C 4 3.25 -3.76 -40.13
C3' DUZ C 4 -4.54 -12.87 -37.80
O3' DUZ C 4 -5.53 -13.61 -36.97
C30 DUZ C 4 2.03 -4.38 -40.24
C4' DUZ C 4 -3.97 -13.57 -38.81
O4' DUZ C 4 -2.38 -13.25 -38.76
C5' DUZ C 4 -4.51 -13.05 -40.10
O5' DUZ C 4 -4.25 -11.72 -40.16
OP1 DUZ C 4 -6.16 -11.31 -41.93
OP2 DUZ C 4 -4.98 -9.30 -41.02
P CFZ C 6 -6.32 -22.24 -37.78
N1 CFZ C 6 -0.44 -21.40 -38.99
C2 CFZ C 6 0.65 -20.80 -39.80
O2 CFZ C 6 0.93 -21.30 -40.84
N3 CFZ C 6 1.37 -19.61 -39.31
C4 CFZ C 6 1.04 -19.02 -38.04
N4 CFZ C 6 1.74 -17.84 -37.57
C5 CFZ C 6 -0.06 -19.60 -37.23
C6 CFZ C 6 -0.79 -20.80 -37.72
C1' CFZ C 6 -1.15 -22.61 -39.50
O1P CFZ C 6 -7.54 -22.98 -38.28
C2' CFZ C 6 -1.86 -23.15 -38.56
F2' CFZ C 6 -1.08 -23.96 -37.75
O2P CFZ C 6 -6.24 -22.25 -36.27
C3' CFZ C 6 -2.96 -24.09 -39.41
O3' CFZ C 6 -2.25 -25.19 -40.07
C4' CFZ C 6 -3.41 -23.32 -40.28
O4' CFZ C 6 -2.21 -22.26 -40.56
C5' CFZ C 6 -4.67 -22.58 -39.78
O5' CFZ C 6 -4.94 -22.86 -38.44
P CFZ C 8 2.95 -31.11 -41.40
N1 CFZ C 8 7.35 -27.91 -40.75
C2 CFZ C 8 8.07 -26.60 -40.63
O2 CFZ C 8 8.74 -26.36 -39.69
N3 CFZ C 8 7.95 -25.60 -41.72
C4 CFZ C 8 7.14 -25.87 -42.88
N4 CFZ C 8 7.03 -24.89 -43.93
C5 CFZ C 8 6.43 -27.16 -42.99
C6 CFZ C 8 6.54 -28.18 -41.91
C1' CFZ C 8 7.45 -28.94 -39.68
O1P CFZ C 8 1.92 -31.88 -40.60
C2' CFZ C 8 6.85 -28.51 -38.61
F2' CFZ C 8 7.77 -28.38 -37.58
O2P CFZ C 8 3.02 -31.61 -42.82
C3' CFZ C 8 5.69 -29.63 -38.13
O3' CFZ C 8 5.92 -29.98 -36.74
C4' CFZ C 8 5.83 -30.66 -38.84
O4' CFZ C 8 6.67 -30.17 -40.13
C5' CFZ C 8 4.46 -31.17 -39.28
O5' CFZ C 8 4.42 -31.20 -40.68
C2 85Y C 10 3.55 -23.69 -28.61
C20 85Y C 10 6.95 -21.60 -29.99
C24 85Y C 10 7.89 -21.15 -33.21
C30 85Y C 10 5.88 -23.57 -35.05
C33 85Y C 10 8.12 -23.41 -36.68
C4 85Y C 10 4.58 -22.17 -30.23
C5 85Y C 10 5.81 -22.29 -29.51
C23 85Y C 10 7.78 -20.36 -31.95
C25 85Y C 10 6.86 -21.97 -33.54
C26 85Y C 10 6.93 -22.72 -34.70
O4 85Y C 10 4.40 -21.49 -31.25
N3 85Y C 10 3.51 -22.86 -29.73
O2 85Y C 10 2.52 -24.24 -28.31
C6 85Y C 10 5.93 -23.07 -28.40
N1 85Y C 10 4.85 -23.76 -27.94
C1' 85Y C 10 5.01 -24.65 -26.70
O4' 85Y C 10 4.82 -25.99 -27.02
C2' 85Y C 10 4.10 -24.26 -25.53
C3' 85Y C 10 3.16 -25.44 -25.37
O3' 85Y C 10 3.11 -25.81 -24.05
C4' 85Y C 10 3.79 -26.58 -26.19
C5' 85Y C 10 2.80 -27.26 -27.19
O5' 85Y C 10 3.37 -27.05 -28.39
P 85Y C 10 2.53 -27.45 -29.95
OP2 85Y C 10 1.96 -26.14 -30.44
O21 85Y C 10 8.03 -21.51 -29.39
N22 85Y C 10 6.74 -21.05 -31.22
C27 85Y C 10 8.06 -22.63 -35.51
C28 85Y C 10 9.12 -21.77 -35.15
C29 85Y C 10 9.03 -21.04 -34.00
C31 85Y C 10 5.96 -24.32 -36.18
C32 85Y C 10 7.10 -24.22 -37.01
OP1 85Y C 10 1.63 -28.59 -29.57
P OMG C 11 1.94 -25.26 -23.09
OP1 OMG C 11 2.18 -25.82 -21.72
OP2 OMG C 11 0.63 -25.50 -23.79
O5' OMG C 11 2.20 -23.68 -23.02
C5' OMG C 11 2.86 -23.12 -21.89
C4' OMG C 11 3.50 -21.79 -22.18
O4' OMG C 11 3.81 -21.63 -23.59
C3' OMG C 11 2.68 -20.54 -21.78
O3' OMG C 11 3.51 -19.66 -21.05
C2' OMG C 11 2.37 -19.91 -23.14
O2' OMG C 11 2.16 -18.52 -23.10
CM2 OMG C 11 0.81 -18.22 -23.31
C1' OMG C 11 3.61 -20.29 -23.91
N9 OMG C 11 3.51 -20.09 -25.37
C8 OMG C 11 2.36 -20.13 -26.20
N7 OMG C 11 2.68 -19.86 -27.49
C5 OMG C 11 4.07 -19.63 -27.48
C6 OMG C 11 4.94 -19.29 -28.54
O6 OMG C 11 4.73 -19.13 -29.72
N1 OMG C 11 6.30 -19.13 -28.15
C2 OMG C 11 6.69 -19.29 -26.82
N2 OMG C 11 8.05 -19.10 -26.53
N3 OMG C 11 5.90 -19.60 -25.79
C4 OMG C 11 4.57 -19.76 -26.17
F AF2 C 12 7.90 -16.27 -16.86
P AF2 C 12 2.97 -18.95 -19.73
N1 AF2 C 12 9.04 -14.00 -22.08
C2 AF2 C 12 9.60 -14.49 -20.95
N3 AF2 C 12 8.97 -15.49 -20.26
C4 AF2 C 12 7.84 -15.98 -20.70
C5 AF2 C 12 7.26 -15.48 -21.83
C6 AF2 C 12 7.89 -14.48 -22.52
N6 AF2 C 12 7.54 -13.76 -23.75
N7 AF2 C 12 6.12 -16.15 -22.04
C8 AF2 C 12 5.96 -17.05 -21.04
N9 AF2 C 12 7.03 -16.92 -20.24
C1' AF2 C 12 7.61 -17.50 -18.98
OP2 AF2 C 12 2.21 -17.67 -20.12
C2' AF2 C 12 6.92 -16.84 -17.70
OP1 AF2 C 12 2.07 -19.91 -18.94
C3' AF2 C 12 6.18 -17.78 -17.10
O3' AF2 C 12 6.34 -17.88 -15.58
C4' AF2 C 12 6.39 -19.09 -17.86
O4' AF2 C 12 7.42 -18.79 -18.96
C5' AF2 C 12 5.18 -19.58 -18.42
O5' AF2 C 12 4.38 -18.57 -18.83
P OMG C 13 7.56 -18.67 -14.87
OP1 OMG C 13 7.56 -18.21 -13.43
OP2 OMG C 13 8.84 -18.52 -15.65
O5' OMG C 13 7.14 -20.20 -14.87
C5' OMG C 13 8.09 -21.21 -15.20
C4' OMG C 13 7.67 -22.57 -14.69
O4' OMG C 13 7.01 -23.30 -15.76
C3' OMG C 13 8.80 -23.49 -14.28
O3' OMG C 13 9.33 -23.20 -13.01
C2' OMG C 13 8.14 -24.87 -14.37
O2' OMG C 13 7.38 -25.15 -13.22
CM2 OMG C 13 7.76 -26.36 -12.64
C1' OMG C 13 7.20 -24.69 -15.57
N9 OMG C 13 7.76 -25.28 -16.79
C8 OMG C 13 9.10 -25.74 -17.02
N7 OMG C 13 9.26 -26.25 -18.24
C5 OMG C 13 8.00 -26.14 -18.84
C6 OMG C 13 7.58 -26.53 -20.14
O6 OMG C 13 8.20 -27.04 -21.05
N1 OMG C 13 6.20 -26.24 -20.39
C2 OMG C 13 5.37 -25.65 -19.42
N2 OMG C 13 4.04 -25.43 -19.77
N3 OMG C 13 5.73 -25.28 -18.19
C4 OMG C 13 7.07 -25.55 -17.95
P DUZ C 14 10.88 -23.53 -12.69
N1 DUZ C 14 13.07 -23.41 -17.23
C2 DUZ C 14 13.50 -24.53 -18.14
O2 DUZ C 14 14.54 -25.10 -17.91
N3 DUZ C 14 12.65 -24.94 -19.28
C4 DUZ C 14 11.40 -24.25 -19.52
O4 DUZ C 14 10.69 -24.57 -20.48
C5 DUZ C 14 10.97 -23.11 -18.60
C6 DUZ C 14 11.82 -22.71 -17.45
C1' DUZ C 14 13.95 -23.05 -16.11
C2' DUZ C 14 14.12 -21.48 -16.06
C21 DUZ C 14 9.60 -22.43 -18.96
O22 DUZ C 14 9.27 -21.37 -18.53
N23 DUZ C 14 8.77 -23.17 -19.85
C24 DUZ C 14 7.43 -22.67 -20.33
C25 DUZ C 14 7.45 -22.85 -21.82
C26 DUZ C 14 7.04 -21.85 -22.66
C27 DUZ C 14 7.06 -22.04 -24.03
C28 DUZ C 14 7.51 -23.23 -24.57
C29 DUZ C 14 7.94 -24.25 -23.72
C3' DUZ C 14 14.47 -21.21 -14.62
O3' DUZ C 14 15.87 -20.73 -14.39
C30 DUZ C 14 7.91 -24.05 -22.37
C4' DUZ C 14 14.05 -22.29 -13.92
O4' DUZ C 14 13.44 -23.36 -14.99
C5' DUZ C 14 12.97 -21.91 -12.97
O5' DUZ C 14 11.76 -22.28 -13.47
OP1 DUZ C 14 11.24 -24.85 -13.22
OP2 DUZ C 14 11.11 -23.48 -11.15
C2 85Y C 16 13.53 -24.37 -24.38
C20 85Y C 16 13.51 -27.31 -21.27
C24 85Y C 16 12.32 -30.14 -20.52
C30 85Y C 16 9.01 -29.41 -19.06
C33 85Y C 16 8.40 -31.61 -20.65
C4 85Y C 16 12.29 -25.96 -22.99
C5 85Y C 16 13.52 -26.31 -22.35
C23 85Y C 16 13.68 -29.62 -20.50
C25 85Y C 16 11.36 -29.52 -19.78
C26 85Y C 16 10.03 -30.02 -19.82
O4 85Y C 16 11.19 -26.44 -22.75
N3 85Y C 16 12.36 -25.00 -23.99
O2 85Y C 16 13.51 -23.54 -25.26
C6 85Y C 16 14.70 -25.71 -22.70
N1 85Y C 16 14.70 -24.77 -23.69
C1' 85Y C 16 15.92 -24.07 -24.14
O4' 85Y C 16 17.02 -24.82 -23.76
C2' 85Y C 16 16.14 -22.74 -23.43
C3' 85Y C 16 17.60 -22.51 -23.80
O3' 85Y C 16 17.66 -21.86 -25.03
C4' 85Y C 16 18.12 -23.94 -24.06
C5' 85Y C 16 19.33 -24.35 -23.15
O5' 85Y C 16 19.21 -23.82 -21.93
P 85Y C 16 20.64 -24.14 -20.87
OP2 85Y C 16 21.75 -23.35 -21.52
O21 85Y C 16 13.30 -27.00 -20.10
N22 85Y C 16 13.72 -28.64 -21.60
C27 85Y C 16 9.73 -31.12 -20.62
C28 85Y C 16 10.77 -31.73 -21.38
C29 85Y C 16 12.04 -31.24 -21.33
C31 85Y C 16 7.74 -29.89 -19.11
C32 85Y C 16 7.44 -31.00 -19.91
OP1 85Y C 16 20.71 -25.65 -20.88
F AF2 C 19 3.62 -13.15 -30.76
P AF2 C 19 9.04 -11.44 -27.94
N1 AF2 C 19 2.74 -16.80 -27.17
C2 AF2 C 19 2.77 -16.51 -28.50
N3 AF2 C 19 3.72 -15.67 -28.99
C4 AF2 C 19 4.60 -15.15 -28.19
C5 AF2 C 19 4.60 -15.43 -26.86
C6 AF2 C 19 3.63 -16.28 -26.36
N6 AF2 C 19 3.37 -16.76 -25.01
N7 AF2 C 19 5.59 -14.78 -26.27
C8 AF2 C 19 6.25 -14.08 -27.22
N9 AF2 C 19 5.62 -14.32 -28.39
C1' AF2 C 19 5.76 -13.94 -29.82
OP2 AF2 C 19 8.86 -10.98 -26.48
C2' AF2 C 19 4.85 -12.68 -30.21
OP1 AF2 C 19 10.10 -10.58 -28.65
C3' AF2 C 19 5.50 -12.02 -31.13
O3' AF2 C 19 5.21 -12.59 -32.49
C4' AF2 C 19 6.97 -12.26 -30.82
O4' AF2 C 19 7.00 -13.54 -29.97
C5' AF2 C 19 7.56 -11.16 -30.12
O5' AF2 C 19 7.54 -11.37 -28.78
C2 85Y C 20 6.85 -9.21 -39.87
C20 85Y C 20 3.30 -11.52 -39.76
C24 85Y C 20 0.75 -13.25 -41.60
C30 85Y C 20 1.76 -15.08 -44.61
C33 85Y C 20 -0.97 -15.63 -44.56
C4 85Y C 20 4.66 -9.73 -40.89
C5 85Y C 20 4.48 -10.71 -39.87
C23 85Y C 20 1.27 -12.42 -40.50
C25 85Y C 20 1.56 -13.75 -42.57
C26 85Y C 20 0.98 -14.55 -43.57
O4 85Y C 20 3.86 -9.47 -41.79
N3 85Y C 20 5.86 -9.02 -40.85
O2 85Y C 20 7.87 -8.57 -39.88
C6 85Y C 20 5.42 -10.91 -38.91
N1 85Y C 20 6.55 -10.20 -38.91
C1' 85Y C 20 7.58 -10.43 -37.88
O4' 85Y C 20 7.36 -11.76 -37.44
C2' 85Y C 20 7.39 -9.52 -36.68
C3' 85Y C 20 7.92 -10.41 -35.56
O3' 85Y C 20 9.31 -10.35 -35.52
C4' 85Y C 20 7.58 -11.85 -36.03
C5' 85Y C 20 6.28 -12.49 -35.37
O5' 85Y C 20 5.51 -11.48 -34.96
P 85Y C 20 4.38 -11.72 -33.57
OP2 85Y C 20 3.23 -12.49 -34.18
O21 85Y C 20 3.10 -12.19 -38.74
N22 85Y C 20 2.40 -11.57 -40.79
C27 85Y C 20 -0.39 -14.83 -43.55
C28 85Y C 20 -1.19 -14.30 -42.53
C29 85Y C 20 -0.62 -13.54 -41.58
C31 85Y C 20 1.19 -15.85 -45.57
C32 85Y C 20 -0.19 -16.13 -45.54
OP1 85Y C 20 4.20 -10.31 -33.09
N1 OMC C 21 9.29 -16.04 -32.50
C2 OMC C 21 8.75 -16.69 -31.35
N3 OMC C 21 7.41 -17.06 -31.33
C4 OMC C 21 6.71 -16.78 -32.43
C5 OMC C 21 7.20 -16.14 -33.60
C6 OMC C 21 8.52 -15.78 -33.58
O2 OMC C 21 9.49 -16.89 -30.41
N4 OMC C 21 5.40 -17.16 -32.39
C1' OMC C 21 10.72 -15.66 -32.45
C2' OMC C 21 11.45 -15.90 -33.78
O2' OMC C 21 12.64 -16.61 -33.50
CM2 OMC C 21 12.33 -17.97 -33.30
C3' OMC C 21 11.79 -14.48 -34.24
C4' OMC C 21 11.84 -13.69 -32.94
O4' OMC C 21 10.80 -14.29 -32.15
O3' OMC C 21 13.00 -14.39 -34.96
C5' OMC C 21 11.64 -12.21 -33.04
O5' OMC C 21 10.67 -11.86 -34.04
P OMC C 21 10.09 -10.38 -34.12
OP1 OMC C 21 9.07 -10.21 -33.00
OP2 OMC C 21 11.27 -9.45 -34.21
P CFZ C 22 13.01 -14.51 -36.56
N1 CFZ C 22 9.54 -18.87 -37.66
C2 CFZ C 22 8.48 -19.85 -37.96
O2 CFZ C 22 8.78 -20.90 -38.41
N3 CFZ C 22 7.05 -19.52 -37.72
C4 CFZ C 22 6.70 -18.24 -37.17
N4 CFZ C 22 5.31 -17.91 -36.93
C5 CFZ C 22 7.76 -17.25 -36.86
C6 CFZ C 22 9.19 -17.57 -37.10
C1' CFZ C 22 10.96 -19.21 -37.91
O1P CFZ C 22 11.68 -14.08 -37.12
C2' CFZ C 22 11.20 -19.16 -39.18
F2' CFZ C 22 11.75 -20.38 -39.58
O2P CFZ C 22 14.13 -13.68 -37.13
C3' CFZ C 22 12.30 -17.91 -39.43
O3' CFZ C 22 13.15 -18.24 -40.57
C4' CFZ C 22 12.98 -17.89 -38.39
O4' CFZ C 22 11.88 -18.19 -37.24
C5' CFZ C 22 13.57 -16.49 -38.15
O5' CFZ C 22 13.27 -16.11 -36.85
P DUZ C 24 8.93 -17.71 -47.68
N1 DUZ C 24 4.11 -17.54 -45.45
C2 DUZ C 24 3.47 -18.09 -44.21
O2 DUZ C 24 2.80 -19.09 -44.26
N3 DUZ C 24 3.64 -17.39 -42.90
C4 DUZ C 24 4.45 -16.18 -42.82
O4 DUZ C 24 4.60 -15.59 -41.74
C5 DUZ C 24 5.11 -15.64 -44.07
C6 DUZ C 24 4.92 -16.34 -45.38
C1' DUZ C 24 3.92 -18.27 -46.71
C2' DUZ C 24 4.09 -17.30 -47.96
C21 DUZ C 24 5.95 -14.32 -43.95
O22 DUZ C 24 6.84 -14.08 -44.71
N23 DUZ C 24 5.63 -13.39 -42.91
C24 DUZ C 24 6.44 -12.11 -42.77
C25 DUZ C 24 7.73 -12.45 -42.09
C26 DUZ C 24 7.75 -13.37 -41.08
C27 DUZ C 24 8.94 -13.68 -40.45
C28 DUZ C 24 10.11 -13.07 -40.86
C29 DUZ C 24 10.10 -12.15 -41.89
C3' DUZ C 24 4.71 -18.18 -49.00
O3' DUZ C 24 3.64 -18.72 -49.86
C30 DUZ C 24 8.90 -11.83 -42.51
C4' DUZ C 24 5.32 -19.19 -48.36
O4' DUZ C 24 4.86 -19.13 -46.80
C5' DUZ C 24 6.80 -19.07 -48.46
O5' DUZ C 24 7.26 -18.10 -47.63
OP1 DUZ C 24 9.50 -18.02 -49.01
OP2 DUZ C 24 9.18 -16.25 -47.28
N PRO D 4 43.89 -41.69 -29.00
CA PRO D 4 42.62 -41.28 -29.63
C PRO D 4 42.75 -39.98 -30.41
N GLY D 5 41.97 -38.98 -30.03
CA GLY D 5 42.05 -37.65 -30.60
C GLY D 5 42.55 -36.64 -29.58
N GLU D 6 41.97 -35.45 -29.63
CA GLU D 6 42.24 -34.42 -28.64
C GLU D 6 40.94 -33.96 -27.99
N VAL D 7 41.07 -33.40 -26.78
CA VAL D 7 39.91 -32.92 -26.06
C VAL D 7 39.42 -31.61 -26.65
N CYS D 8 38.12 -31.36 -26.54
CA CYS D 8 37.50 -30.20 -27.13
C CYS D 8 36.29 -29.82 -26.28
N PRO D 9 35.98 -28.54 -26.13
CA PRO D 9 34.90 -28.14 -25.23
C PRO D 9 33.52 -28.42 -25.82
N GLY D 10 32.50 -28.14 -25.02
CA GLY D 10 31.17 -28.60 -25.32
C GLY D 10 30.47 -27.71 -26.33
N MET D 11 29.74 -28.33 -27.25
CA MET D 11 28.99 -27.63 -28.27
C MET D 11 27.65 -27.18 -27.71
N ASP D 12 26.95 -26.36 -28.49
CA ASP D 12 25.52 -26.08 -28.32
C ASP D 12 24.97 -25.66 -29.66
N ILE D 13 24.43 -26.59 -30.44
CA ILE D 13 24.07 -26.32 -31.82
C ILE D 13 22.56 -26.22 -31.96
N ARG D 14 22.10 -25.33 -32.85
CA ARG D 14 20.68 -25.11 -33.10
C ARG D 14 20.45 -24.63 -34.53
N ASN D 15 19.45 -25.22 -35.19
CA ASN D 15 18.79 -24.82 -36.44
C ASN D 15 19.62 -24.98 -37.71
N ASN D 16 20.92 -25.23 -37.62
CA ASN D 16 21.74 -25.53 -38.79
C ASN D 16 22.42 -26.85 -38.55
N LEU D 17 23.03 -27.37 -39.60
CA LEU D 17 23.80 -28.61 -39.52
C LEU D 17 25.28 -28.36 -39.76
N THR D 18 25.65 -27.13 -40.12
CA THR D 18 27.04 -26.86 -40.50
C THR D 18 27.95 -26.81 -39.28
N ARG D 19 27.40 -26.78 -38.07
CA ARG D 19 28.21 -26.70 -36.86
C ARG D 19 28.75 -28.07 -36.42
N LEU D 20 28.33 -29.16 -37.05
CA LEU D 20 28.84 -30.46 -36.63
C LEU D 20 30.18 -30.80 -37.27
N HIS D 21 30.70 -29.94 -38.14
CA HIS D 21 32.03 -30.15 -38.69
C HIS D 21 33.13 -29.97 -37.65
N GLU D 22 32.84 -29.30 -36.53
CA GLU D 22 33.85 -29.08 -35.50
C GLU D 22 34.13 -30.33 -34.66
N LEU D 23 33.39 -31.42 -34.88
CA LEU D 23 33.73 -32.72 -34.32
C LEU D 23 34.50 -33.60 -35.30
N GLU D 24 35.30 -32.99 -36.18
CA GLU D 24 36.12 -33.75 -37.11
C GLU D 24 37.21 -34.56 -36.41
N ASN D 25 37.68 -34.10 -35.24
CA ASN D 25 38.77 -34.77 -34.55
C ASN D 25 38.55 -34.95 -33.06
N CYS D 26 37.35 -34.63 -32.54
CA CYS D 26 37.11 -34.78 -31.11
C CYS D 26 36.96 -36.25 -30.76
N SER D 27 37.43 -36.61 -29.58
CA SER D 27 37.30 -37.98 -29.08
C SER D 27 36.65 -38.05 -27.71
N VAL D 28 36.97 -37.12 -26.81
CA VAL D 28 36.37 -37.07 -25.50
C VAL D 28 35.91 -35.64 -25.22
N ILE D 29 34.66 -35.35 -25.54
CA ILE D 29 34.15 -33.99 -25.49
C ILE D 29 33.78 -33.68 -24.05
N GLU D 30 34.67 -33.00 -23.34
CA GLU D 30 34.41 -32.59 -21.96
C GLU D 30 33.58 -31.30 -21.99
N GLY D 31 32.50 -31.30 -21.24
CA GLY D 31 31.44 -30.35 -21.45
C GLY D 31 30.20 -31.11 -21.80
N HIS D 32 29.17 -30.40 -22.24
CA HIS D 32 27.92 -31.06 -22.56
C HIS D 32 27.55 -30.83 -24.01
N LEU D 33 27.12 -31.91 -24.67
CA LEU D 33 26.68 -31.85 -26.04
C LEU D 33 25.17 -31.92 -26.06
N GLN D 34 24.53 -30.92 -26.64
CA GLN D 34 23.07 -30.89 -26.72
C GLN D 34 22.67 -30.43 -28.10
N ILE D 35 21.99 -31.29 -28.84
CA ILE D 35 21.56 -30.99 -30.20
C ILE D 35 20.05 -30.77 -30.16
N LEU D 36 19.60 -29.58 -30.56
CA LEU D 36 18.20 -29.26 -30.32
C LEU D 36 17.67 -28.31 -31.37
N LEU D 37 16.36 -28.46 -31.64
CA LEU D 37 15.55 -27.56 -32.46
C LEU D 37 16.09 -27.45 -33.89
N MET D 38 16.01 -28.55 -34.63
CA MET D 38 16.33 -28.57 -36.05
C MET D 38 15.08 -28.99 -36.80
N PHE D 39 14.49 -28.08 -37.57
CA PHE D 39 13.18 -28.29 -38.14
C PHE D 39 13.19 -28.69 -39.60
N LYS D 40 13.96 -27.97 -40.43
CA LYS D 40 13.99 -28.22 -41.87
C LYS D 40 15.03 -29.24 -42.29
N THR D 41 15.02 -30.40 -41.66
CA THR D 41 15.98 -31.46 -41.97
C THR D 41 15.24 -32.73 -42.35
N ARG D 42 15.37 -33.12 -43.60
CA ARG D 42 14.78 -34.37 -44.08
C ARG D 42 15.69 -35.54 -43.72
N PRO D 43 15.17 -36.78 -43.72
CA PRO D 43 16.02 -37.93 -43.38
C PRO D 43 17.17 -38.19 -44.34
N GLU D 44 17.10 -37.69 -45.57
CA GLU D 44 18.19 -37.85 -46.53
C GLU D 44 19.36 -36.90 -46.25
N ASP D 45 19.28 -36.09 -45.20
CA ASP D 45 20.38 -35.25 -44.75
C ASP D 45 21.23 -35.92 -43.69
N PHE D 46 20.77 -37.05 -43.14
CA PHE D 46 21.44 -37.71 -42.03
C PHE D 46 22.08 -39.03 -42.42
N ARG D 47 22.32 -39.27 -43.71
CA ARG D 47 22.90 -40.55 -44.11
C ARG D 47 24.42 -40.55 -44.12
N ASP D 48 25.04 -39.45 -44.52
CA ASP D 48 26.49 -39.38 -44.66
C ASP D 48 27.19 -38.78 -43.45
N LEU D 49 26.51 -38.71 -42.32
CA LEU D 49 27.02 -38.02 -41.14
C LEU D 49 27.36 -39.07 -40.07
N SER D 50 28.62 -39.09 -39.63
CA SER D 50 29.06 -40.09 -38.66
C SER D 50 30.28 -39.58 -37.91
N PHE D 51 30.28 -39.79 -36.59
CA PHE D 51 31.42 -39.47 -35.72
C PHE D 51 31.88 -40.74 -35.04
N PRO D 52 32.54 -41.66 -35.76
CA PRO D 52 32.77 -42.99 -35.20
C PRO D 52 33.92 -43.07 -34.21
N LYS D 53 34.46 -41.95 -33.72
CA LYS D 53 35.52 -41.99 -32.73
C LYS D 53 35.21 -41.17 -31.48
N LEU D 54 33.97 -40.78 -31.27
CA LEU D 54 33.57 -40.12 -30.03
C LEU D 54 33.32 -41.21 -28.99
N ILE D 55 34.08 -41.16 -27.89
CA ILE D 55 34.18 -42.35 -27.05
C ILE D 55 33.71 -42.12 -25.61
N MET D 56 34.05 -40.99 -24.99
CA MET D 56 33.59 -40.73 -23.64
C MET D 56 33.31 -39.25 -23.42
N ILE D 57 32.04 -38.92 -23.23
CA ILE D 57 31.59 -37.56 -22.96
C ILE D 57 31.31 -37.45 -21.47
N THR D 58 31.59 -36.29 -20.87
CA THR D 58 31.56 -36.22 -19.42
C THR D 58 30.26 -35.71 -18.83
N ASP D 59 29.59 -34.72 -19.43
CA ASP D 59 28.51 -34.11 -18.66
C ASP D 59 27.15 -34.74 -18.91
N TYR D 60 26.59 -34.60 -20.11
CA TYR D 60 25.35 -35.29 -20.46
C TYR D 60 25.17 -35.28 -21.96
N LEU D 61 23.97 -35.62 -22.37
CA LEU D 61 23.56 -35.65 -23.76
C LEU D 61 22.13 -35.17 -23.80
N LEU D 62 21.71 -34.54 -24.89
CA LEU D 62 20.35 -34.01 -24.97
C LEU D 62 19.94 -33.96 -26.42
N LEU D 63 18.79 -34.53 -26.73
CA LEU D 63 18.25 -34.55 -28.08
C LEU D 63 16.80 -34.10 -28.02
N PHE D 64 16.57 -32.82 -28.30
CA PHE D 64 15.31 -32.15 -28.00
C PHE D 64 14.74 -31.62 -29.33
N ARG D 65 13.78 -32.35 -29.90
CA ARG D 65 13.06 -31.97 -31.12
C ARG D 65 13.99 -31.77 -32.32
N VAL D 66 14.72 -32.82 -32.65
CA VAL D 66 15.29 -32.94 -33.98
C VAL D 66 14.26 -33.67 -34.82
N TYR D 67 14.22 -33.36 -36.10
CA TYR D 67 13.29 -34.01 -37.01
C TYR D 67 14.03 -34.78 -38.08
N GLY D 68 13.64 -36.04 -38.24
CA GLY D 68 14.21 -36.88 -39.25
C GLY D 68 15.43 -37.66 -38.84
N LEU D 69 15.83 -37.59 -37.58
CA LEU D 69 16.91 -38.45 -37.09
C LEU D 69 16.39 -39.88 -37.05
N GLU D 70 16.82 -40.68 -38.02
CA GLU D 70 16.20 -41.99 -38.22
C GLU D 70 16.64 -42.99 -37.16
N SER D 71 17.93 -43.01 -36.83
CA SER D 71 18.46 -43.83 -35.76
C SER D 71 19.73 -43.17 -35.27
N LEU D 72 20.08 -43.43 -34.02
CA LEU D 72 21.35 -42.92 -33.52
C LEU D 72 22.51 -43.85 -33.79
N LYS D 73 22.30 -44.99 -34.46
CA LYS D 73 23.37 -45.96 -34.61
C LYS D 73 24.39 -45.55 -35.65
N ASP D 74 24.16 -44.46 -36.37
CA ASP D 74 25.16 -43.95 -37.29
C ASP D 74 25.75 -42.60 -36.91
N LEU D 75 25.22 -41.92 -35.88
CA LEU D 75 25.86 -40.70 -35.41
C LEU D 75 26.91 -40.97 -34.34
N PHE D 76 26.54 -41.68 -33.27
CA PHE D 76 27.42 -41.94 -32.13
C PHE D 76 27.62 -43.43 -31.94
N PRO D 77 28.27 -44.12 -32.88
CA PRO D 77 28.26 -45.58 -32.84
C PRO D 77 29.28 -46.16 -31.89
N ASN D 78 30.00 -45.35 -31.13
CA ASN D 78 31.08 -45.86 -30.30
C ASN D 78 31.15 -45.13 -28.96
N LEU D 79 30.02 -44.62 -28.46
CA LEU D 79 29.92 -44.15 -27.08
C LEU D 79 30.08 -45.32 -26.14
N THR D 80 30.93 -45.20 -25.13
CA THR D 80 31.10 -46.26 -24.14
C THR D 80 30.72 -45.82 -22.73
N VAL D 81 31.13 -44.63 -22.30
CA VAL D 81 30.93 -44.15 -20.93
C VAL D 81 30.46 -42.71 -21.02
N ILE D 82 29.38 -42.38 -20.31
CA ILE D 82 29.10 -40.99 -20.00
C ILE D 82 29.23 -40.82 -18.48
N ARG D 83 29.81 -39.71 -18.06
CA ARG D 83 30.22 -39.58 -16.66
C ARG D 83 29.16 -38.92 -15.80
N GLY D 84 28.66 -37.77 -16.22
CA GLY D 84 27.67 -37.07 -15.44
C GLY D 84 28.19 -36.33 -14.23
N SER D 85 28.98 -35.28 -14.46
CA SER D 85 29.35 -34.39 -13.37
C SER D 85 28.32 -33.27 -13.21
N ARG D 86 27.95 -32.64 -14.32
CA ARG D 86 26.88 -31.64 -14.35
C ARG D 86 25.68 -32.23 -15.06
N LEU D 87 24.49 -32.08 -14.48
CA LEU D 87 23.30 -32.73 -15.02
C LEU D 87 22.18 -31.76 -15.35
N PHE D 88 21.23 -32.26 -16.16
CA PHE D 88 20.10 -31.51 -16.68
C PHE D 88 18.82 -32.07 -16.04
N PHE D 89 18.24 -31.31 -15.11
CA PHE D 89 17.11 -31.74 -14.26
C PHE D 89 17.42 -33.01 -13.47
N ASN D 90 18.69 -33.21 -13.13
CA ASN D 90 19.24 -34.48 -12.63
C ASN D 90 18.88 -35.63 -13.58
N TYR D 91 19.21 -35.45 -14.85
CA TYR D 91 19.11 -36.51 -15.84
C TYR D 91 20.34 -36.45 -16.73
N ALA D 92 20.86 -37.62 -17.08
CA ALA D 92 22.13 -37.68 -17.79
C ALA D 92 21.97 -37.98 -19.27
N LEU D 93 20.82 -38.50 -19.67
CA LEU D 93 20.54 -38.75 -21.08
C LEU D 93 19.07 -38.46 -21.32
N VAL D 94 18.78 -37.46 -22.14
CA VAL D 94 17.42 -36.95 -22.31
C VAL D 94 17.00 -37.12 -23.77
N ILE D 95 16.10 -38.05 -24.03
CA ILE D 95 15.49 -38.21 -25.35
C ILE D 95 14.05 -37.75 -25.25
N PHE D 96 13.75 -36.56 -25.74
CA PHE D 96 12.42 -36.00 -25.57
C PHE D 96 11.91 -35.50 -26.91
N GLU D 97 10.79 -36.09 -27.37
CA GLU D 97 9.96 -35.58 -28.45
C GLU D 97 10.75 -35.47 -29.77
N MET D 98 11.15 -36.63 -30.26
CA MET D 98 11.59 -36.76 -31.64
C MET D 98 10.51 -37.50 -32.40
N VAL D 99 10.53 -37.36 -33.71
CA VAL D 99 9.71 -38.21 -34.56
C VAL D 99 10.66 -38.86 -35.55
N HIS D 100 10.17 -39.91 -36.24
CA HIS D 100 10.94 -40.75 -37.17
C HIS D 100 12.09 -41.48 -36.47
N LEU D 101 12.01 -41.65 -35.16
CA LEU D 101 13.05 -42.33 -34.39
C LEU D 101 12.60 -43.77 -34.18
N LYS D 102 13.17 -44.69 -34.96
CA LYS D 102 12.72 -46.07 -34.88
C LYS D 102 13.43 -46.86 -33.80
N GLU D 103 14.75 -46.92 -33.85
CA GLU D 103 15.54 -47.67 -32.89
C GLU D 103 16.47 -46.72 -32.15
N LEU D 104 16.68 -46.98 -30.86
CA LEU D 104 17.59 -46.17 -30.08
C LEU D 104 19.02 -46.39 -30.57
N GLY D 105 19.49 -47.63 -30.50
CA GLY D 105 20.66 -48.05 -31.26
C GLY D 105 22.01 -47.54 -30.79
N LEU D 106 22.11 -47.06 -29.55
CA LEU D 106 23.42 -46.74 -28.97
C LEU D 106 24.02 -48.00 -28.36
N TYR D 107 24.44 -48.90 -29.25
CA TYR D 107 24.67 -50.29 -28.89
C TYR D 107 25.95 -50.55 -28.11
N ASN D 108 26.68 -49.53 -27.69
CA ASN D 108 28.00 -49.78 -27.14
C ASN D 108 28.24 -49.13 -25.79
N LEU D 109 27.29 -48.38 -25.23
CA LEU D 109 27.54 -47.74 -23.94
C LEU D 109 27.41 -48.75 -22.81
N MET D 110 28.33 -48.69 -21.86
CA MET D 110 28.50 -49.75 -20.86
C MET D 110 28.18 -49.30 -19.44
N ASN D 111 28.63 -48.13 -19.02
CA ASN D 111 28.41 -47.73 -17.63
C ASN D 111 28.24 -46.23 -17.58
N ILE D 112 26.99 -45.77 -17.62
CA ILE D 112 26.68 -44.41 -17.23
C ILE D 112 26.83 -44.30 -15.71
N THR D 113 27.68 -43.36 -15.28
CA THR D 113 28.13 -43.38 -13.89
C THR D 113 27.08 -42.83 -12.93
N ARG D 114 26.56 -41.63 -13.20
CA ARG D 114 25.70 -40.98 -12.22
C ARG D 114 24.56 -40.28 -12.95
N GLY D 115 23.34 -40.59 -12.55
CA GLY D 115 22.16 -39.94 -13.09
C GLY D 115 21.06 -40.94 -13.37
N SER D 116 20.10 -40.49 -14.17
CA SER D 116 19.00 -41.33 -14.60
C SER D 116 18.60 -40.92 -16.01
N VAL D 117 18.19 -41.90 -16.81
CA VAL D 117 17.86 -41.66 -18.20
C VAL D 117 16.38 -41.35 -18.32
N ARG D 118 16.03 -40.36 -19.14
CA ARG D 118 14.66 -39.88 -19.27
C ARG D 118 14.25 -39.91 -20.74
N ILE D 119 13.43 -40.90 -21.12
CA ILE D 119 13.03 -41.11 -22.51
C ILE D 119 11.52 -40.88 -22.61
N GLU D 120 11.13 -39.89 -23.40
CA GLU D 120 9.74 -39.46 -23.46
C GLU D 120 9.24 -39.43 -24.90
N LYS D 121 7.92 -39.61 -25.03
CA LYS D 121 7.02 -39.01 -26.02
C LYS D 121 7.59 -38.93 -27.44
N ASN D 122 8.19 -40.01 -27.90
CA ASN D 122 8.72 -40.08 -29.26
C ASN D 122 8.03 -41.21 -30.00
N ASN D 123 7.00 -40.86 -30.78
CA ASN D 123 5.87 -41.72 -31.06
C ASN D 123 6.15 -42.87 -32.02
N GLU D 124 7.39 -43.08 -32.46
CA GLU D 124 7.67 -44.24 -33.30
C GLU D 124 8.80 -45.10 -32.73
N LEU D 125 9.03 -45.05 -31.42
CA LEU D 125 10.18 -45.72 -30.81
C LEU D 125 9.76 -47.03 -30.14
N CYS D 126 10.22 -48.14 -30.69
CA CYS D 126 10.35 -49.38 -29.92
C CYS D 126 11.81 -49.79 -29.88
N TYR D 127 12.04 -51.05 -29.49
CA TYR D 127 13.29 -51.53 -28.89
C TYR D 127 13.62 -50.73 -27.63
N LEU D 128 12.58 -50.46 -26.83
CA LEU D 128 12.74 -49.88 -25.50
C LEU D 128 12.47 -50.90 -24.41
N ALA D 129 11.73 -51.95 -24.73
CA ALA D 129 11.40 -52.99 -23.76
C ALA D 129 12.50 -54.01 -23.59
N THR D 130 13.39 -54.14 -24.57
CA THR D 130 14.47 -55.12 -24.50
C THR D 130 15.78 -54.51 -24.08
N ILE D 131 15.76 -53.44 -23.29
CA ILE D 131 16.97 -52.77 -22.84
C ILE D 131 17.04 -52.89 -21.32
N ASP D 132 18.00 -53.67 -20.84
CA ASP D 132 18.07 -53.98 -19.42
C ASP D 132 18.87 -52.89 -18.72
N TRP D 133 18.17 -51.93 -18.14
CA TRP D 133 18.83 -50.85 -17.42
C TRP D 133 19.24 -51.25 -16.01
N SER D 134 19.20 -52.53 -15.66
CA SER D 134 19.66 -52.94 -14.34
C SER D 134 21.18 -52.98 -14.28
N ARG D 135 21.85 -53.30 -15.38
CA ARG D 135 23.29 -53.44 -15.38
C ARG D 135 24.01 -52.35 -16.15
N ILE D 136 23.31 -51.28 -16.52
CA ILE D 136 23.96 -50.16 -17.21
C ILE D 136 24.15 -48.99 -16.25
N LEU D 137 23.07 -48.44 -15.70
CA LEU D 137 23.21 -47.40 -14.69
C LEU D 137 23.10 -48.01 -13.31
N ASP D 138 23.90 -47.51 -12.38
CA ASP D 138 23.99 -48.16 -11.07
C ASP D 138 22.81 -47.79 -10.17
N SER D 139 22.21 -46.62 -10.38
CA SER D 139 21.08 -46.15 -9.57
C SER D 139 19.79 -46.14 -10.40
N VAL D 140 19.08 -47.27 -10.35
CA VAL D 140 18.08 -47.59 -11.36
C VAL D 140 16.71 -46.97 -11.14
N GLU D 141 16.42 -46.46 -9.93
CA GLU D 141 15.02 -46.26 -9.57
C GLU D 141 14.45 -44.89 -9.94
N ASP D 142 15.19 -44.05 -10.68
CA ASP D 142 14.70 -42.71 -10.98
C ASP D 142 14.52 -42.46 -12.48
N ASN D 143 14.61 -43.49 -13.32
CA ASN D 143 14.37 -43.30 -14.74
C ASN D 143 12.88 -43.15 -15.00
N HIS D 144 12.54 -42.60 -16.17
CA HIS D 144 11.19 -42.11 -16.45
C HIS D 144 10.90 -42.41 -17.92
N ILE D 145 10.29 -43.57 -18.20
CA ILE D 145 10.07 -44.03 -19.57
C ILE D 145 8.55 -44.21 -19.75
N VAL D 146 7.87 -43.16 -20.18
CA VAL D 146 6.41 -43.17 -20.34
C VAL D 146 6.03 -42.56 -21.68
N LEU D 147 4.79 -42.85 -22.12
CA LEU D 147 4.13 -42.25 -23.29
C LEU D 147 4.90 -42.46 -24.60
N ASN D 148 5.35 -43.67 -24.83
CA ASN D 148 6.13 -44.01 -26.01
C ASN D 148 5.23 -44.66 -27.04
N LYS D 149 5.85 -45.24 -28.06
CA LYS D 149 5.11 -46.10 -28.98
C LYS D 149 4.62 -47.36 -28.28
N ASP D 150 5.38 -47.85 -27.30
CA ASP D 150 5.13 -49.16 -26.70
C ASP D 150 4.17 -49.12 -25.52
N ASP D 151 3.29 -48.13 -25.44
CA ASP D 151 2.10 -48.30 -24.61
C ASP D 151 1.14 -49.30 -25.23
N ASN D 152 0.93 -49.20 -26.54
CA ASN D 152 0.20 -50.20 -27.31
C ASN D 152 1.19 -50.97 -28.18
N GLU D 153 1.45 -52.23 -27.82
CA GLU D 153 2.51 -53.02 -28.42
C GLU D 153 2.08 -53.48 -29.81
N GLU D 154 2.70 -52.90 -30.84
CA GLU D 154 2.37 -53.22 -32.22
C GLU D 154 3.55 -53.67 -33.07
N CYS D 155 4.76 -53.18 -32.80
CA CYS D 155 5.92 -53.41 -33.66
C CYS D 155 6.66 -54.67 -33.25
N GLY D 156 6.98 -55.51 -34.24
CA GLY D 156 7.54 -56.83 -33.98
C GLY D 156 9.03 -56.84 -33.72
N ASP D 157 9.42 -56.43 -32.51
CA ASP D 157 10.83 -56.29 -32.16
C ASP D 157 11.54 -57.63 -31.94
N ILE D 158 11.68 -58.40 -33.02
CA ILE D 158 12.43 -59.66 -32.98
C ILE D 158 13.91 -59.35 -33.21
N CYS D 159 14.76 -59.90 -32.35
CA CYS D 159 16.19 -59.71 -32.49
C CYS D 159 16.91 -61.04 -32.40
N PRO D 160 18.10 -61.19 -32.99
CA PRO D 160 18.87 -62.41 -32.85
C PRO D 160 19.47 -62.58 -31.45
N ASN D 168 20.70 -66.65 -30.20
CA ASN D 168 22.10 -66.40 -30.52
C ASN D 168 22.67 -65.28 -29.67
N CYS D 169 21.79 -64.63 -28.89
CA CYS D 169 22.18 -63.53 -28.03
C CYS D 169 21.71 -63.80 -26.61
N PRO D 170 22.48 -63.44 -25.60
CA PRO D 170 22.18 -63.87 -24.23
C PRO D 170 21.04 -63.08 -23.59
N ALA D 171 20.46 -63.68 -22.56
CA ALA D 171 19.29 -63.15 -21.90
C ALA D 171 19.46 -63.22 -20.39
N THR D 172 18.65 -62.44 -19.67
CA THR D 172 18.60 -62.45 -18.22
C THR D 172 17.15 -62.26 -17.80
N VAL D 173 16.92 -62.16 -16.49
CA VAL D 173 15.59 -61.91 -15.95
C VAL D 173 15.63 -60.58 -15.20
N ILE D 174 14.50 -59.87 -15.21
CA ILE D 174 14.43 -58.58 -14.53
C ILE D 174 13.29 -58.53 -13.51
N ASN D 175 12.09 -58.98 -13.89
CA ASN D 175 10.94 -58.89 -13.00
C ASN D 175 10.06 -60.12 -13.10
N GLY D 176 10.64 -61.28 -13.39
CA GLY D 176 9.91 -62.51 -13.55
C GLY D 176 9.76 -63.00 -14.97
N GLN D 177 10.07 -62.16 -15.96
CA GLN D 177 9.93 -62.53 -17.36
C GLN D 177 11.31 -62.79 -17.97
N PHE D 178 11.43 -63.90 -18.69
CA PHE D 178 12.71 -64.34 -19.25
C PHE D 178 12.83 -63.89 -20.71
N VAL D 179 12.84 -62.57 -20.90
CA VAL D 179 12.92 -62.00 -22.25
C VAL D 179 14.38 -61.93 -22.67
N GLU D 180 14.60 -61.87 -23.99
CA GLU D 180 15.95 -61.73 -24.54
C GLU D 180 16.34 -60.25 -24.56
N ARG D 181 17.64 -60.00 -24.68
CA ARG D 181 18.19 -58.64 -24.55
C ARG D 181 18.86 -58.24 -25.87
N CYS D 182 18.43 -57.10 -26.43
CA CYS D 182 18.94 -56.60 -27.70
C CYS D 182 18.71 -55.10 -27.86
N TRP D 183 19.69 -54.43 -28.47
CA TRP D 183 19.57 -53.01 -28.78
C TRP D 183 18.78 -52.78 -30.07
N THR D 184 19.25 -53.36 -31.17
CA THR D 184 18.64 -53.25 -32.49
C THR D 184 18.25 -54.62 -33.01
N HIS D 185 17.85 -54.67 -34.29
CA HIS D 185 17.57 -55.96 -34.93
C HIS D 185 18.83 -56.63 -35.44
N SER D 186 20.00 -56.02 -35.24
CA SER D 186 21.25 -56.68 -35.64
C SER D 186 22.39 -56.49 -34.63
N HIS D 187 22.13 -55.91 -33.46
CA HIS D 187 23.11 -55.85 -32.39
C HIS D 187 22.39 -56.10 -31.06
N CYS D 188 23.00 -56.92 -30.21
CA CYS D 188 22.37 -57.25 -28.94
C CYS D 188 23.25 -56.78 -27.78
N GLN D 189 22.63 -56.66 -26.61
CA GLN D 189 23.25 -56.02 -25.46
C GLN D 189 24.36 -56.90 -24.90
N LYS D 190 25.57 -56.34 -24.83
CA LYS D 190 26.71 -57.10 -24.36
C LYS D 190 26.66 -57.21 -22.85
N VAL D 191 26.69 -58.44 -22.35
CA VAL D 191 26.69 -58.68 -20.91
C VAL D 191 27.99 -59.39 -20.54
N CYS D 192 28.44 -59.12 -19.33
CA CYS D 192 29.60 -59.75 -18.71
C CYS D 192 29.16 -60.49 -17.45
N PRO D 193 29.60 -61.73 -17.26
CA PRO D 193 29.19 -62.49 -16.07
C PRO D 193 29.73 -61.87 -14.78
N THR D 194 28.97 -62.07 -13.70
CA THR D 194 29.06 -61.38 -12.42
C THR D 194 30.33 -61.65 -11.64
N ILE D 195 31.34 -62.39 -12.11
CA ILE D 195 32.55 -62.55 -11.32
C ILE D 195 33.48 -61.34 -11.47
N CYS D 196 33.29 -60.53 -12.50
CA CYS D 196 34.16 -59.41 -12.82
C CYS D 196 33.32 -58.15 -13.13
N LYS D 197 32.49 -57.78 -12.15
CA LYS D 197 31.34 -56.86 -12.22
C LYS D 197 31.39 -55.66 -13.16
N SER D 198 32.31 -54.72 -12.94
CA SER D 198 32.25 -53.43 -13.61
C SER D 198 33.37 -53.20 -14.60
N HIS D 199 34.42 -54.01 -14.59
CA HIS D 199 35.54 -53.80 -15.51
C HIS D 199 35.15 -54.20 -16.94
N GLY D 200 34.11 -55.00 -17.10
CA GLY D 200 33.66 -55.36 -18.43
C GLY D 200 34.43 -56.52 -19.02
N CYS D 201 33.75 -57.35 -19.80
CA CYS D 201 34.37 -58.54 -20.36
C CYS D 201 34.89 -58.31 -21.77
N THR D 202 35.75 -59.23 -22.22
CA THR D 202 36.22 -59.29 -23.60
C THR D 202 35.22 -60.08 -24.43
N ALA D 203 35.64 -60.49 -25.63
CA ALA D 203 34.72 -61.14 -26.57
C ALA D 203 34.34 -62.54 -26.13
N GLU D 204 35.27 -63.29 -25.53
CA GLU D 204 35.00 -64.68 -25.17
C GLU D 204 34.61 -64.86 -23.70
N GLY D 205 34.82 -63.85 -22.86
CA GLY D 205 34.32 -63.89 -21.49
C GLY D 205 35.36 -63.78 -20.40
N LEU D 206 36.62 -63.52 -20.73
CA LEU D 206 37.58 -63.15 -19.70
C LEU D 206 37.34 -61.71 -19.26
N CYS D 207 37.68 -61.41 -18.01
CA CYS D 207 37.52 -60.04 -17.56
C CYS D 207 38.81 -59.24 -17.69
N CYS D 208 38.66 -57.93 -17.75
CA CYS D 208 39.71 -57.00 -18.12
C CYS D 208 40.55 -56.67 -16.89
N HIS D 209 41.36 -55.63 -16.98
CA HIS D 209 42.15 -55.17 -15.84
C HIS D 209 41.24 -54.57 -14.77
N SER D 210 41.81 -54.36 -13.58
CA SER D 210 41.01 -53.95 -12.42
C SER D 210 40.78 -52.44 -12.38
N GLU D 211 41.05 -51.72 -13.46
CA GLU D 211 40.92 -50.26 -13.49
C GLU D 211 40.00 -49.75 -14.59
N CYS D 212 39.66 -50.57 -15.58
CA CYS D 212 39.06 -50.06 -16.80
C CYS D 212 37.53 -50.08 -16.69
N LEU D 213 36.87 -49.32 -17.58
CA LEU D 213 35.43 -49.31 -17.72
C LEU D 213 35.06 -49.77 -19.11
N GLY D 214 34.15 -50.72 -19.19
CA GLY D 214 33.65 -51.14 -20.49
C GLY D 214 34.65 -52.01 -21.22
N ASN D 215 34.81 -51.73 -22.51
CA ASN D 215 35.60 -52.59 -23.39
C ASN D 215 37.09 -52.43 -23.09
N CYS D 216 37.83 -53.53 -23.21
CA CYS D 216 39.28 -53.48 -23.25
C CYS D 216 39.77 -54.28 -24.45
N SER D 217 40.85 -53.79 -25.08
CA SER D 217 41.32 -54.40 -26.31
C SER D 217 42.05 -55.71 -26.05
N GLN D 218 42.96 -55.71 -25.09
CA GLN D 218 43.71 -56.92 -24.74
C GLN D 218 43.67 -57.11 -23.23
N PRO D 219 43.39 -58.33 -22.77
CA PRO D 219 43.18 -58.54 -21.33
C PRO D 219 44.47 -58.48 -20.53
N ASP D 220 44.33 -57.97 -19.30
CA ASP D 220 45.42 -57.81 -18.31
C ASP D 220 46.57 -56.96 -18.85
N ASP D 221 46.20 -55.79 -19.38
CA ASP D 221 47.14 -54.76 -19.82
C ASP D 221 46.45 -53.43 -19.65
N PRO D 222 46.80 -52.64 -18.64
CA PRO D 222 46.05 -51.40 -18.35
C PRO D 222 46.42 -50.25 -19.26
N THR D 223 47.34 -50.49 -20.20
CA THR D 223 47.80 -49.45 -21.10
C THR D 223 46.85 -49.22 -22.27
N LYS D 224 45.93 -50.15 -22.53
CA LYS D 224 45.21 -50.15 -23.78
C LYS D 224 43.70 -50.41 -23.68
N CYS D 225 43.08 -50.18 -22.53
CA CYS D 225 41.62 -50.13 -22.51
C CYS D 225 41.15 -48.74 -22.89
N VAL D 226 39.84 -48.60 -23.11
CA VAL D 226 39.35 -47.45 -23.87
C VAL D 226 38.62 -46.44 -23.02
N ALA D 227 38.39 -46.74 -21.75
CA ALA D 227 37.75 -45.79 -20.84
C ALA D 227 38.27 -46.00 -19.43
N CYS D 228 39.24 -45.20 -19.02
CA CYS D 228 39.76 -45.27 -17.67
C CYS D 228 38.73 -44.78 -16.66
N ARG D 229 38.56 -45.55 -15.59
CA ARG D 229 37.51 -45.28 -14.61
C ARG D 229 37.92 -44.15 -13.67
N ASN D 230 39.16 -44.16 -13.21
CA ASN D 230 39.55 -43.20 -12.18
C ASN D 230 40.27 -41.99 -12.81
N PHE D 231 41.40 -42.23 -13.47
CA PHE D 231 42.18 -41.11 -14.02
C PHE D 231 43.02 -41.56 -15.22
N TYR D 232 43.11 -40.68 -16.21
CA TYR D 232 43.94 -40.88 -17.39
C TYR D 232 45.27 -40.16 -17.21
N LEU D 233 46.37 -40.82 -17.56
CA LEU D 233 47.67 -40.19 -17.45
C LEU D 233 48.59 -40.74 -18.53
N ASP D 234 48.75 -39.97 -19.62
CA ASP D 234 49.84 -40.13 -20.60
C ASP D 234 49.86 -41.50 -21.26
N GLY D 235 48.70 -41.94 -21.73
CA GLY D 235 48.59 -43.24 -22.37
C GLY D 235 48.60 -44.43 -21.44
N ARG D 236 48.79 -44.23 -20.14
CA ARG D 236 48.65 -45.28 -19.14
C ARG D 236 47.40 -44.98 -18.34
N CYS D 237 47.13 -45.82 -17.35
CA CYS D 237 45.94 -45.65 -16.55
C CYS D 237 46.32 -45.81 -15.09
N VAL D 238 45.88 -44.89 -14.23
CA VAL D 238 46.41 -44.75 -12.88
C VAL D 238 45.27 -44.35 -11.95
N GLU D 239 45.28 -44.89 -10.73
CA GLU D 239 44.23 -44.66 -9.75
C GLU D 239 44.37 -43.34 -8.98
N THR D 240 45.59 -42.93 -8.64
CA THR D 240 45.82 -41.63 -8.01
C THR D 240 47.09 -41.05 -8.60
N CYS D 241 46.97 -39.87 -9.20
CA CYS D 241 48.09 -39.29 -9.92
C CYS D 241 49.12 -38.75 -8.94
N PRO D 242 50.36 -39.24 -8.98
CA PRO D 242 51.36 -38.85 -8.00
C PRO D 242 51.95 -37.49 -8.35
N PRO D 243 52.67 -36.85 -7.42
CA PRO D 243 53.43 -35.65 -7.78
C PRO D 243 54.53 -35.96 -8.77
N PRO D 244 54.90 -35.01 -9.64
CA PRO D 244 54.47 -33.61 -9.75
C PRO D 244 53.28 -33.36 -10.68
N TYR D 245 52.21 -34.15 -10.57
CA TYR D 245 51.01 -33.94 -11.37
C TYR D 245 49.84 -33.55 -10.47
N TYR D 246 48.77 -33.06 -11.10
CA TYR D 246 47.60 -32.58 -10.38
C TYR D 246 46.32 -33.04 -11.08
N HIS D 247 45.27 -33.25 -10.29
CA HIS D 247 43.99 -33.69 -10.82
C HIS D 247 43.23 -32.49 -11.41
N PHE D 248 42.48 -32.75 -12.49
CA PHE D 248 41.80 -31.68 -13.20
C PHE D 248 40.52 -32.22 -13.82
N GLN D 249 39.37 -31.65 -13.41
CA GLN D 249 38.03 -32.00 -13.88
C GLN D 249 37.70 -33.47 -13.63
N ASP D 250 38.34 -34.04 -12.60
CA ASP D 250 38.30 -35.43 -12.13
C ASP D 250 38.24 -36.51 -13.21
N TRP D 251 38.92 -36.30 -14.34
CA TRP D 251 39.10 -37.40 -15.27
C TRP D 251 40.47 -37.47 -15.94
N ARG D 252 41.27 -36.42 -15.92
CA ARG D 252 42.62 -36.48 -16.48
C ARG D 252 43.53 -35.67 -15.57
N CYS D 253 44.84 -35.90 -15.71
CA CYS D 253 45.84 -35.31 -14.84
C CYS D 253 46.81 -34.45 -15.62
N VAL D 254 47.08 -33.26 -15.11
CA VAL D 254 47.98 -32.29 -15.73
C VAL D 254 49.08 -31.94 -14.73
N ASN D 255 50.16 -31.35 -15.27
CA ASN D 255 51.23 -30.84 -14.44
C ASN D 255 50.87 -29.44 -13.95
N PHE D 256 51.81 -28.75 -13.30
CA PHE D 256 51.54 -27.40 -12.82
C PHE D 256 51.50 -26.42 -13.99
N SER D 257 52.34 -26.63 -15.00
CA SER D 257 52.41 -25.70 -16.13
C SER D 257 51.17 -25.76 -17.01
N PHE D 258 50.45 -26.89 -17.01
CA PHE D 258 49.26 -26.99 -17.85
C PHE D 258 48.03 -26.41 -17.18
N CYS D 259 48.12 -26.08 -15.88
CA CYS D 259 47.02 -25.46 -15.15
C CYS D 259 47.25 -23.97 -14.89
N GLN D 260 48.49 -23.50 -15.01
CA GLN D 260 48.79 -22.10 -14.73
C GLN D 260 48.40 -21.18 -15.89
N ASP D 261 48.82 -21.54 -17.11
CA ASP D 261 48.86 -20.57 -18.21
C ASP D 261 47.47 -20.20 -18.69
N LEU D 262 46.50 -21.11 -18.61
CA LEU D 262 45.16 -20.79 -19.07
C LEU D 262 44.43 -19.89 -18.07
N HIS D 263 44.90 -19.81 -16.83
CA HIS D 263 44.38 -18.81 -15.90
C HIS D 263 44.70 -17.40 -16.40
N HIS D 264 45.94 -17.16 -16.82
CA HIS D 264 46.27 -15.88 -17.43
C HIS D 264 45.73 -15.75 -18.84
N LYS D 265 45.47 -16.86 -19.53
CA LYS D 265 45.02 -16.77 -20.91
C LYS D 265 43.54 -16.38 -20.99
N CYS D 266 42.77 -16.61 -19.94
CA CYS D 266 41.42 -16.05 -19.86
C CYS D 266 41.18 -15.40 -18.50
N LYS D 267 42.21 -14.72 -17.96
CA LYS D 267 41.92 -13.74 -16.92
C LYS D 267 41.15 -12.56 -17.52
N ASN D 268 41.38 -12.28 -18.80
CA ASN D 268 40.55 -11.40 -19.61
C ASN D 268 39.43 -12.22 -20.26
N SER D 269 38.20 -11.76 -20.12
CA SER D 269 37.05 -12.48 -20.65
C SER D 269 36.75 -12.05 -22.08
N ARG D 270 36.45 -13.02 -22.93
CA ARG D 270 35.78 -12.70 -24.19
C ARG D 270 34.38 -12.15 -23.92
N ARG D 271 33.55 -12.93 -23.22
CA ARG D 271 32.45 -12.41 -22.43
C ARG D 271 32.42 -12.99 -21.02
N GLN D 272 32.75 -14.27 -20.86
CA GLN D 272 32.64 -15.01 -19.61
C GLN D 272 33.39 -16.33 -19.76
N GLY D 273 34.19 -16.69 -18.75
CA GLY D 273 34.56 -15.80 -17.66
C GLY D 273 35.98 -15.31 -17.42
N CYS D 274 37.04 -16.13 -17.50
CA CYS D 274 37.06 -17.59 -17.48
C CYS D 274 36.71 -18.09 -16.08
N HIS D 275 36.70 -19.41 -15.89
CA HIS D 275 36.85 -19.89 -14.53
C HIS D 275 38.31 -19.80 -14.13
N GLN D 276 38.64 -18.84 -13.26
CA GLN D 276 40.04 -18.55 -12.93
C GLN D 276 40.55 -19.63 -11.97
N TYR D 277 41.55 -20.39 -12.42
CA TYR D 277 41.92 -21.62 -11.72
C TYR D 277 42.84 -21.36 -10.54
N VAL D 278 42.61 -22.10 -9.47
CA VAL D 278 43.42 -22.05 -8.25
C VAL D 278 44.03 -23.43 -8.08
N ILE D 279 45.11 -23.52 -7.31
CA ILE D 279 45.69 -24.79 -6.89
C ILE D 279 45.34 -24.97 -5.43
N HIS D 280 44.69 -26.08 -5.09
CA HIS D 280 44.27 -26.31 -3.71
C HIS D 280 44.11 -27.81 -3.51
N ASN D 281 45.07 -28.43 -2.81
CA ASN D 281 45.06 -29.83 -2.42
C ASN D 281 44.90 -30.75 -3.65
N ASN D 282 45.88 -30.64 -4.54
CA ASN D 282 46.10 -31.53 -5.69
C ASN D 282 45.00 -31.50 -6.74
N LYS D 283 44.09 -30.53 -6.70
CA LYS D 283 43.08 -30.42 -7.73
C LYS D 283 42.86 -28.95 -8.14
N CYS D 284 42.89 -28.70 -9.45
CA CYS D 284 42.59 -27.38 -9.99
C CYS D 284 41.08 -27.17 -9.88
N ILE D 285 40.66 -26.27 -9.01
CA ILE D 285 39.23 -26.02 -8.83
C ILE D 285 38.89 -24.62 -9.33
N PRO D 286 37.64 -24.35 -9.71
CA PRO D 286 37.30 -22.99 -10.18
C PRO D 286 37.38 -21.93 -9.10
N GLU D 287 36.87 -22.20 -7.90
CA GLU D 287 36.96 -21.25 -6.81
C GLU D 287 37.17 -22.00 -5.51
N CYS D 288 37.92 -21.36 -4.60
CA CYS D 288 38.11 -21.96 -3.30
C CYS D 288 36.83 -21.85 -2.48
N PRO D 289 36.60 -22.75 -1.52
CA PRO D 289 35.40 -22.62 -0.67
C PRO D 289 35.44 -21.44 0.28
N SER D 290 34.41 -21.33 1.12
CA SER D 290 34.29 -20.20 2.04
C SER D 290 35.37 -20.27 3.12
N GLY D 291 35.88 -19.09 3.49
CA GLY D 291 36.98 -19.03 4.42
C GLY D 291 38.32 -19.37 3.82
N TYR D 292 38.48 -19.26 2.51
CA TYR D 292 39.75 -19.52 1.84
C TYR D 292 39.90 -18.51 0.72
N THR D 293 41.13 -18.06 0.49
CA THR D 293 41.39 -17.01 -0.49
C THR D 293 42.71 -17.34 -1.20
N MET D 294 42.81 -16.93 -2.46
CA MET D 294 43.98 -17.21 -3.28
C MET D 294 45.09 -16.20 -2.98
N ASN D 295 46.32 -16.70 -2.88
CA ASN D 295 47.49 -15.85 -2.94
C ASN D 295 47.89 -15.71 -4.41
N SER D 296 48.14 -14.48 -4.84
CA SER D 296 48.27 -14.22 -6.27
C SER D 296 49.64 -14.58 -6.82
N SER D 297 50.60 -14.93 -5.95
CA SER D 297 51.96 -15.18 -6.41
C SER D 297 52.08 -16.51 -7.14
N ASN D 298 51.83 -17.61 -6.45
CA ASN D 298 51.96 -18.94 -7.03
C ASN D 298 50.63 -19.65 -7.20
N LEU D 299 49.51 -18.93 -7.10
CA LEU D 299 48.15 -19.45 -7.20
C LEU D 299 47.86 -20.53 -6.17
N LEU D 300 48.32 -20.35 -4.93
CA LEU D 300 48.00 -21.25 -3.84
C LEU D 300 46.79 -20.72 -3.09
N CYS D 301 46.08 -21.62 -2.40
CA CYS D 301 44.86 -21.27 -1.70
C CYS D 301 45.10 -21.38 -0.19
N THR D 302 44.94 -20.27 0.51
CA THR D 302 45.26 -20.10 1.91
C THR D 302 44.02 -19.67 2.69
N PRO D 303 43.85 -20.12 3.93
CA PRO D 303 42.66 -19.74 4.71
C PRO D 303 42.69 -18.30 5.19
N CYS D 304 41.70 -17.96 6.02
CA CYS D 304 41.29 -16.59 6.28
C CYS D 304 41.53 -16.19 7.73
N LEU D 305 41.51 -14.87 7.94
CA LEU D 305 41.32 -14.26 9.25
C LEU D 305 40.39 -13.06 9.09
N GLY D 306 39.36 -13.01 9.93
CA GLY D 306 38.36 -11.98 9.87
C GLY D 306 37.54 -12.03 8.59
N PRO D 307 37.01 -10.87 8.17
CA PRO D 307 36.24 -10.81 6.92
C PRO D 307 37.11 -10.94 5.68
N CYS D 308 36.83 -11.96 4.85
CA CYS D 308 37.53 -12.34 3.62
C CYS D 308 36.99 -11.55 2.43
N PRO D 309 37.86 -11.15 1.51
CA PRO D 309 37.40 -10.58 0.24
C PRO D 309 36.78 -11.67 -0.62
N LYS D 310 36.01 -11.24 -1.62
CA LYS D 310 35.09 -12.17 -2.27
C LYS D 310 35.67 -12.88 -3.50
N VAL D 311 36.26 -12.21 -4.52
CA VAL D 311 36.45 -10.78 -4.81
C VAL D 311 35.46 -10.43 -5.92
N CYS D 312 34.86 -9.24 -5.88
CA CYS D 312 33.84 -8.84 -6.84
C CYS D 312 34.42 -7.85 -7.84
N HIS D 313 34.82 -8.34 -9.00
CA HIS D 313 35.06 -7.45 -10.14
C HIS D 313 33.74 -7.26 -10.89
N LEU D 314 33.74 -6.38 -11.89
CA LEU D 314 32.48 -5.88 -12.43
C LEU D 314 32.53 -5.88 -13.95
N LEU D 315 31.42 -5.49 -14.55
CA LEU D 315 31.24 -5.54 -16.00
C LEU D 315 31.67 -4.21 -16.62
N GLU D 316 32.77 -4.25 -17.40
CA GLU D 316 33.28 -3.19 -18.29
C GLU D 316 33.48 -1.83 -17.61
N GLY D 317 33.84 -1.83 -16.33
CA GLY D 317 34.26 -0.61 -15.66
C GLY D 317 33.18 0.25 -15.01
N GLU D 318 31.96 0.17 -15.53
CA GLU D 318 30.84 0.95 -14.99
C GLU D 318 29.61 0.05 -14.92
N LYS D 319 28.96 0.03 -13.76
CA LYS D 319 27.70 -0.68 -13.57
C LYS D 319 26.68 0.28 -12.98
N THR D 320 25.49 0.31 -13.58
CA THR D 320 24.44 1.23 -13.20
C THR D 320 23.35 0.47 -12.43
N ILE D 321 22.95 1.03 -11.28
CA ILE D 321 21.85 0.50 -10.50
C ILE D 321 20.63 1.34 -10.80
N ASP D 322 19.61 0.72 -11.40
CA ASP D 322 18.32 1.38 -11.61
C ASP D 322 17.33 1.07 -10.52
N SER D 323 17.30 -0.16 -10.03
CA SER D 323 16.38 -0.61 -8.99
C SER D 323 17.05 -1.74 -8.22
N VAL D 324 16.24 -2.51 -7.49
CA VAL D 324 16.75 -3.61 -6.69
C VAL D 324 17.27 -4.74 -7.59
N THR D 325 16.59 -4.98 -8.72
CA THR D 325 16.99 -6.05 -9.63
C THR D 325 18.32 -5.74 -10.33
N SER D 326 18.68 -4.46 -10.45
CA SER D 326 20.01 -4.12 -10.96
C SER D 326 21.07 -4.31 -9.88
N ALA D 327 20.67 -4.20 -8.61
CA ALA D 327 21.62 -4.33 -7.51
C ALA D 327 21.91 -5.77 -7.12
N GLN D 328 21.15 -6.72 -7.67
CA GLN D 328 21.28 -8.12 -7.27
C GLN D 328 22.60 -8.74 -7.71
N GLU D 329 23.24 -8.21 -8.75
CA GLU D 329 24.53 -8.73 -9.17
C GLU D 329 25.64 -8.31 -8.21
N LEU D 330 25.44 -7.27 -7.42
CA LEU D 330 26.44 -6.77 -6.49
C LEU D 330 26.16 -7.25 -5.07
N ARG D 331 25.46 -8.38 -4.93
CA ARG D 331 25.12 -8.91 -3.63
C ARG D 331 26.33 -9.51 -2.94
N GLY D 332 26.60 -9.05 -1.72
CA GLY D 332 27.74 -9.54 -0.96
C GLY D 332 29.09 -9.07 -1.43
N CYS D 333 29.15 -8.15 -2.38
CA CYS D 333 30.41 -7.71 -2.95
C CYS D 333 31.12 -6.75 -2.00
N THR D 334 32.39 -7.04 -1.70
CA THR D 334 33.15 -6.27 -0.71
C THR D 334 34.09 -5.24 -1.34
N VAL D 335 34.96 -5.66 -2.25
CA VAL D 335 35.95 -4.77 -2.86
C VAL D 335 35.68 -4.73 -4.37
N ILE D 336 35.56 -3.52 -4.91
CA ILE D 336 35.13 -3.30 -6.28
C ILE D 336 36.23 -2.57 -7.04
N ASN D 337 36.69 -3.18 -8.14
CA ASN D 337 37.83 -2.68 -8.91
C ASN D 337 37.35 -1.90 -10.15
N GLY D 338 36.70 -0.77 -9.91
CA GLY D 338 36.22 0.05 -11.01
C GLY D 338 35.29 1.13 -10.49
N SER D 339 34.61 1.77 -11.44
CA SER D 339 33.71 2.87 -11.12
C SER D 339 32.31 2.36 -10.77
N LEU D 340 31.47 3.27 -10.27
CA LEU D 340 30.14 2.92 -9.84
C LEU D 340 29.22 4.14 -10.01
N ILE D 341 27.95 3.87 -10.34
CA ILE D 341 26.96 4.92 -10.56
C ILE D 341 25.61 4.45 -10.02
N ILE D 342 24.92 5.32 -9.29
CA ILE D 342 23.62 5.02 -8.69
C ILE D 342 22.57 5.94 -9.29
N ASN D 343 21.48 5.35 -9.82
CA ASN D 343 20.33 6.12 -10.30
C ASN D 343 19.07 5.39 -9.84
N ILE D 344 18.56 5.79 -8.68
CA ILE D 344 17.37 5.18 -8.09
C ILE D 344 16.22 6.17 -8.18
N ARG D 345 15.05 5.66 -8.58
CA ARG D 345 13.86 6.49 -8.75
C ARG D 345 12.72 6.07 -7.83
N GLY D 346 12.40 4.78 -7.78
CA GLY D 346 11.30 4.33 -6.95
C GLY D 346 11.20 2.83 -6.93
N GLY D 347 10.00 2.36 -6.61
CA GLY D 347 9.68 0.96 -6.48
C GLY D 347 8.65 0.76 -5.40
N ASN D 348 8.78 -0.36 -4.68
CA ASN D 348 7.92 -0.65 -3.54
C ASN D 348 8.76 -1.17 -2.39
N ASN D 349 8.38 -0.77 -1.17
CA ASN D 349 8.98 -1.20 0.10
C ASN D 349 10.48 -0.88 0.15
N LEU D 350 10.77 0.41 0.02
CA LEU D 350 12.14 0.89 -0.09
C LEU D 350 12.77 1.21 1.26
N ALA D 351 12.29 0.61 2.35
CA ALA D 351 12.77 1.00 3.67
C ALA D 351 14.16 0.44 3.95
N ALA D 352 14.29 -0.89 3.98
CA ALA D 352 15.52 -1.53 4.42
C ALA D 352 16.24 -2.29 3.32
N GLU D 353 15.72 -2.31 2.10
CA GLU D 353 16.29 -3.17 1.07
C GLU D 353 17.57 -2.60 0.47
N LEU D 354 17.66 -1.27 0.33
CA LEU D 354 18.89 -0.67 -0.17
C LEU D 354 20.04 -0.75 0.82
N GLU D 355 19.74 -0.88 2.11
CA GLU D 355 20.77 -1.18 3.08
C GLU D 355 21.08 -2.66 3.15
N ALA D 356 20.19 -3.51 2.63
CA ALA D 356 20.42 -4.95 2.69
C ALA D 356 21.37 -5.44 1.60
N ASN D 357 21.24 -4.93 0.37
CA ASN D 357 22.02 -5.45 -0.74
C ASN D 357 23.48 -5.00 -0.69
N LEU D 358 23.74 -3.82 -0.13
CA LEU D 358 25.07 -3.24 -0.14
C LEU D 358 25.38 -2.66 1.24
N GLY D 359 25.09 -3.42 2.28
CA GLY D 359 25.38 -3.02 3.64
C GLY D 359 26.66 -3.61 4.19
N LEU D 360 27.43 -4.32 3.37
CA LEU D 360 28.69 -4.95 3.75
C LEU D 360 29.78 -4.59 2.75
N ILE D 361 29.53 -3.57 1.94
CA ILE D 361 30.51 -3.07 0.98
C ILE D 361 31.68 -2.45 1.74
N GLU D 362 32.89 -2.69 1.25
CA GLU D 362 34.09 -2.25 1.94
C GLU D 362 34.82 -1.14 1.22
N GLU D 363 35.02 -1.25 -0.10
CA GLU D 363 35.91 -0.33 -0.80
C GLU D 363 35.48 -0.24 -2.25
N ILE D 364 35.73 0.94 -2.83
CA ILE D 364 35.37 1.26 -4.21
C ILE D 364 36.52 2.06 -4.80
N SER D 365 36.90 1.76 -6.04
CA SER D 365 38.19 2.20 -6.56
C SER D 365 38.15 3.02 -7.85
N GLY D 366 36.96 3.36 -8.36
CA GLY D 366 36.90 4.18 -9.56
C GLY D 366 36.48 5.61 -9.29
N TYR D 367 35.25 5.94 -9.68
CA TYR D 367 34.65 7.20 -9.27
C TYR D 367 33.16 6.98 -9.14
N LEU D 368 32.55 7.74 -8.23
CA LEU D 368 31.18 7.50 -7.81
C LEU D 368 30.28 8.59 -8.35
N LYS D 369 29.16 8.19 -8.95
CA LYS D 369 28.21 9.11 -9.56
C LYS D 369 26.85 8.91 -8.91
N ILE D 370 26.25 10.01 -8.44
CA ILE D 370 24.93 10.00 -7.83
C ILE D 370 24.03 10.75 -8.81
N ARG D 371 24.25 10.51 -10.10
CA ARG D 371 23.48 11.17 -11.14
C ARG D 371 22.02 10.73 -11.14
N ARG D 372 21.11 11.71 -11.26
CA ARG D 372 19.69 11.52 -11.51
C ARG D 372 18.97 10.71 -10.42
N SER D 373 19.51 10.68 -9.21
CA SER D 373 18.89 9.90 -8.15
C SER D 373 17.91 10.76 -7.35
N TYR D 374 16.71 10.23 -7.14
CA TYR D 374 15.64 11.00 -6.52
C TYR D 374 15.09 10.37 -5.25
N ALA D 375 15.03 9.04 -5.18
CA ALA D 375 14.39 8.36 -4.06
C ALA D 375 15.22 8.40 -2.78
N LEU D 376 16.52 8.64 -2.86
CA LEU D 376 17.38 8.58 -1.69
C LEU D 376 17.23 9.85 -0.85
N VAL D 377 17.60 9.73 0.43
CA VAL D 377 17.62 10.87 1.33
C VAL D 377 19.06 11.04 1.81
N SER D 378 19.79 9.94 1.89
CA SER D 378 21.13 9.98 2.48
C SER D 378 21.96 8.82 1.93
N LEU D 379 23.26 9.04 1.88
CA LEU D 379 24.22 8.01 1.49
C LEU D 379 24.78 7.24 2.68
N SER D 380 24.01 7.09 3.75
CA SER D 380 24.44 6.33 4.91
C SER D 380 24.37 4.83 4.71
N PHE D 381 23.91 4.34 3.56
CA PHE D 381 23.85 2.91 3.31
C PHE D 381 25.17 2.35 2.76
N PHE D 382 26.21 3.18 2.66
CA PHE D 382 27.58 2.69 2.50
C PHE D 382 28.23 2.63 3.89
N ARG D 383 27.65 1.75 4.72
CA ARG D 383 27.87 1.81 6.18
C ARG D 383 29.28 1.39 6.56
N LYS D 384 29.89 0.50 5.78
CA LYS D 384 31.21 -0.03 6.09
C LYS D 384 32.28 0.54 5.17
N LEU D 385 31.89 1.43 4.26
CA LEU D 385 32.82 2.01 3.30
C LEU D 385 33.81 2.92 4.01
N ARG D 386 35.09 2.77 3.68
CA ARG D 386 36.17 3.49 4.32
C ARG D 386 36.96 4.38 3.38
N LEU D 387 36.97 4.08 2.07
CA LEU D 387 37.88 4.74 1.16
C LEU D 387 37.32 4.75 -0.25
N ILE D 388 37.48 5.89 -0.92
CA ILE D 388 37.35 6.02 -2.37
C ILE D 388 38.72 6.50 -2.83
N ARG D 389 39.59 5.56 -3.18
CA ARG D 389 40.95 5.95 -3.55
C ARG D 389 41.03 6.43 -4.98
N GLY D 390 40.28 5.81 -5.88
CA GLY D 390 40.16 6.30 -7.24
C GLY D 390 41.39 6.18 -8.10
N GLU D 391 41.71 4.95 -8.51
CA GLU D 391 42.85 4.74 -9.41
C GLU D 391 42.57 5.30 -10.79
N THR D 392 41.40 4.98 -11.34
CA THR D 392 40.99 5.57 -12.60
C THR D 392 40.19 6.84 -12.34
N LEU D 393 40.24 7.78 -13.28
CA LEU D 393 39.74 9.12 -13.07
C LEU D 393 38.62 9.46 -14.04
N GLU D 394 37.66 10.23 -13.55
CA GLU D 394 36.60 10.77 -14.40
C GLU D 394 37.12 11.98 -15.15
N ILE D 395 36.70 12.12 -16.41
CA ILE D 395 37.17 13.24 -17.24
C ILE D 395 36.66 14.55 -16.66
N GLY D 396 37.50 15.57 -16.72
CA GLY D 396 37.35 16.74 -15.86
C GLY D 396 38.13 16.64 -14.57
N ASN D 397 38.98 15.61 -14.43
CA ASN D 397 39.78 15.33 -13.23
C ASN D 397 38.94 15.17 -11.98
N TYR D 398 37.78 14.54 -12.11
CA TYR D 398 36.84 14.36 -11.00
C TYR D 398 36.92 12.94 -10.45
N SER D 399 36.43 12.77 -9.22
CA SER D 399 36.21 11.45 -8.64
C SER D 399 34.90 11.34 -7.88
N PHE D 400 34.20 12.45 -7.67
CA PHE D 400 32.94 12.44 -6.92
C PHE D 400 31.99 13.44 -7.57
N TYR D 401 30.86 12.94 -8.06
CA TYR D 401 29.96 13.71 -8.92
C TYR D 401 28.54 13.55 -8.43
N ALA D 402 27.79 14.66 -8.39
CA ALA D 402 26.41 14.63 -7.91
C ALA D 402 25.59 15.69 -8.61
N LEU D 403 24.60 15.26 -9.39
CA LEU D 403 23.60 16.15 -9.98
C LEU D 403 22.22 15.52 -9.85
N ASP D 404 21.21 16.39 -9.87
CA ASP D 404 19.78 16.03 -9.80
C ASP D 404 19.47 15.23 -8.53
N ASN D 405 19.72 15.87 -7.39
CA ASN D 405 19.43 15.31 -6.07
C ASN D 405 18.44 16.26 -5.40
N GLN D 406 17.16 16.02 -5.65
CA GLN D 406 16.12 16.93 -5.19
C GLN D 406 15.74 16.74 -3.73
N ASN D 407 16.06 15.58 -3.14
CA ASN D 407 15.69 15.30 -1.76
C ASN D 407 16.85 14.90 -0.87
N LEU D 408 18.07 14.87 -1.39
CA LEU D 408 19.23 14.45 -0.60
C LEU D 408 19.56 15.49 0.46
N ARG D 409 19.75 15.02 1.70
CA ARG D 409 19.84 15.90 2.85
C ARG D 409 21.09 15.73 3.69
N GLN D 410 21.75 14.56 3.64
CA GLN D 410 22.83 14.27 4.58
C GLN D 410 23.78 13.28 3.92
N LEU D 411 25.05 13.66 3.82
CA LEU D 411 26.02 12.82 3.14
C LEU D 411 26.46 11.66 4.04
N TRP D 412 27.06 11.97 5.18
CA TRP D 412 27.64 11.00 6.10
C TRP D 412 27.84 11.63 7.47
N ASP D 413 27.82 10.80 8.51
CA ASP D 413 27.97 11.24 9.88
C ASP D 413 29.46 11.20 10.22
N TRP D 414 30.08 12.36 10.36
CA TRP D 414 31.52 12.47 10.56
C TRP D 414 31.92 12.32 12.01
N SER D 415 31.02 11.87 12.88
CA SER D 415 31.34 11.56 14.27
C SER D 415 31.58 10.06 14.46
N LYS D 416 30.64 9.24 13.98
CA LYS D 416 30.74 7.80 14.10
C LYS D 416 31.42 7.14 12.89
N HIS D 417 32.06 7.93 12.03
CA HIS D 417 32.61 7.40 10.78
C HIS D 417 33.72 8.32 10.29
N ASN D 418 34.75 7.72 9.69
CA ASN D 418 35.97 8.41 9.27
C ASN D 418 36.27 8.05 7.82
N LEU D 419 35.91 8.93 6.90
CA LEU D 419 36.22 8.78 5.48
C LEU D 419 37.61 9.33 5.17
N THR D 420 38.23 8.78 4.13
CA THR D 420 39.41 9.39 3.52
C THR D 420 39.35 9.20 2.01
N THR D 421 40.17 9.99 1.31
CA THR D 421 40.39 9.88 -0.12
C THR D 421 41.71 10.57 -0.43
N THR D 422 42.26 10.29 -1.61
CA THR D 422 43.60 10.76 -1.94
C THR D 422 43.62 11.75 -3.10
N GLN D 423 43.09 11.36 -4.27
CA GLN D 423 43.26 12.18 -5.47
C GLN D 423 41.93 12.63 -6.06
N GLY D 424 42.00 13.28 -7.22
CA GLY D 424 40.81 13.70 -7.93
C GLY D 424 40.18 14.95 -7.34
N LYS D 425 39.03 15.31 -7.90
CA LYS D 425 38.28 16.48 -7.47
C LYS D 425 36.82 16.10 -7.24
N LEU D 426 36.05 17.07 -6.78
CA LEU D 426 34.67 16.87 -6.36
C LEU D 426 33.73 17.73 -7.18
N PHE D 427 32.45 17.37 -7.16
CA PHE D 427 31.43 18.08 -7.93
C PHE D 427 30.09 17.98 -7.22
N PHE D 428 29.60 19.10 -6.69
CA PHE D 428 28.27 19.21 -6.08
C PHE D 428 27.55 20.37 -6.75
N HIS D 429 26.65 20.05 -7.68
CA HIS D 429 25.83 21.06 -8.36
C HIS D 429 24.39 20.58 -8.46
N TYR D 430 23.47 21.54 -8.33
CA TYR D 430 22.01 21.34 -8.41
C TYR D 430 21.54 20.30 -7.40
N ASN D 431 21.90 20.55 -6.14
CA ASN D 431 21.46 19.73 -5.01
C ASN D 431 20.88 20.71 -4.00
N PRO D 432 19.58 21.01 -4.11
CA PRO D 432 19.00 22.07 -3.27
C PRO D 432 18.91 21.72 -1.79
N LYS D 433 18.41 20.53 -1.47
CA LYS D 433 18.22 20.13 -0.09
C LYS D 433 19.54 19.84 0.63
N LEU D 434 20.58 19.45 -0.11
CA LEU D 434 21.91 19.28 0.46
C LEU D 434 22.46 20.65 0.83
N CYS D 435 22.74 20.85 2.11
CA CYS D 435 23.14 22.17 2.60
C CYS D 435 24.61 22.44 2.29
N LEU D 436 25.07 23.62 2.68
CA LEU D 436 26.43 24.06 2.37
C LEU D 436 27.41 23.77 3.50
N SER D 437 26.96 23.79 4.75
CA SER D 437 27.89 23.55 5.84
C SER D 437 28.24 22.07 5.97
N GLU D 438 27.39 21.19 5.45
CA GLU D 438 27.70 19.77 5.49
C GLU D 438 28.68 19.36 4.39
N ILE D 439 28.76 20.12 3.30
CA ILE D 439 29.87 19.95 2.36
C ILE D 439 31.02 20.88 2.69
N HIS D 440 30.93 21.63 3.79
CA HIS D 440 32.09 22.19 4.46
C HIS D 440 32.57 21.33 5.61
N LYS D 441 31.75 20.39 6.08
CA LYS D 441 32.11 19.51 7.18
C LYS D 441 32.86 18.26 6.71
N MET D 442 33.01 18.05 5.41
CA MET D 442 33.61 16.82 4.94
C MET D 442 35.11 16.97 4.67
N GLU D 443 35.59 18.18 4.38
CA GLU D 443 37.00 18.33 4.05
C GLU D 443 37.91 18.39 5.27
N GLU D 444 37.36 18.38 6.48
CA GLU D 444 38.19 18.10 7.65
C GLU D 444 38.43 16.60 7.77
N VAL D 445 37.41 15.80 7.47
CA VAL D 445 37.54 14.36 7.54
C VAL D 445 38.18 13.78 6.27
N SER D 446 37.76 14.24 5.08
CA SER D 446 38.37 13.76 3.86
C SER D 446 39.76 14.37 3.65
N GLY D 447 39.94 15.62 4.03
CA GLY D 447 41.27 16.21 3.99
C GLY D 447 41.67 16.79 2.66
N THR D 448 40.74 17.37 1.91
CA THR D 448 41.11 18.06 0.68
C THR D 448 41.53 19.51 0.94
N LYS D 449 41.46 19.97 2.19
CA LYS D 449 42.26 21.14 2.59
C LYS D 449 43.74 20.81 2.68
N GLY D 450 44.08 19.56 3.01
CA GLY D 450 45.37 19.04 2.67
C GLY D 450 45.47 18.78 1.17
N ARG D 451 46.70 18.65 0.69
CA ARG D 451 47.10 18.62 -0.72
C ARG D 451 46.37 19.70 -1.54
N GLN D 452 46.31 20.92 -0.97
CA GLN D 452 45.20 21.87 -1.16
C GLN D 452 44.94 22.21 -2.62
N GLU D 453 43.67 22.11 -2.99
CA GLU D 453 43.24 22.17 -4.38
C GLU D 453 42.00 23.06 -4.48
N ARG D 454 41.84 23.67 -5.63
CA ARG D 454 40.67 24.49 -5.91
C ARG D 454 39.59 23.59 -6.50
N ASN D 455 38.63 23.19 -5.66
CA ASN D 455 37.49 22.45 -6.15
C ASN D 455 36.43 23.43 -6.66
N ASP D 456 35.45 22.91 -7.41
CA ASP D 456 34.44 23.74 -8.05
C ASP D 456 33.06 23.33 -7.52
N ILE D 457 32.60 24.04 -6.49
CA ILE D 457 31.23 23.94 -6.00
C ILE D 457 30.64 25.34 -5.97
N ALA D 458 29.51 25.52 -6.64
CA ALA D 458 28.90 26.84 -6.68
C ALA D 458 28.20 27.14 -5.36
N LEU D 459 28.13 28.43 -5.04
CA LEU D 459 27.66 28.86 -3.72
C LEU D 459 26.14 28.97 -3.68
N LYS D 460 25.53 29.30 -4.81
CA LYS D 460 24.09 29.54 -4.87
C LYS D 460 23.32 28.29 -5.30
N THR D 461 24.00 27.25 -5.76
CA THR D 461 23.30 26.09 -6.32
C THR D 461 22.74 25.16 -5.25
N ASN D 462 23.09 25.39 -3.98
CA ASN D 462 22.62 24.56 -2.87
C ASN D 462 21.98 25.46 -1.82
N GLY D 463 21.33 24.82 -0.84
CA GLY D 463 20.69 25.53 0.24
C GLY D 463 19.23 25.85 0.02
N ASP D 464 18.72 25.71 -1.20
CA ASP D 464 17.32 26.01 -1.46
C ASP D 464 16.42 24.95 -0.85
N LYS D 465 15.31 25.39 -0.26
CA LYS D 465 14.43 24.57 0.58
C LYS D 465 15.22 23.85 1.68
N ALA D 466 16.10 24.59 2.34
CA ALA D 466 17.00 24.03 3.35
C ALA D 466 17.42 25.11 4.33
N SER D 467 17.94 24.69 5.49
CA SER D 467 18.37 25.61 6.54
C SER D 467 19.58 25.05 7.25
N CYS D 468 20.53 25.93 7.60
CA CYS D 468 21.70 25.54 8.38
C CYS D 468 22.11 26.50 9.48
N GLU D 469 21.46 27.65 9.61
CA GLU D 469 21.75 28.57 10.70
C GLU D 469 20.77 28.40 11.86
N ASN D 470 20.34 27.17 12.12
CA ASN D 470 19.34 26.89 13.13
C ASN D 470 19.91 27.12 14.54
N GLU D 471 19.02 27.54 15.44
CA GLU D 471 19.38 27.76 16.83
C GLU D 471 19.03 26.48 17.60
N LEU D 472 19.35 26.44 18.88
CA LEU D 472 19.26 25.21 19.67
C LEU D 472 18.16 25.35 20.71
N LEU D 473 17.13 24.52 20.58
CA LEU D 473 16.01 24.48 21.51
C LEU D 473 16.35 23.62 22.71
N LYS D 474 16.02 24.12 23.89
CA LYS D 474 16.30 23.43 25.14
C LYS D 474 14.97 22.97 25.73
N PHE D 475 14.94 21.71 26.18
CA PHE D 475 13.73 21.19 26.80
C PHE D 475 13.58 21.78 28.20
N SER D 476 12.33 22.04 28.58
CA SER D 476 12.04 22.81 29.78
C SER D 476 11.59 21.92 30.93
N TYR D 477 10.55 21.12 30.74
CA TYR D 477 10.03 20.30 31.82
C TYR D 477 9.61 18.95 31.27
N ILE D 478 9.90 17.91 32.04
CA ILE D 478 9.58 16.54 31.67
C ILE D 478 8.96 15.84 32.87
N ARG D 479 7.88 15.10 32.64
CA ARG D 479 7.19 14.39 33.71
C ARG D 479 6.70 13.07 33.14
N THR D 480 7.09 11.97 33.78
CA THR D 480 6.71 10.64 33.34
C THR D 480 5.72 10.01 34.32
N SER D 481 4.66 9.43 33.79
CA SER D 481 3.76 8.58 34.53
C SER D 481 4.04 7.13 34.14
N PHE D 482 3.09 6.24 34.43
CA PHE D 482 3.21 4.87 33.96
C PHE D 482 2.89 4.73 32.48
N ASP D 483 2.13 5.66 31.89
CA ASP D 483 1.76 5.53 30.49
C ASP D 483 1.77 6.82 29.69
N LYS D 484 2.00 7.98 30.30
CA LYS D 484 1.98 9.24 29.56
C LYS D 484 3.21 10.07 29.91
N ILE D 485 3.67 10.86 28.95
CA ILE D 485 4.73 11.84 29.17
C ILE D 485 4.31 13.17 28.53
N LEU D 486 4.50 14.26 29.27
CA LEU D 486 4.28 15.59 28.71
C LEU D 486 5.61 16.17 28.26
N LEU D 487 5.55 17.02 27.23
CA LEU D 487 6.73 17.64 26.65
C LEU D 487 6.44 19.11 26.40
N ARG D 488 6.88 19.97 27.30
CA ARG D 488 6.86 21.40 27.08
C ARG D 488 8.29 21.90 27.05
N TRP D 489 8.55 22.87 26.19
CA TRP D 489 9.90 23.35 25.95
C TRP D 489 9.86 24.88 25.83
N GLU D 490 10.96 25.45 25.36
CA GLU D 490 10.96 26.91 25.33
C GLU D 490 10.49 27.42 23.98
N PRO D 491 9.71 28.51 23.94
CA PRO D 491 9.15 28.97 22.67
C PRO D 491 10.16 29.62 21.75
N TYR D 492 10.27 29.09 20.54
CA TYR D 492 11.11 29.68 19.50
C TYR D 492 10.28 30.53 18.56
N TRP D 493 10.73 31.76 18.34
CA TRP D 493 10.14 32.64 17.35
C TRP D 493 11.20 33.08 16.36
N PRO D 494 10.91 33.02 15.07
CA PRO D 494 11.67 33.79 14.09
C PRO D 494 11.46 35.28 14.33
N PRO D 495 12.34 36.15 13.83
CA PRO D 495 12.19 37.59 14.12
C PRO D 495 10.94 38.23 13.54
N ASP D 496 10.29 37.58 12.57
CA ASP D 496 8.97 37.95 12.12
C ASP D 496 8.02 36.81 12.48
N PHE D 497 7.22 37.01 13.53
CA PHE D 497 6.55 35.87 14.15
C PHE D 497 5.32 35.41 13.38
N ARG D 498 4.97 36.09 12.30
CA ARG D 498 3.94 35.55 11.42
C ARG D 498 4.43 34.36 10.61
N ASP D 499 5.74 34.21 10.46
CA ASP D 499 6.29 33.25 9.53
C ASP D 499 6.27 31.82 10.03
N LEU D 500 6.16 31.61 11.34
CA LEU D 500 6.27 30.25 11.90
C LEU D 500 4.92 29.56 11.76
N LEU D 501 4.87 28.53 10.90
CA LEU D 501 3.62 27.83 10.66
C LEU D 501 3.26 26.90 11.81
N GLY D 502 4.25 26.26 12.39
CA GLY D 502 4.00 25.29 13.43
C GLY D 502 5.24 24.45 13.68
N PHE D 503 5.07 23.44 14.52
CA PHE D 503 6.17 22.63 15.01
C PHE D 503 6.01 21.21 14.47
N MET D 504 7.08 20.44 14.49
CA MET D 504 7.07 19.05 14.07
C MET D 504 7.85 18.22 15.08
N LEU D 505 7.19 17.24 15.68
CA LEU D 505 7.80 16.36 16.67
C LEU D 505 8.00 14.97 16.09
N PHE D 506 9.12 14.35 16.46
CA PHE D 506 9.49 13.03 15.98
C PHE D 506 9.82 12.14 17.17
N TYR D 507 9.32 10.91 17.17
CA TYR D 507 9.69 9.99 18.23
C TYR D 507 9.64 8.54 17.74
N LYS D 508 10.46 7.71 18.39
CA LYS D 508 10.60 6.30 18.08
C LYS D 508 11.23 5.63 19.30
N GLU D 509 10.91 4.35 19.49
CA GLU D 509 11.56 3.54 20.51
C GLU D 509 13.05 3.38 20.19
N ALA D 510 13.84 3.18 21.24
CA ALA D 510 15.29 3.09 21.08
C ALA D 510 15.87 2.03 22.00
N PRO D 511 16.69 1.12 21.47
CA PRO D 511 17.25 0.06 22.33
C PRO D 511 18.40 0.54 23.20
N TYR D 512 19.23 1.46 22.70
CA TYR D 512 20.38 1.94 23.43
C TYR D 512 20.50 3.45 23.23
N GLN D 513 21.61 4.00 23.72
CA GLN D 513 21.91 5.42 23.57
C GLN D 513 22.82 5.68 22.38
N ASN D 514 22.41 5.25 21.19
CA ASN D 514 23.23 5.38 19.99
C ASN D 514 22.46 5.74 18.73
N VAL D 515 21.23 6.23 18.84
CA VAL D 515 20.42 6.50 17.65
C VAL D 515 20.90 7.80 17.01
N THR D 516 21.07 7.77 15.68
CA THR D 516 21.41 8.96 14.93
C THR D 516 20.12 9.62 14.44
N GLU D 517 20.25 10.78 13.79
CA GLU D 517 19.11 11.67 13.61
C GLU D 517 18.28 11.39 12.37
N PHE D 518 18.89 11.01 11.26
CA PHE D 518 18.19 10.78 9.99
C PHE D 518 18.68 9.45 9.43
N ASP D 519 17.99 8.37 9.76
CA ASP D 519 18.51 7.04 9.48
C ASP D 519 17.38 6.04 9.31
N GLY D 520 17.50 5.24 8.26
CA GLY D 520 16.66 4.08 8.06
C GLY D 520 15.32 4.32 7.39
N GLN D 521 14.94 5.57 7.13
CA GLN D 521 13.64 5.79 6.52
C GLN D 521 13.71 5.75 4.99
N ASP D 522 14.47 6.67 4.39
CA ASP D 522 15.19 6.52 3.10
C ASP D 522 14.31 5.97 1.97
N ALA D 523 13.10 6.52 1.86
CA ALA D 523 12.12 6.05 0.89
C ALA D 523 11.46 7.28 0.27
N CYS D 524 10.31 7.13 -0.39
CA CYS D 524 9.64 8.27 -0.99
C CYS D 524 8.60 8.83 -0.03
N GLY D 525 7.64 7.98 0.34
CA GLY D 525 6.56 8.39 1.21
C GLY D 525 6.45 7.52 2.45
N SER D 526 7.59 7.13 3.01
CA SER D 526 7.60 6.26 4.18
C SER D 526 8.60 6.83 5.19
N ASN D 527 8.49 6.35 6.43
CA ASN D 527 9.32 6.85 7.51
C ASN D 527 9.35 5.80 8.61
N SER D 528 10.53 5.68 9.23
CA SER D 528 10.68 4.80 10.38
C SER D 528 10.16 5.45 11.66
N TRP D 529 10.17 6.79 11.72
CA TRP D 529 9.71 7.51 12.89
C TRP D 529 8.19 7.64 12.85
N THR D 530 7.63 8.34 13.84
CA THR D 530 6.19 8.60 13.95
C THR D 530 6.00 10.11 14.00
N VAL D 531 5.75 10.72 12.85
CA VAL D 531 5.65 12.18 12.76
C VAL D 531 4.31 12.62 13.34
N VAL D 532 4.35 13.64 14.21
CA VAL D 532 3.15 14.19 14.83
C VAL D 532 3.26 15.71 14.81
N ASP D 533 2.12 16.37 14.61
CA ASP D 533 2.06 17.82 14.48
C ASP D 533 1.55 18.46 15.76
N ILE D 534 1.78 19.77 15.86
CA ILE D 534 1.25 20.60 16.94
C ILE D 534 1.19 22.05 16.47
N ASP D 535 0.05 22.69 16.68
CA ASP D 535 -0.16 24.08 16.31
C ASP D 535 0.66 25.00 17.20
N PRO D 536 1.06 26.19 16.72
CA PRO D 536 1.84 27.08 17.57
C PRO D 536 0.99 27.73 18.65
N PRO D 537 1.61 28.24 19.72
CA PRO D 537 0.84 28.99 20.71
C PRO D 537 0.65 30.45 20.34
N LEU D 538 0.03 31.24 21.22
CA LEU D 538 -0.13 32.66 21.00
C LEU D 538 1.01 33.44 21.66
N ARG D 539 1.14 34.71 21.31
CA ARG D 539 2.18 35.59 21.85
C ARG D 539 1.53 36.85 22.40
N SER D 540 2.00 37.29 23.57
CA SER D 540 1.36 38.42 24.24
C SER D 540 2.32 39.53 24.64
N ASN D 541 3.53 39.57 24.06
CA ASN D 541 4.59 40.55 24.35
C ASN D 541 4.95 40.57 25.84
N ASP D 542 5.03 39.37 26.41
CA ASP D 542 5.21 39.22 27.84
C ASP D 542 6.29 38.19 28.13
N PRO D 543 7.32 38.56 28.90
CA PRO D 543 8.35 37.56 29.28
C PRO D 543 7.78 36.42 30.12
N LYS D 544 6.93 36.73 31.10
CA LYS D 544 6.21 35.69 31.83
C LYS D 544 4.73 35.76 31.45
N SER D 545 4.25 34.68 30.85
CA SER D 545 2.86 34.51 30.43
C SER D 545 2.63 33.03 30.17
N GLN D 546 1.47 32.71 29.60
CA GLN D 546 1.12 31.33 29.23
C GLN D 546 1.49 31.12 27.76
N ASN D 547 2.79 31.22 27.46
CA ASN D 547 3.26 31.17 26.10
C ASN D 547 4.17 29.99 25.78
N HIS D 548 4.54 29.18 26.77
CA HIS D 548 5.34 27.99 26.51
C HIS D 548 4.52 26.96 25.75
N PRO D 549 4.98 26.48 24.60
CA PRO D 549 4.20 25.50 23.84
C PRO D 549 4.22 24.14 24.50
N GLY D 550 3.31 23.27 24.05
CA GLY D 550 3.18 21.96 24.66
C GLY D 550 2.57 20.95 23.69
N TRP D 551 2.75 19.68 24.06
CA TRP D 551 2.12 18.56 23.38
C TRP D 551 2.11 17.36 24.31
N LEU D 552 1.01 16.63 24.32
CA LEU D 552 0.84 15.45 25.16
C LEU D 552 1.01 14.19 24.30
N MET D 553 1.86 13.28 24.76
CA MET D 553 2.04 11.98 24.11
C MET D 553 1.33 10.91 24.93
N ARG D 554 0.50 10.11 24.26
CA ARG D 554 -0.39 9.17 24.94
C ARG D 554 -0.02 7.72 24.72
N GLY D 555 0.18 7.31 23.47
CA GLY D 555 0.41 5.91 23.15
C GLY D 555 1.80 5.41 23.49
N LEU D 556 2.03 5.16 24.78
CA LEU D 556 3.32 4.68 25.26
C LEU D 556 3.20 3.23 25.74
N LYS D 557 4.36 2.65 26.10
CA LYS D 557 4.48 1.33 26.69
C LYS D 557 5.28 1.42 27.99
N PRO D 558 5.00 0.57 28.97
CA PRO D 558 5.73 0.64 30.24
C PRO D 558 7.18 0.20 30.11
N TRP D 559 8.05 0.92 30.82
CA TRP D 559 9.49 0.65 30.95
C TRP D 559 10.21 0.60 29.60
N THR D 560 9.86 1.51 28.70
CA THR D 560 10.53 1.63 27.42
C THR D 560 11.45 2.86 27.47
N GLN D 561 12.30 3.01 26.45
CA GLN D 561 13.23 4.14 26.38
C GLN D 561 13.18 4.69 24.96
N TYR D 562 12.84 5.97 24.84
CA TYR D 562 12.51 6.59 23.56
C TYR D 562 13.53 7.64 23.19
N ALA D 563 13.41 8.14 21.95
CA ALA D 563 14.16 9.29 21.46
C ALA D 563 13.19 10.35 20.94
N ILE D 564 13.45 11.61 21.25
CA ILE D 564 12.55 12.72 20.94
C ILE D 564 13.37 13.96 20.60
N PHE D 565 12.85 14.75 19.64
CA PHE D 565 13.44 16.05 19.29
C PHE D 565 12.40 16.90 18.58
N VAL D 566 12.69 18.19 18.51
CA VAL D 566 11.75 19.20 18.03
C VAL D 566 12.30 19.87 16.77
N LYS D 567 11.45 19.97 15.75
CA LYS D 567 11.85 20.55 14.47
C LYS D 567 10.81 21.57 14.02
N THR D 568 11.26 22.80 13.80
CA THR D 568 10.35 23.86 13.35
C THR D 568 10.10 23.75 11.85
N LEU D 569 9.17 24.58 11.36
CA LEU D 569 8.82 24.59 9.94
C LEU D 569 8.33 25.99 9.59
N VAL D 570 9.17 26.78 8.92
CA VAL D 570 8.87 28.17 8.62
C VAL D 570 8.90 28.39 7.12
N THR D 571 8.45 29.56 6.71
CA THR D 571 8.41 29.94 5.31
C THR D 571 9.64 30.77 4.96
N PHE D 572 9.70 31.25 3.72
CA PHE D 572 10.88 31.95 3.20
C PHE D 572 10.51 33.39 2.86
N SER D 573 11.29 34.33 3.37
CA SER D 573 11.26 35.68 2.83
C SER D 573 11.90 35.68 1.44
N ASP D 574 11.61 36.73 0.66
CA ASP D 574 12.03 36.75 -0.74
C ASP D 574 13.47 37.23 -0.93
N GLU D 575 14.41 36.61 -0.20
CA GLU D 575 15.83 36.84 -0.40
C GLU D 575 16.65 35.57 -0.29
N ARG D 576 15.99 34.40 -0.19
CA ARG D 576 16.61 33.11 0.16
C ARG D 576 17.36 33.22 1.49
N ARG D 577 16.66 33.69 2.51
CA ARG D 577 17.20 33.87 3.86
C ARG D 577 16.23 33.23 4.85
N THR D 578 16.49 31.98 5.20
CA THR D 578 15.60 31.23 6.07
C THR D 578 16.07 31.28 7.53
N TYR D 579 15.24 30.73 8.41
CA TYR D 579 15.56 30.58 9.82
C TYR D 579 15.02 29.23 10.29
N GLY D 580 15.04 29.01 11.59
CA GLY D 580 14.55 27.77 12.15
C GLY D 580 15.36 27.39 13.37
N ALA D 581 15.04 26.22 13.92
CA ALA D 581 15.73 25.69 15.08
C ALA D 581 15.57 24.17 15.10
N LYS D 582 16.40 23.52 15.92
CA LYS D 582 16.32 22.08 16.11
C LYS D 582 16.92 21.73 17.47
N SER D 583 16.15 21.06 18.31
CA SER D 583 16.62 20.68 19.63
C SER D 583 17.59 19.51 19.55
N ASP D 584 18.17 19.19 20.70
CA ASP D 584 19.07 18.05 20.80
C ASP D 584 18.28 16.74 20.82
N ILE D 585 18.99 15.63 20.67
CA ILE D 585 18.37 14.32 20.77
C ILE D 585 18.35 13.91 22.24
N ILE D 586 17.17 13.93 22.84
CA ILE D 586 17.02 13.65 24.26
C ILE D 586 16.36 12.30 24.41
N TYR D 587 16.89 11.49 25.34
CA TYR D 587 16.37 10.16 25.60
C TYR D 587 15.51 10.18 26.86
N VAL D 588 14.29 9.66 26.74
CA VAL D 588 13.31 9.66 27.81
C VAL D 588 12.93 8.21 28.10
N GLN D 589 12.73 7.92 29.39
CA GLN D 589 12.44 6.58 29.87
C GLN D 589 11.25 6.64 30.82
N THR D 590 10.34 5.67 30.68
CA THR D 590 9.11 5.66 31.49
C THR D 590 9.22 5.03 32.88
N ASP D 591 8.06 4.73 33.48
CA ASP D 591 8.06 4.14 34.82
C ASP D 591 7.58 2.70 34.79
N ALA D 592 7.43 2.10 35.96
CA ALA D 592 7.02 0.71 36.03
C ALA D 592 5.63 0.52 36.59
N THR D 593 4.86 -0.33 35.95
CA THR D 593 3.54 -0.64 36.48
C THR D 593 3.64 -2.08 36.92
N ASN D 594 2.62 -2.58 37.62
CA ASN D 594 2.62 -3.98 37.98
C ASN D 594 2.54 -4.80 36.67
N PRO D 595 3.23 -5.99 36.57
CA PRO D 595 3.05 -6.67 35.27
C PRO D 595 1.70 -7.35 35.09
N SER D 596 1.59 -8.16 34.04
CA SER D 596 0.39 -8.93 33.77
C SER D 596 0.56 -10.34 34.34
N VAL D 597 -0.37 -11.24 34.01
CA VAL D 597 -0.36 -12.59 34.56
C VAL D 597 0.70 -13.43 33.86
N PRO D 598 1.27 -14.43 34.54
CA PRO D 598 2.13 -15.40 33.84
C PRO D 598 1.29 -16.32 32.95
N LEU D 599 1.67 -16.41 31.69
CA LEU D 599 0.85 -17.14 30.72
C LEU D 599 1.05 -18.65 30.81
N ASP D 600 0.00 -19.37 30.36
CA ASP D 600 -0.26 -20.81 30.17
C ASP D 600 0.52 -21.74 31.12
N PRO D 601 0.22 -21.72 32.41
CA PRO D 601 0.89 -22.67 33.32
C PRO D 601 0.39 -24.09 33.10
N ILE D 602 1.32 -25.04 33.22
CA ILE D 602 1.01 -26.46 33.08
C ILE D 602 1.63 -27.16 34.29
N SER D 603 1.11 -28.36 34.60
CA SER D 603 1.47 -29.00 35.85
C SER D 603 1.32 -30.52 35.71
N VAL D 604 2.43 -31.22 35.49
CA VAL D 604 2.46 -32.67 35.41
C VAL D 604 3.09 -33.21 36.70
N SER D 605 2.61 -34.35 37.17
CA SER D 605 3.16 -35.02 38.35
C SER D 605 3.95 -36.25 37.94
N ASN D 606 4.78 -36.74 38.87
CA ASN D 606 5.60 -37.92 38.62
C ASN D 606 5.70 -38.88 39.78
N SER D 607 5.02 -38.62 40.89
CA SER D 607 5.13 -39.48 42.06
C SER D 607 3.83 -39.40 42.84
N SER D 608 3.85 -39.86 44.09
CA SER D 608 2.67 -39.81 44.93
C SER D 608 2.54 -38.52 45.72
N SER D 609 3.60 -37.71 45.79
CA SER D 609 3.52 -36.47 46.56
C SER D 609 4.23 -35.29 45.89
N GLN D 610 4.42 -35.30 44.57
CA GLN D 610 5.13 -34.23 43.89
C GLN D 610 4.28 -33.64 42.77
N ILE D 611 4.40 -32.32 42.60
CA ILE D 611 3.94 -31.61 41.42
C ILE D 611 5.14 -30.84 40.87
N ILE D 612 5.30 -30.83 39.55
CA ILE D 612 6.21 -29.89 38.91
C ILE D 612 5.36 -28.94 38.10
N LEU D 613 5.87 -27.73 37.91
CA LEU D 613 5.15 -26.69 37.18
C LEU D 613 6.00 -26.16 36.04
N LYS D 614 5.33 -25.74 34.98
CA LYS D 614 5.95 -25.07 33.86
C LYS D 614 4.99 -24.00 33.37
N TRP D 615 5.49 -22.79 33.16
CA TRP D 615 4.67 -21.66 32.74
C TRP D 615 5.45 -20.88 31.69
N LYS D 616 4.98 -19.67 31.40
CA LYS D 616 5.79 -18.78 30.58
C LYS D 616 6.01 -17.48 31.34
N PRO D 617 7.11 -16.76 31.04
CA PRO D 617 7.23 -15.40 31.52
C PRO D 617 6.17 -14.52 30.87
N PRO D 618 5.72 -13.47 31.55
CA PRO D 618 4.56 -12.71 31.06
C PRO D 618 4.90 -11.92 29.80
N SER D 619 3.83 -11.42 29.16
CA SER D 619 3.98 -10.74 27.88
C SER D 619 4.67 -9.40 28.04
N ASP D 620 4.16 -8.55 28.93
CA ASP D 620 4.77 -7.27 29.26
C ASP D 620 5.32 -7.28 30.67
N PRO D 621 6.63 -7.47 30.85
CA PRO D 621 7.19 -7.55 32.21
C PRO D 621 7.17 -6.24 32.96
N ASN D 622 7.27 -5.11 32.25
CA ASN D 622 7.26 -3.75 32.81
C ASN D 622 8.37 -3.56 33.86
N GLY D 623 9.54 -4.12 33.58
CA GLY D 623 10.68 -3.98 34.46
C GLY D 623 11.43 -5.29 34.60
N ASN D 624 12.57 -5.20 35.29
CA ASN D 624 13.36 -6.38 35.63
C ASN D 624 12.61 -7.18 36.67
N ILE D 625 12.05 -8.32 36.26
CA ILE D 625 11.32 -9.18 37.18
C ILE D 625 12.30 -9.84 38.13
N THR D 626 12.17 -9.53 39.42
CA THR D 626 13.11 -10.09 40.40
C THR D 626 12.77 -11.53 40.72
N HIS D 627 11.49 -11.84 40.96
CA HIS D 627 11.16 -13.18 41.43
C HIS D 627 9.74 -13.53 41.00
N TYR D 628 9.33 -14.74 41.33
CA TYR D 628 7.95 -15.16 41.25
C TYR D 628 7.46 -15.50 42.65
N LEU D 629 6.18 -15.82 42.75
CA LEU D 629 5.57 -16.21 44.00
C LEU D 629 4.47 -17.22 43.71
N VAL D 630 4.43 -18.30 44.48
CA VAL D 630 3.51 -19.37 44.14
C VAL D 630 2.84 -19.88 45.42
N PHE D 631 1.52 -19.93 45.39
CA PHE D 631 0.73 -20.49 46.47
C PHE D 631 0.04 -21.75 46.00
N TRP D 632 -0.10 -22.71 46.90
CA TRP D 632 -0.88 -23.91 46.64
C TRP D 632 -1.82 -24.16 47.81
N GLU D 633 -3.09 -24.42 47.52
CA GLU D 633 -4.04 -24.77 48.55
C GLU D 633 -4.74 -26.06 48.15
N ARG D 634 -5.37 -26.70 49.13
CA ARG D 634 -6.04 -27.97 48.90
C ARG D 634 -7.49 -27.75 48.50
N GLN D 635 -7.93 -28.52 47.52
CA GLN D 635 -9.34 -28.64 47.18
C GLN D 635 -9.71 -30.08 47.51
N ALA D 636 -10.44 -30.26 48.62
CA ALA D 636 -10.56 -31.55 49.29
C ALA D 636 -11.26 -32.62 48.46
N GLU D 637 -12.56 -32.43 48.19
CA GLU D 637 -13.36 -33.44 47.50
C GLU D 637 -14.69 -32.80 47.10
N ASP D 638 -15.16 -33.11 45.90
CA ASP D 638 -16.43 -32.63 45.41
C ASP D 638 -17.54 -33.45 46.05
N SER D 639 -18.15 -32.91 47.11
CA SER D 639 -19.05 -33.67 47.97
C SER D 639 -20.35 -34.06 47.27
N GLU D 640 -20.76 -33.33 46.23
CA GLU D 640 -21.92 -33.75 45.44
C GLU D 640 -21.66 -35.00 44.61
N LEU D 641 -20.41 -35.46 44.52
CA LEU D 641 -20.11 -36.76 43.96
C LEU D 641 -20.49 -37.90 44.91
N PHE D 642 -20.82 -37.60 46.17
CA PHE D 642 -21.24 -38.60 47.15
C PHE D 642 -22.58 -39.28 46.85
N GLU D 643 -23.37 -38.76 45.91
CA GLU D 643 -24.75 -39.23 45.78
C GLU D 643 -25.05 -39.80 44.39
N LEU D 644 -24.16 -40.66 43.87
CA LEU D 644 -24.37 -41.29 42.57
C LEU D 644 -24.04 -42.77 42.66
N ASP D 645 -25.00 -43.62 42.28
CA ASP D 645 -24.75 -45.04 42.09
C ASP D 645 -23.89 -45.22 40.84
N TYR D 646 -22.62 -45.57 41.02
CA TYR D 646 -21.68 -45.55 39.92
C TYR D 646 -21.80 -46.76 38.99
N CYS D 647 -22.45 -47.84 39.41
CA CYS D 647 -22.60 -49.00 38.53
C CYS D 647 -23.90 -48.95 37.73
N LEU D 648 -24.16 -47.84 37.05
CA LEU D 648 -25.31 -47.74 36.15
C LEU D 648 -24.91 -47.28 34.76
N LYS D 649 -24.01 -46.30 34.64
CA LYS D 649 -23.61 -45.80 33.34
C LYS D 649 -22.09 -45.72 33.19
N GLY D 650 -21.37 -45.49 34.28
CA GLY D 650 -19.93 -45.33 34.20
C GLY D 650 -19.36 -44.34 35.21
N LEU D 651 -18.62 -43.35 34.72
CA LEU D 651 -17.93 -42.38 35.57
C LEU D 651 -18.46 -40.98 35.29
N LYS D 652 -18.69 -40.23 36.37
CA LYS D 652 -19.14 -38.84 36.22
C LYS D 652 -18.02 -37.95 35.72
N LEU D 653 -16.82 -38.09 36.26
CA LEU D 653 -15.68 -37.26 35.88
C LEU D 653 -15.06 -37.71 34.54
N PRO D 686 -2.19 11.51 5.94
CA PRO D 686 -1.16 11.64 4.90
C PRO D 686 -0.94 13.08 4.46
N LYS D 687 0.23 13.63 4.80
CA LYS D 687 0.59 14.99 4.42
C LYS D 687 1.50 14.96 3.20
N THR D 688 0.86 14.89 2.03
CA THR D 688 1.57 14.84 0.76
C THR D 688 2.22 16.18 0.44
N ASP D 689 3.06 16.17 -0.61
CA ASP D 689 3.87 17.34 -0.91
C ASP D 689 3.03 18.47 -1.52
N SER D 690 1.95 18.11 -2.22
CA SER D 690 1.05 19.14 -2.75
C SER D 690 0.26 19.81 -1.64
N GLN D 691 -0.01 19.10 -0.54
CA GLN D 691 -0.69 19.72 0.59
C GLN D 691 0.25 20.61 1.39
N ILE D 692 1.56 20.39 1.29
CA ILE D 692 2.52 21.25 1.98
C ILE D 692 2.60 22.61 1.31
N LEU D 693 2.62 22.64 -0.03
CA LEU D 693 2.78 23.90 -0.74
C LEU D 693 1.53 24.77 -0.65
N LYS D 694 0.34 24.19 -0.84
CA LYS D 694 -0.88 24.98 -0.84
C LYS D 694 -1.26 25.45 0.56
N GLU D 695 -0.89 24.70 1.60
CA GLU D 695 -1.10 25.20 2.96
C GLU D 695 -0.06 26.24 3.35
N LEU D 696 1.09 26.25 2.69
CA LEU D 696 2.06 27.31 2.95
C LEU D 696 1.79 28.54 2.09
N GLU D 697 1.02 28.39 1.01
CA GLU D 697 0.63 29.56 0.22
C GLU D 697 -0.45 30.36 0.93
N GLU D 698 -1.42 29.66 1.54
CA GLU D 698 -2.50 30.33 2.26
C GLU D 698 -2.01 31.08 3.50
N SER D 699 -0.93 30.61 4.13
CA SER D 699 -0.36 31.36 5.24
C SER D 699 0.41 32.58 4.76
N SER D 700 0.97 32.51 3.54
CA SER D 700 1.61 33.69 2.98
C SER D 700 0.61 34.62 2.32
N PHE D 701 -0.62 34.16 2.09
CA PHE D 701 -1.65 35.06 1.61
C PHE D 701 -2.24 35.90 2.74
N ARG D 702 -2.40 35.31 3.92
CA ARG D 702 -2.94 36.07 5.05
C ARG D 702 -1.89 37.00 5.64
N LYS D 703 -0.61 36.71 5.40
CA LYS D 703 0.42 37.64 5.84
C LYS D 703 0.45 38.86 4.93
N THR D 704 0.13 38.69 3.65
CA THR D 704 0.32 39.76 2.67
C THR D 704 -0.75 40.84 2.82
N PHE D 705 -2.00 40.45 3.12
CA PHE D 705 -3.08 41.43 3.19
C PHE D 705 -2.93 42.34 4.40
N GLU D 706 -2.69 41.76 5.59
CA GLU D 706 -2.53 42.61 6.77
C GLU D 706 -1.14 43.22 6.83
N ASP D 707 -0.28 42.92 5.85
CA ASP D 707 0.90 43.75 5.62
C ASP D 707 0.57 44.94 4.74
N TYR D 708 -0.47 44.81 3.89
CA TYR D 708 -0.87 45.93 3.05
C TYR D 708 -1.74 46.91 3.82
N LEU D 709 -2.52 46.43 4.80
CA LEU D 709 -3.49 47.28 5.47
C LEU D 709 -2.80 48.30 6.37
N HIS D 710 -1.68 47.94 6.99
CA HIS D 710 -0.92 48.90 7.80
C HIS D 710 -0.27 49.95 6.91
N ASN D 711 -0.09 49.65 5.63
CA ASN D 711 0.74 50.49 4.78
C ASN D 711 0.00 51.72 4.29
N VAL D 712 -1.33 51.74 4.31
CA VAL D 712 -2.06 52.89 3.77
C VAL D 712 -2.83 53.62 4.87
N VAL D 713 -3.03 52.99 6.03
CA VAL D 713 -3.82 53.66 7.06
C VAL D 713 -2.97 54.49 8.02
N PHE D 714 -1.66 54.28 8.07
CA PHE D 714 -0.76 55.15 8.82
C PHE D 714 0.03 56.00 7.84
N VAL D 715 -0.03 57.32 8.01
CA VAL D 715 0.64 58.22 7.08
C VAL D 715 1.58 59.11 7.89
N PRO D 716 2.86 59.18 7.54
CA PRO D 716 3.80 59.98 8.32
C PRO D 716 3.61 61.47 8.08
N ARG D 717 4.09 62.25 9.02
CA ARG D 717 4.01 63.70 8.96
C ARG D 717 5.19 64.25 8.17
N PRO D 718 4.96 65.22 7.28
CA PRO D 718 6.06 65.80 6.51
C PRO D 718 6.78 66.92 7.26
N HIS D 756 -4.30 -20.00 56.90
CA HIS D 756 -3.91 -19.59 55.56
C HIS D 756 -3.18 -20.72 54.83
N ARG D 757 -2.72 -20.43 53.61
CA ARG D 757 -2.04 -21.40 52.78
C ARG D 757 -0.54 -21.09 52.70
N PRO D 758 0.31 -22.09 52.54
CA PRO D 758 1.75 -21.83 52.46
C PRO D 758 2.12 -21.21 51.12
N PHE D 759 3.35 -20.70 51.06
CA PHE D 759 3.85 -19.98 49.91
C PHE D 759 5.27 -20.40 49.62
N GLU D 760 5.68 -20.21 48.36
CA GLU D 760 7.07 -20.43 48.00
C GLU D 760 7.52 -19.33 47.05
N LYS D 761 8.81 -19.01 47.13
CA LYS D 761 9.41 -17.88 46.45
C LYS D 761 10.51 -18.40 45.55
N VAL D 762 10.23 -18.52 44.26
CA VAL D 762 11.20 -18.98 43.27
C VAL D 762 11.78 -17.78 42.54
N VAL D 763 13.11 -17.73 42.47
CA VAL D 763 13.82 -16.66 41.78
C VAL D 763 14.43 -17.22 40.50
N ASN D 764 14.53 -16.36 39.47
CA ASN D 764 15.10 -16.50 38.12
C ASN D 764 14.97 -17.90 37.50
N LYS D 765 13.78 -18.48 37.60
CA LYS D 765 13.51 -19.81 37.09
C LYS D 765 12.09 -19.84 36.51
N GLU D 766 11.77 -20.92 35.80
CA GLU D 766 10.43 -21.10 35.26
C GLU D 766 9.87 -22.48 35.61
N SER D 767 10.23 -23.00 36.77
CA SER D 767 9.72 -24.28 37.23
C SER D 767 9.81 -24.34 38.74
N LEU D 768 9.12 -25.32 39.33
CA LEU D 768 9.10 -25.51 40.77
C LEU D 768 8.66 -26.93 41.08
N VAL D 769 9.39 -27.59 41.97
CA VAL D 769 9.07 -28.96 42.39
C VAL D 769 8.47 -28.91 43.80
N ILE D 770 7.14 -28.95 43.88
CA ILE D 770 6.46 -28.97 45.17
C ILE D 770 6.62 -30.34 45.80
N SER D 771 6.78 -30.38 47.13
CA SER D 771 6.88 -31.63 47.86
C SER D 771 5.97 -31.60 49.08
N GLY D 772 5.90 -32.72 49.78
CA GLY D 772 5.13 -32.85 51.01
C GLY D 772 3.64 -32.73 50.82
N LEU D 773 3.04 -33.62 50.03
CA LEU D 773 1.65 -33.51 49.63
C LEU D 773 0.90 -34.81 49.91
N ARG D 774 -0.43 -34.69 49.93
CA ARG D 774 -1.31 -35.85 50.04
C ARG D 774 -1.53 -36.46 48.66
N HIS D 775 -1.82 -37.76 48.64
CA HIS D 775 -1.95 -38.49 47.39
C HIS D 775 -3.35 -38.38 46.81
N PHE D 776 -3.42 -38.06 45.50
CA PHE D 776 -4.66 -37.99 44.71
C PHE D 776 -5.66 -36.99 45.29
N THR D 777 -5.17 -35.83 45.70
CA THR D 777 -6.01 -34.73 46.14
C THR D 777 -5.70 -33.51 45.30
N GLY D 778 -6.72 -32.97 44.64
CA GLY D 778 -6.49 -31.90 43.68
C GLY D 778 -6.12 -30.60 44.35
N TYR D 779 -4.98 -30.04 43.96
CA TYR D 779 -4.50 -28.77 44.49
C TYR D 779 -4.87 -27.65 43.54
N ARG D 780 -5.07 -26.46 44.09
CA ARG D 780 -5.24 -25.23 43.32
C ARG D 780 -4.02 -24.34 43.54
N ILE D 781 -3.41 -23.91 42.44
CA ILE D 781 -2.14 -23.21 42.47
C ILE D 781 -2.34 -21.82 41.88
N GLU D 782 -1.90 -20.80 42.64
CA GLU D 782 -1.95 -19.42 42.21
C GLU D 782 -0.53 -18.92 41.96
N LEU D 783 -0.35 -18.19 40.86
CA LEU D 783 0.95 -17.73 40.40
C LEU D 783 1.00 -16.21 40.40
N GLN D 784 2.14 -15.66 40.82
CA GLN D 784 2.40 -14.23 40.85
C GLN D 784 3.79 -14.00 40.26
N ALA D 785 3.95 -12.93 39.51
CA ALA D 785 5.26 -12.52 38.98
C ALA D 785 5.58 -11.15 39.54
N CYS D 786 6.65 -11.05 40.34
CA CYS D 786 6.82 -9.88 41.17
C CYS D 786 8.19 -9.27 40.91
N ASN D 787 8.19 -8.02 40.45
CA ASN D 787 9.33 -7.39 39.79
C ASN D 787 10.23 -6.57 40.72
N GLN D 788 9.66 -5.83 41.66
CA GLN D 788 10.46 -5.11 42.65
C GLN D 788 9.99 -5.56 44.03
N ASP D 789 10.96 -5.90 44.89
CA ASP D 789 10.67 -6.58 46.15
C ASP D 789 10.92 -5.73 47.38
N THR D 790 12.12 -5.16 47.51
CA THR D 790 12.55 -4.49 48.73
C THR D 790 11.76 -3.23 49.13
N PRO D 791 11.41 -2.28 48.22
CA PRO D 791 10.62 -1.15 48.78
C PRO D 791 9.10 -1.33 48.70
N GLU D 792 8.60 -2.22 49.57
CA GLU D 792 7.16 -2.50 49.76
C GLU D 792 6.49 -2.99 48.48
N GLU D 793 6.89 -4.21 48.12
CA GLU D 793 6.63 -4.84 46.81
C GLU D 793 5.20 -4.73 46.31
N ARG D 794 5.08 -4.73 44.98
CA ARG D 794 3.78 -4.76 44.29
C ARG D 794 3.92 -5.74 43.14
N CYS D 795 2.84 -6.44 42.83
CA CYS D 795 2.76 -7.34 41.67
C CYS D 795 1.32 -7.64 41.31
N SER D 796 1.14 -8.66 40.47
CA SER D 796 0.06 -8.73 39.52
C SER D 796 -1.14 -9.52 40.01
N VAL D 797 -2.15 -9.61 39.15
CA VAL D 797 -3.24 -10.55 39.36
C VAL D 797 -2.72 -11.97 39.23
N ALA D 798 -3.14 -12.84 40.13
CA ALA D 798 -2.66 -14.21 40.15
C ALA D 798 -3.23 -15.01 38.99
N ALA D 799 -2.41 -15.89 38.43
CA ALA D 799 -2.85 -16.84 37.43
C ALA D 799 -3.21 -18.14 38.12
N TYR D 800 -4.34 -18.73 37.72
CA TYR D 800 -4.91 -19.87 38.43
C TYR D 800 -4.73 -21.13 37.60
N VAL D 801 -4.37 -22.23 38.27
CA VAL D 801 -4.25 -23.52 37.59
C VAL D 801 -4.55 -24.59 38.62
N SER D 802 -4.89 -25.79 38.16
CA SER D 802 -5.21 -26.91 39.03
C SER D 802 -4.26 -28.07 38.74
N ALA D 803 -4.05 -28.91 39.74
CA ALA D 803 -3.11 -30.01 39.61
C ALA D 803 -3.62 -31.21 40.39
N ARG D 804 -3.15 -32.38 39.99
CA ARG D 804 -3.43 -33.63 40.68
C ARG D 804 -2.15 -34.42 40.88
N THR D 805 -2.16 -35.28 41.90
CA THR D 805 -1.03 -36.13 42.21
C THR D 805 -1.37 -37.57 41.85
N MET D 806 -0.37 -38.30 41.36
CA MET D 806 -0.59 -39.68 40.92
C MET D 806 -0.77 -40.58 42.14
N PRO D 807 -1.82 -41.40 42.19
CA PRO D 807 -2.15 -42.12 43.41
C PRO D 807 -1.29 -43.37 43.61
N GLU D 808 -1.22 -43.78 44.88
CA GLU D 808 -0.52 -44.98 45.28
C GLU D 808 -1.37 -46.22 45.00
N ALA D 809 -0.70 -47.32 44.65
CA ALA D 809 -1.41 -48.50 44.19
C ALA D 809 -1.85 -49.41 45.34
N LYS D 810 -1.06 -49.47 46.41
CA LYS D 810 -1.30 -50.44 47.48
C LYS D 810 -2.50 -50.05 48.34
N ALA D 811 -2.83 -48.76 48.40
CA ALA D 811 -3.71 -48.24 49.44
C ALA D 811 -5.19 -48.51 49.20
N ASP D 812 -5.57 -49.44 48.32
CA ASP D 812 -6.99 -49.72 48.08
C ASP D 812 -7.37 -51.16 48.42
N ASP D 813 -6.45 -51.96 48.94
CA ASP D 813 -6.76 -53.35 49.27
C ASP D 813 -7.50 -53.44 50.60
N ILE D 814 -8.44 -54.38 50.67
CA ILE D 814 -9.25 -54.60 51.86
C ILE D 814 -8.39 -55.26 52.93
N VAL D 815 -8.32 -54.63 54.10
CA VAL D 815 -7.49 -55.12 55.18
C VAL D 815 -8.26 -56.16 55.98
N GLY D 816 -7.67 -57.34 56.15
CA GLY D 816 -8.23 -58.38 56.98
C GLY D 816 -9.14 -59.31 56.22
N PRO D 817 -9.44 -60.47 56.82
CA PRO D 817 -10.39 -61.40 56.19
C PRO D 817 -11.82 -60.88 56.32
N VAL D 818 -12.59 -61.08 55.25
CA VAL D 818 -13.97 -60.59 55.22
C VAL D 818 -14.85 -61.52 56.03
N THR D 819 -15.56 -60.96 57.00
CA THR D 819 -16.31 -61.76 57.96
C THR D 819 -17.66 -62.17 57.38
N HIS D 820 -17.99 -63.44 57.54
CA HIS D 820 -19.27 -64.01 57.12
C HIS D 820 -20.17 -64.23 58.32
N GLU D 821 -21.46 -63.98 58.13
CA GLU D 821 -22.48 -64.24 59.13
C GLU D 821 -23.66 -64.93 58.45
N ILE D 822 -23.98 -66.13 58.93
CA ILE D 822 -24.91 -67.03 58.26
C ILE D 822 -26.26 -66.93 58.97
N PHE D 823 -27.22 -66.26 58.35
CA PHE D 823 -28.61 -66.34 58.79
C PHE D 823 -29.27 -67.56 58.15
N GLU D 824 -30.38 -68.00 58.76
CA GLU D 824 -31.02 -69.24 58.36
C GLU D 824 -31.84 -69.13 57.09
N ASN D 825 -32.35 -67.94 56.76
CA ASN D 825 -33.26 -67.77 55.63
C ASN D 825 -32.53 -67.37 54.35
N ASN D 826 -31.27 -67.84 54.22
CA ASN D 826 -30.48 -67.81 52.98
C ASN D 826 -30.17 -66.39 52.51
N VAL D 827 -30.17 -65.43 53.42
CA VAL D 827 -29.51 -64.15 53.22
C VAL D 827 -28.31 -64.11 54.17
N VAL D 828 -27.14 -63.76 53.64
CA VAL D 828 -25.90 -63.81 54.39
C VAL D 828 -25.33 -62.40 54.53
N HIS D 829 -24.64 -62.16 55.64
CA HIS D 829 -23.99 -60.89 55.92
C HIS D 829 -22.51 -61.04 55.65
N LEU D 830 -22.03 -60.37 54.61
CA LEU D 830 -20.59 -60.30 54.35
C LEU D 830 -20.14 -58.89 54.71
N MET D 831 -19.47 -58.75 55.86
CA MET D 831 -18.98 -57.44 56.27
C MET D 831 -17.46 -57.40 56.24
N TRP D 832 -16.94 -56.23 55.87
CA TRP D 832 -15.52 -55.96 55.86
C TRP D 832 -15.31 -54.51 56.28
N GLN D 833 -14.05 -54.12 56.41
CA GLN D 833 -13.71 -52.76 56.81
C GLN D 833 -13.08 -52.02 55.63
N GLU D 834 -13.38 -50.74 55.53
CA GLU D 834 -12.84 -49.94 54.44
C GLU D 834 -11.35 -49.67 54.67
N PRO D 835 -10.57 -49.59 53.59
CA PRO D 835 -9.13 -49.32 53.73
C PRO D 835 -8.87 -47.93 54.31
N LYS D 836 -7.89 -47.87 55.20
CA LYS D 836 -7.74 -46.74 56.12
C LYS D 836 -7.20 -45.48 55.48
N GLU D 837 -6.79 -45.53 54.21
CA GLU D 837 -6.31 -44.34 53.49
C GLU D 837 -6.56 -44.52 52.00
N PRO D 838 -7.79 -44.29 51.55
CA PRO D 838 -8.09 -44.44 50.13
C PRO D 838 -7.59 -43.24 49.33
N ASN D 839 -7.66 -43.37 48.01
CA ASN D 839 -7.23 -42.32 47.09
C ASN D 839 -8.49 -41.66 46.52
N GLY D 840 -8.92 -40.58 47.17
CA GLY D 840 -10.10 -39.84 46.77
C GLY D 840 -11.37 -40.35 47.41
N LEU D 841 -11.85 -41.50 46.96
CA LEU D 841 -13.10 -42.09 47.43
C LEU D 841 -13.16 -43.53 46.93
N ILE D 842 -13.82 -44.38 47.70
CA ILE D 842 -14.13 -45.75 47.30
C ILE D 842 -15.59 -45.78 46.90
N VAL D 843 -15.87 -45.96 45.62
CA VAL D 843 -17.21 -45.69 45.11
C VAL D 843 -18.05 -46.96 44.95
N LEU D 844 -17.42 -48.09 44.64
CA LEU D 844 -18.20 -49.31 44.43
C LEU D 844 -17.50 -50.49 45.11
N TYR D 845 -18.24 -51.58 45.26
CA TYR D 845 -17.64 -52.83 45.68
C TYR D 845 -18.05 -53.94 44.72
N GLU D 846 -17.07 -54.73 44.31
CA GLU D 846 -17.31 -55.91 43.50
C GLU D 846 -17.10 -57.13 44.38
N VAL D 847 -18.19 -57.80 44.73
CA VAL D 847 -18.16 -59.05 45.45
C VAL D 847 -18.47 -60.17 44.47
N SER D 848 -17.85 -61.32 44.66
CA SER D 848 -17.93 -62.40 43.69
C SER D 848 -17.97 -63.73 44.44
N TYR D 849 -19.17 -64.26 44.64
CA TYR D 849 -19.34 -65.59 45.23
C TYR D 849 -19.47 -66.61 44.10
N ARG D 850 -18.80 -67.75 44.25
CA ARG D 850 -18.85 -68.76 43.20
C ARG D 850 -18.63 -70.13 43.81
N ARG D 851 -19.49 -71.08 43.43
CA ARG D 851 -19.19 -72.49 43.70
C ARG D 851 -18.14 -72.97 42.72
N TYR D 852 -17.11 -73.64 43.24
CA TYR D 852 -16.01 -74.15 42.43
C TYR D 852 -16.52 -75.27 41.52
N GLY D 853 -16.67 -74.95 40.23
CA GLY D 853 -17.32 -75.81 39.28
C GLY D 853 -18.64 -75.27 38.74
N ASP D 854 -19.06 -74.10 39.21
CA ASP D 854 -20.30 -73.46 38.80
C ASP D 854 -19.96 -72.05 38.30
N GLU D 855 -20.90 -71.43 37.59
CA GLU D 855 -20.73 -70.10 37.04
C GLU D 855 -20.70 -69.04 38.15
N GLU D 856 -20.29 -67.84 37.75
CA GLU D 856 -20.19 -66.71 38.66
C GLU D 856 -21.25 -65.68 38.30
N LEU D 857 -21.82 -65.03 39.32
CA LEU D 857 -22.76 -63.93 39.15
C LEU D 857 -22.21 -62.73 39.90
N HIS D 858 -21.95 -61.64 39.17
CA HIS D 858 -21.38 -60.44 39.77
C HIS D 858 -22.46 -59.64 40.53
N LEU D 859 -22.04 -59.01 41.63
CA LEU D 859 -22.90 -58.12 42.40
C LEU D 859 -22.17 -56.80 42.63
N CYS D 860 -22.82 -55.70 42.27
CA CYS D 860 -22.33 -54.35 42.58
C CYS D 860 -22.92 -53.92 43.92
N VAL D 861 -22.04 -53.69 44.91
CA VAL D 861 -22.44 -53.14 46.19
C VAL D 861 -22.18 -51.64 46.17
N SER D 862 -23.24 -50.85 46.33
CA SER D 862 -23.11 -49.41 46.27
C SER D 862 -22.52 -48.87 47.57
N ARG D 863 -22.14 -47.59 47.52
CA ARG D 863 -21.63 -46.92 48.72
C ARG D 863 -22.75 -46.74 49.74
N LYS D 864 -23.97 -46.45 49.28
CA LYS D 864 -25.09 -46.21 50.18
C LYS D 864 -25.53 -47.47 50.89
N HIS D 865 -25.52 -48.61 50.20
CA HIS D 865 -25.88 -49.88 50.81
C HIS D 865 -24.88 -50.29 51.89
N PHE D 866 -23.59 -50.10 51.62
CA PHE D 866 -22.57 -50.37 52.63
C PHE D 866 -22.67 -49.40 53.79
N ALA D 867 -23.04 -48.14 53.52
CA ALA D 867 -23.16 -47.16 54.59
C ALA D 867 -24.36 -47.46 55.48
N LEU D 868 -25.45 -47.98 54.90
CA LEU D 868 -26.62 -48.28 55.72
C LEU D 868 -26.49 -49.62 56.45
N GLU D 869 -25.84 -50.62 55.85
CA GLU D 869 -25.88 -51.96 56.40
C GLU D 869 -24.58 -52.39 57.07
N ARG D 870 -23.48 -51.65 56.87
CA ARG D 870 -22.13 -51.98 57.36
C ARG D 870 -21.70 -53.37 56.90
N GLY D 871 -21.86 -53.62 55.60
CA GLY D 871 -21.57 -54.91 55.00
C GLY D 871 -22.39 -55.10 53.74
N CYS D 872 -22.76 -56.34 53.41
CA CYS D 872 -23.72 -56.57 52.35
C CYS D 872 -24.58 -57.78 52.70
N ARG D 873 -25.88 -57.64 52.47
CA ARG D 873 -26.84 -58.72 52.61
C ARG D 873 -27.04 -59.37 51.25
N LEU D 874 -26.48 -60.56 51.07
CA LEU D 874 -26.47 -61.23 49.78
C LEU D 874 -27.63 -62.21 49.74
N ARG D 875 -28.61 -61.91 48.89
CA ARG D 875 -29.81 -62.71 48.74
C ARG D 875 -29.66 -63.67 47.56
N GLY D 876 -30.40 -64.78 47.63
CA GLY D 876 -30.37 -65.77 46.58
C GLY D 876 -29.10 -66.60 46.60
N LEU D 877 -28.93 -67.38 47.65
CA LEU D 877 -27.72 -68.18 47.85
C LEU D 877 -28.11 -69.59 48.25
N SER D 878 -27.90 -70.54 47.33
CA SER D 878 -28.08 -71.94 47.66
C SER D 878 -26.99 -72.38 48.64
N PRO D 879 -27.24 -73.40 49.46
CA PRO D 879 -26.22 -73.83 50.44
C PRO D 879 -25.02 -74.49 49.77
N GLY D 880 -23.94 -74.60 50.55
CA GLY D 880 -22.70 -75.20 50.12
C GLY D 880 -21.52 -74.29 50.38
N ASN D 881 -20.34 -74.80 50.07
CA ASN D 881 -19.12 -74.01 50.17
C ASN D 881 -19.01 -73.09 48.96
N TYR D 882 -18.39 -71.94 49.16
CA TYR D 882 -18.26 -70.96 48.11
C TYR D 882 -16.92 -70.24 48.24
N SER D 883 -16.27 -70.01 47.10
CA SER D 883 -15.10 -69.14 47.04
C SER D 883 -15.59 -67.73 46.73
N VAL D 884 -15.29 -66.78 47.61
CA VAL D 884 -15.81 -65.43 47.50
C VAL D 884 -14.62 -64.47 47.42
N ARG D 885 -14.61 -63.66 46.38
CA ARG D 885 -13.56 -62.67 46.11
C ARG D 885 -14.15 -61.28 46.35
N ILE D 886 -13.42 -60.45 47.09
CA ILE D 886 -13.89 -59.13 47.48
C ILE D 886 -12.94 -58.09 46.89
N ARG D 887 -13.49 -57.02 46.32
CA ARG D 887 -12.68 -55.90 45.88
C ARG D 887 -13.50 -54.62 46.02
N ALA D 888 -12.80 -53.49 46.14
CA ALA D 888 -13.44 -52.19 46.29
C ALA D 888 -12.91 -51.27 45.21
N THR D 889 -13.77 -50.90 44.28
CA THR D 889 -13.39 -50.03 43.17
C THR D 889 -13.44 -48.57 43.63
N SER D 890 -12.28 -47.94 43.58
CA SER D 890 -12.06 -46.54 43.91
C SER D 890 -11.96 -45.74 42.61
N LEU D 891 -11.57 -44.46 42.73
CA LEU D 891 -11.46 -43.61 41.56
C LEU D 891 -10.15 -43.80 40.80
N ALA D 892 -9.25 -44.66 41.28
CA ALA D 892 -8.01 -44.90 40.56
C ALA D 892 -8.12 -46.14 39.67
N GLY D 893 -8.40 -47.29 40.28
CA GLY D 893 -8.47 -48.52 39.52
C GLY D 893 -8.77 -49.69 40.43
N ASN D 894 -8.31 -50.86 40.01
CA ASN D 894 -8.49 -52.05 40.84
C ASN D 894 -7.42 -52.11 41.92
N GLY D 895 -7.77 -52.76 43.02
CA GLY D 895 -6.79 -53.07 44.04
C GLY D 895 -6.30 -54.48 43.85
N SER D 896 -6.74 -55.38 44.72
CA SER D 896 -6.50 -56.81 44.56
C SER D 896 -7.63 -57.57 45.25
N TRP D 897 -7.87 -58.79 44.78
CA TRP D 897 -8.88 -59.63 45.40
C TRP D 897 -8.36 -60.18 46.71
N THR D 898 -9.28 -60.50 47.62
CA THR D 898 -8.91 -61.06 48.91
C THR D 898 -8.80 -62.58 48.79
N GLU D 899 -8.71 -63.24 49.94
CA GLU D 899 -8.75 -64.69 49.97
C GLU D 899 -10.14 -65.19 49.59
N PRO D 900 -10.26 -66.43 49.07
CA PRO D 900 -11.59 -66.97 48.80
C PRO D 900 -12.32 -67.27 50.11
N THR D 901 -13.33 -66.45 50.42
CA THR D 901 -13.97 -66.46 51.73
C THR D 901 -14.84 -67.70 51.85
N TYR D 902 -14.35 -68.67 52.62
CA TYR D 902 -15.00 -69.96 52.78
C TYR D 902 -15.92 -69.92 54.00
N PHE D 903 -17.21 -69.77 53.77
CA PHE D 903 -18.21 -70.16 54.76
C PHE D 903 -18.79 -71.49 54.30
N TYR D 904 -18.57 -72.54 55.09
CA TYR D 904 -18.80 -73.91 54.65
C TYR D 904 -19.73 -74.62 55.61
N VAL D 905 -20.64 -75.42 55.06
CA VAL D 905 -21.47 -76.34 55.84
C VAL D 905 -21.27 -77.74 55.26
N THR D 906 -21.09 -78.72 56.15
CA THR D 906 -20.77 -80.08 55.71
C THR D 906 -22.00 -80.75 55.10
N ASP D 907 -21.84 -81.27 53.90
CA ASP D 907 -22.93 -81.94 53.20
C ASP D 907 -23.19 -83.33 53.79
N HIS E 1 -39.89 60.04 -3.05
CA HIS E 1 -38.73 60.48 -3.83
C HIS E 1 -37.80 59.30 -4.10
N LEU E 2 -36.71 59.56 -4.83
CA LEU E 2 -35.75 58.52 -5.17
C LEU E 2 -34.47 58.65 -4.35
N TYR E 3 -33.75 59.77 -4.47
CA TYR E 3 -32.55 60.07 -3.69
C TYR E 3 -32.78 61.42 -3.02
N PRO E 4 -33.41 61.44 -1.85
CA PRO E 4 -33.85 62.73 -1.29
C PRO E 4 -32.76 63.53 -0.63
N GLY E 5 -31.60 62.94 -0.36
CA GLY E 5 -30.56 63.59 0.39
C GLY E 5 -29.56 64.34 -0.47
N GLU E 6 -28.43 64.68 0.14
CA GLU E 6 -27.37 65.43 -0.49
C GLU E 6 -26.22 64.51 -0.86
N VAL E 7 -25.61 64.75 -2.03
CA VAL E 7 -24.44 64.00 -2.46
C VAL E 7 -23.27 64.41 -1.56
N CYS E 8 -22.36 63.49 -1.31
CA CYS E 8 -21.52 63.58 -0.11
C CYS E 8 -20.20 62.86 -0.31
N PRO E 9 -19.07 63.56 -0.34
CA PRO E 9 -17.78 62.91 -0.68
C PRO E 9 -17.23 62.01 0.41
N GLY E 10 -16.07 61.41 0.15
CA GLY E 10 -15.60 60.32 0.99
C GLY E 10 -14.99 60.81 2.29
N MET E 11 -15.07 59.96 3.32
CA MET E 11 -14.71 60.36 4.67
C MET E 11 -13.87 59.30 5.35
N ASP E 12 -12.99 59.75 6.26
CA ASP E 12 -12.26 58.89 7.18
C ASP E 12 -12.50 59.36 8.60
N ILE E 13 -12.81 58.43 9.49
CA ILE E 13 -13.20 58.72 10.87
C ILE E 13 -12.23 58.06 11.81
N ARG E 14 -11.50 58.86 12.59
CA ARG E 14 -10.43 58.32 13.45
C ARG E 14 -10.44 58.98 14.82
N ASN E 15 -10.10 58.17 15.84
CA ASN E 15 -9.78 58.53 17.22
C ASN E 15 -10.92 59.07 18.07
N ASN E 16 -12.09 59.34 17.49
CA ASN E 16 -13.21 59.93 18.21
C ASN E 16 -14.51 59.64 17.49
N LEU E 17 -15.58 60.21 18.03
CA LEU E 17 -16.90 60.17 17.42
C LEU E 17 -17.35 61.53 16.92
N THR E 18 -16.55 62.58 17.14
CA THR E 18 -16.97 63.92 16.80
C THR E 18 -16.99 64.12 15.29
N ARG E 19 -16.10 63.44 14.57
CA ARG E 19 -16.08 63.55 13.12
C ARG E 19 -17.20 62.79 12.44
N LEU E 20 -17.93 61.93 13.16
CA LEU E 20 -19.02 61.19 12.54
C LEU E 20 -20.26 62.03 12.30
N HIS E 21 -20.35 63.22 12.91
CA HIS E 21 -21.58 63.99 12.84
C HIS E 21 -21.81 64.64 11.47
N GLU E 22 -20.81 64.65 10.58
CA GLU E 22 -20.98 65.24 9.26
C GLU E 22 -21.58 64.26 8.26
N LEU E 23 -22.09 63.13 8.71
CA LEU E 23 -22.87 62.21 7.89
C LEU E 23 -24.36 62.29 8.20
N GLU E 24 -24.86 63.49 8.52
CA GLU E 24 -26.20 63.66 9.04
C GLU E 24 -27.28 63.40 7.97
N ASN E 25 -27.11 63.98 6.79
CA ASN E 25 -28.11 63.85 5.72
C ASN E 25 -27.46 63.52 4.39
N CYS E 26 -26.53 62.56 4.39
CA CYS E 26 -25.91 62.13 3.15
C CYS E 26 -26.63 60.88 2.66
N SER E 27 -26.80 60.79 1.34
CA SER E 27 -27.65 59.76 0.76
C SER E 27 -26.87 58.86 -0.19
N VAL E 28 -25.77 59.35 -0.72
CA VAL E 28 -24.89 58.57 -1.57
C VAL E 28 -23.45 59.03 -1.33
N ILE E 29 -22.55 58.09 -1.11
CA ILE E 29 -21.17 58.42 -0.85
C ILE E 29 -20.34 58.04 -2.05
N GLU E 30 -20.10 58.97 -2.97
CA GLU E 30 -19.07 58.69 -3.96
C GLU E 30 -17.70 58.92 -3.33
N GLY E 31 -16.76 58.05 -3.68
CA GLY E 31 -15.64 57.89 -2.78
C GLY E 31 -15.91 56.72 -1.85
N HIS E 32 -15.00 56.50 -0.91
CA HIS E 32 -15.13 55.42 0.04
C HIS E 32 -15.46 55.93 1.43
N LEU E 33 -15.78 55.00 2.33
CA LEU E 33 -16.16 55.32 3.70
C LEU E 33 -15.44 54.35 4.64
N GLN E 34 -14.57 54.90 5.47
CA GLN E 34 -13.77 54.11 6.40
C GLN E 34 -14.11 54.51 7.82
N ILE E 35 -14.05 53.54 8.74
CA ILE E 35 -14.19 53.78 10.17
C ILE E 35 -13.02 53.07 10.84
N LEU E 36 -12.04 53.83 11.30
CA LEU E 36 -10.79 53.24 11.73
C LEU E 36 -10.37 53.75 13.10
N LEU E 37 -9.81 52.83 13.89
CA LEU E 37 -8.92 53.11 15.02
C LEU E 37 -9.60 53.95 16.10
N MET E 38 -10.58 53.32 16.74
CA MET E 38 -11.34 53.94 17.83
C MET E 38 -11.20 53.05 19.06
N PHE E 39 -10.39 53.48 20.02
CA PHE E 39 -10.07 52.66 21.18
C PHE E 39 -10.90 53.05 22.40
N LYS E 40 -10.98 54.34 22.72
CA LYS E 40 -11.69 54.80 23.92
C LYS E 40 -13.16 54.98 23.57
N THR E 41 -13.88 53.87 23.52
CA THR E 41 -15.31 53.91 23.19
C THR E 41 -16.03 52.76 23.89
N ARG E 42 -16.90 53.11 24.82
CA ARG E 42 -17.74 52.15 25.52
C ARG E 42 -18.86 51.68 24.61
N PRO E 43 -19.43 50.50 24.86
CA PRO E 43 -20.51 50.01 23.98
C PRO E 43 -21.83 50.72 24.19
N GLU E 44 -21.95 51.50 25.26
CA GLU E 44 -23.23 52.08 25.63
C GLU E 44 -23.61 53.32 24.82
N ASP E 45 -22.68 53.96 24.12
CA ASP E 45 -23.06 55.19 23.42
C ASP E 45 -23.23 55.01 21.91
N PHE E 46 -23.10 53.80 21.38
CA PHE E 46 -23.52 53.54 20.01
C PHE E 46 -25.01 53.23 19.88
N ARG E 47 -25.75 53.19 20.98
CA ARG E 47 -27.18 52.92 20.90
C ARG E 47 -27.97 54.10 20.38
N ASP E 48 -27.45 55.32 20.50
CA ASP E 48 -28.17 56.53 20.10
C ASP E 48 -27.58 57.19 18.86
N LEU E 49 -26.92 56.41 18.01
CA LEU E 49 -26.40 56.92 16.75
C LEU E 49 -26.95 56.08 15.62
N SER E 50 -27.58 56.74 14.66
CA SER E 50 -28.19 56.03 13.53
C SER E 50 -28.12 56.91 12.30
N PHE E 51 -27.85 56.28 11.17
CA PHE E 51 -27.77 56.97 9.87
C PHE E 51 -28.86 56.41 8.98
N PRO E 52 -30.06 56.98 8.98
CA PRO E 52 -31.18 56.34 8.29
C PRO E 52 -31.10 56.38 6.77
N LYS E 53 -30.76 57.52 6.20
CA LYS E 53 -30.94 57.72 4.77
C LYS E 53 -29.73 57.35 3.93
N LEU E 54 -28.80 56.57 4.45
CA LEU E 54 -27.68 56.10 3.64
C LEU E 54 -28.16 54.96 2.76
N ILE E 55 -27.99 55.09 1.45
CA ILE E 55 -28.63 54.20 0.48
C ILE E 55 -27.61 53.41 -0.34
N MET E 56 -26.71 54.09 -1.04
CA MET E 56 -25.68 53.36 -1.76
C MET E 56 -24.30 54.02 -1.60
N ILE E 57 -23.27 53.19 -1.51
CA ILE E 57 -21.88 53.60 -1.34
C ILE E 57 -21.11 53.10 -2.55
N THR E 58 -20.44 54.01 -3.26
CA THR E 58 -19.96 53.63 -4.60
C THR E 58 -18.70 52.78 -4.58
N ASP E 59 -17.70 53.10 -3.74
CA ASP E 59 -16.42 52.41 -3.88
C ASP E 59 -16.28 51.16 -3.00
N TYR E 60 -16.21 51.35 -1.67
CA TYR E 60 -16.07 50.23 -0.74
C TYR E 60 -16.30 50.75 0.67
N LEU E 61 -16.17 49.84 1.63
CA LEU E 61 -16.43 50.11 3.05
C LEU E 61 -15.41 49.33 3.85
N LEU E 62 -14.60 50.03 4.64
CA LEU E 62 -13.58 49.37 5.45
C LEU E 62 -13.80 49.74 6.90
N LEU E 63 -13.88 48.72 7.76
CA LEU E 63 -13.97 48.90 9.20
C LEU E 63 -12.85 48.09 9.82
N PHE E 64 -12.00 48.73 10.62
CA PHE E 64 -10.83 48.06 11.15
C PHE E 64 -10.49 48.62 12.53
N ARG E 65 -10.55 47.73 13.53
CA ARG E 65 -10.14 47.97 14.92
C ARG E 65 -10.96 49.12 15.55
N VAL E 66 -12.24 48.83 15.74
CA VAL E 66 -13.11 49.69 16.55
C VAL E 66 -13.51 48.90 17.78
N TYR E 67 -13.96 49.61 18.81
CA TYR E 67 -14.39 48.99 20.05
C TYR E 67 -15.77 49.50 20.43
N GLY E 68 -16.74 48.60 20.46
CA GLY E 68 -18.04 48.95 21.01
C GLY E 68 -19.18 48.82 20.03
N LEU E 69 -18.92 48.25 18.86
CA LEU E 69 -19.97 47.99 17.88
C LEU E 69 -20.41 46.54 18.04
N GLU E 70 -21.56 46.35 18.69
CA GLU E 70 -22.11 45.02 18.86
C GLU E 70 -22.74 44.47 17.60
N SER E 71 -23.47 45.30 16.84
CA SER E 71 -24.03 44.90 15.58
C SER E 71 -24.21 46.15 14.73
N LEU E 72 -24.05 45.99 13.41
CA LEU E 72 -24.07 47.12 12.51
C LEU E 72 -25.46 47.67 12.24
N LYS E 73 -26.52 47.01 12.72
CA LYS E 73 -27.87 47.45 12.41
C LYS E 73 -28.31 48.68 13.21
N ASP E 74 -27.42 49.25 14.03
CA ASP E 74 -27.69 50.56 14.61
C ASP E 74 -27.24 51.68 13.67
N LEU E 75 -26.15 51.49 12.93
CA LEU E 75 -25.58 52.52 12.10
C LEU E 75 -26.08 52.52 10.66
N PHE E 76 -26.07 51.38 9.98
CA PHE E 76 -26.31 51.31 8.54
C PHE E 76 -27.49 50.40 8.24
N PRO E 77 -28.71 50.86 8.49
CA PRO E 77 -29.85 49.98 8.32
C PRO E 77 -30.29 49.83 6.87
N ASN E 78 -29.91 50.75 6.00
CA ASN E 78 -30.58 50.85 4.71
C ASN E 78 -29.62 50.94 3.52
N LEU E 79 -28.39 50.46 3.63
CA LEU E 79 -27.57 50.45 2.44
C LEU E 79 -27.90 49.21 1.62
N THR E 80 -28.30 49.43 0.36
CA THR E 80 -28.86 48.34 -0.45
C THR E 80 -27.83 47.82 -1.44
N VAL E 81 -27.11 48.71 -2.11
CA VAL E 81 -26.07 48.30 -3.04
C VAL E 81 -24.78 49.05 -2.73
N ILE E 82 -23.69 48.31 -2.69
CA ILE E 82 -22.37 48.91 -2.77
C ILE E 82 -21.76 48.50 -4.09
N ARG E 83 -21.26 49.48 -4.82
CA ARG E 83 -21.11 49.34 -6.26
C ARG E 83 -19.72 48.92 -6.68
N GLY E 84 -18.66 49.47 -6.10
CA GLY E 84 -17.33 48.99 -6.42
C GLY E 84 -16.72 49.52 -7.70
N SER E 85 -16.58 50.84 -7.84
CA SER E 85 -15.79 51.38 -8.93
C SER E 85 -14.30 51.34 -8.58
N ARG E 86 -13.96 51.69 -7.34
CA ARG E 86 -12.60 51.64 -6.84
C ARG E 86 -12.54 50.63 -5.70
N LEU E 87 -11.84 49.53 -5.92
CA LEU E 87 -11.85 48.44 -4.96
C LEU E 87 -10.78 48.68 -3.90
N PHE E 88 -10.52 47.67 -3.08
CA PHE E 88 -9.51 47.77 -2.03
C PHE E 88 -8.87 46.38 -1.91
N PHE E 89 -7.76 46.17 -2.61
CA PHE E 89 -7.07 44.88 -2.73
C PHE E 89 -8.01 43.77 -3.18
N ASN E 90 -8.67 44.04 -4.32
CA ASN E 90 -9.78 43.28 -4.92
C ASN E 90 -10.83 42.79 -3.90
N TYR E 91 -11.21 43.65 -2.95
CA TYR E 91 -12.38 43.41 -2.11
C TYR E 91 -13.20 44.68 -2.06
N ALA E 92 -14.52 44.52 -2.01
CA ALA E 92 -15.44 45.64 -2.03
C ALA E 92 -16.10 45.91 -0.70
N LEU E 93 -15.94 44.99 0.25
CA LEU E 93 -16.35 45.15 1.63
C LEU E 93 -15.39 44.35 2.48
N VAL E 94 -14.68 45.01 3.38
CA VAL E 94 -13.71 44.32 4.22
C VAL E 94 -13.91 44.74 5.67
N ILE E 95 -14.16 43.75 6.52
CA ILE E 95 -14.33 43.95 7.96
C ILE E 95 -13.22 43.16 8.63
N PHE E 96 -12.26 43.87 9.20
CA PHE E 96 -11.01 43.25 9.61
C PHE E 96 -10.72 43.63 11.05
N GLU E 97 -10.72 42.63 11.92
CA GLU E 97 -10.20 42.66 13.29
C GLU E 97 -10.96 43.68 14.14
N MET E 98 -12.26 43.45 14.25
CA MET E 98 -13.05 44.02 15.32
C MET E 98 -12.99 43.09 16.52
N VAL E 99 -13.30 43.62 17.70
CA VAL E 99 -13.25 42.82 18.92
C VAL E 99 -14.64 42.51 19.48
N HIS E 100 -15.61 43.42 19.31
CA HIS E 100 -16.91 43.22 19.94
C HIS E 100 -18.08 43.11 18.95
N LEU E 101 -17.82 42.72 17.70
CA LEU E 101 -18.92 42.50 16.76
C LEU E 101 -19.59 41.18 17.09
N LYS E 102 -20.88 41.20 17.42
CA LYS E 102 -21.63 39.98 17.66
C LYS E 102 -22.43 39.51 16.44
N GLU E 103 -23.13 40.43 15.78
CA GLU E 103 -24.04 40.11 14.70
C GLU E 103 -23.71 41.02 13.53
N LEU E 104 -23.87 40.49 12.30
CA LEU E 104 -23.50 41.28 11.13
C LEU E 104 -24.50 42.40 10.87
N GLY E 105 -25.79 42.08 10.88
CA GLY E 105 -26.82 43.09 10.97
C GLY E 105 -27.09 43.92 9.74
N LEU E 106 -26.32 43.77 8.67
CA LEU E 106 -26.50 44.54 7.44
C LEU E 106 -27.64 43.91 6.65
N TYR E 107 -28.85 44.04 7.19
CA TYR E 107 -29.94 43.14 6.80
C TYR E 107 -30.66 43.57 5.53
N ASN E 108 -30.22 44.64 4.88
CA ASN E 108 -30.93 45.17 3.72
C ASN E 108 -30.08 45.09 2.45
N LEU E 109 -28.87 44.55 2.55
CA LEU E 109 -27.91 44.52 1.44
C LEU E 109 -28.36 43.55 0.36
N MET E 110 -28.43 44.04 -0.88
CA MET E 110 -28.94 43.23 -1.99
C MET E 110 -27.87 42.85 -3.01
N ASN E 111 -27.20 43.82 -3.61
CA ASN E 111 -26.38 43.53 -4.78
C ASN E 111 -25.04 44.22 -4.64
N ILE E 112 -23.98 43.43 -4.48
CA ILE E 112 -22.61 43.93 -4.62
C ILE E 112 -22.21 43.75 -6.08
N THR E 113 -22.04 44.86 -6.80
CA THR E 113 -21.85 44.77 -8.25
C THR E 113 -20.46 44.26 -8.62
N ARG E 114 -19.41 44.94 -8.18
CA ARG E 114 -18.06 44.62 -8.59
C ARG E 114 -17.17 44.40 -7.37
N GLY E 115 -16.62 43.21 -7.25
CA GLY E 115 -15.69 42.90 -6.19
C GLY E 115 -16.08 41.67 -5.40
N SER E 116 -15.51 41.57 -4.20
CA SER E 116 -15.73 40.45 -3.31
C SER E 116 -15.76 40.98 -1.88
N VAL E 117 -16.06 40.09 -0.94
CA VAL E 117 -16.16 40.47 0.46
C VAL E 117 -15.27 39.55 1.28
N ARG E 118 -14.54 40.14 2.23
CA ARG E 118 -13.62 39.40 3.09
C ARG E 118 -13.90 39.78 4.53
N ILE E 119 -14.50 38.87 5.29
CA ILE E 119 -14.82 39.09 6.69
C ILE E 119 -13.84 38.26 7.49
N GLU E 120 -12.90 38.91 8.17
CA GLU E 120 -11.74 38.25 8.73
C GLU E 120 -11.59 38.59 10.21
N LYS E 121 -11.18 37.58 10.99
CA LYS E 121 -10.50 37.72 12.29
C LYS E 121 -11.37 38.47 13.31
N ASN E 122 -12.47 37.84 13.70
CA ASN E 122 -13.34 38.44 14.73
C ASN E 122 -13.52 37.43 15.85
N ASN E 123 -13.26 37.86 17.07
CA ASN E 123 -13.31 36.95 18.20
C ASN E 123 -14.68 36.84 18.84
N GLU E 124 -15.71 37.49 18.28
CA GLU E 124 -17.07 37.37 18.80
C GLU E 124 -18.13 37.22 17.73
N LEU E 125 -17.78 37.18 16.45
CA LEU E 125 -18.78 37.26 15.39
C LEU E 125 -19.51 35.93 15.20
N CYS E 126 -20.83 36.00 15.16
CA CYS E 126 -21.65 34.83 14.92
C CYS E 126 -22.48 35.14 13.68
N TYR E 127 -23.30 34.16 13.25
CA TYR E 127 -24.20 34.25 12.10
C TYR E 127 -23.45 34.50 10.80
N LEU E 128 -22.49 33.65 10.47
CA LEU E 128 -21.81 33.77 9.17
C LEU E 128 -22.16 32.61 8.25
N ALA E 129 -22.67 31.51 8.79
CA ALA E 129 -23.08 30.37 7.99
C ALA E 129 -24.54 30.44 7.57
N THR E 130 -25.18 31.60 7.76
CA THR E 130 -26.59 31.80 7.45
C THR E 130 -26.85 33.00 6.55
N ILE E 131 -25.94 33.33 5.65
CA ILE E 131 -26.07 34.57 4.88
C ILE E 131 -26.55 34.29 3.46
N ASP E 132 -26.14 33.15 2.89
CA ASP E 132 -26.37 32.77 1.48
C ASP E 132 -25.79 33.83 0.54
N TRP E 133 -24.45 33.90 0.57
CA TRP E 133 -23.71 34.93 -0.17
C TRP E 133 -23.88 34.83 -1.68
N SER E 134 -24.17 33.64 -2.21
CA SER E 134 -24.14 33.44 -3.65
C SER E 134 -25.27 34.16 -4.37
N ARG E 135 -26.29 34.64 -3.64
CA ARG E 135 -27.33 35.44 -4.27
C ARG E 135 -27.01 36.93 -4.15
N ILE E 136 -26.25 37.34 -3.14
CA ILE E 136 -26.04 38.76 -2.90
C ILE E 136 -25.02 39.35 -3.85
N LEU E 137 -23.80 38.82 -3.87
CA LEU E 137 -22.82 39.28 -4.84
C LEU E 137 -22.71 38.25 -5.95
N ASP E 138 -22.37 38.72 -7.14
CA ASP E 138 -22.60 37.92 -8.35
C ASP E 138 -21.45 36.97 -8.67
N SER E 139 -20.33 37.05 -7.96
CA SER E 139 -19.33 35.99 -7.94
C SER E 139 -19.36 35.31 -6.58
N VAL E 140 -18.78 34.12 -6.48
CA VAL E 140 -18.85 33.40 -5.21
C VAL E 140 -17.52 32.80 -4.77
N GLU E 141 -16.54 32.64 -5.65
CA GLU E 141 -15.35 31.88 -5.26
C GLU E 141 -14.27 32.79 -4.68
N ASP E 142 -14.38 34.10 -4.91
CA ASP E 142 -13.30 35.02 -4.59
C ASP E 142 -13.36 35.50 -3.15
N ASN E 143 -14.34 35.06 -2.36
CA ASN E 143 -14.45 35.46 -0.98
C ASN E 143 -13.40 34.77 -0.13
N HIS E 144 -13.27 35.23 1.11
CA HIS E 144 -12.34 34.63 2.07
CA HIS E 144 -12.34 34.63 2.07
C HIS E 144 -12.89 34.89 3.47
N ILE E 145 -13.53 33.89 4.05
CA ILE E 145 -14.12 34.00 5.38
C ILE E 145 -13.49 32.89 6.22
N VAL E 146 -12.41 33.21 6.92
CA VAL E 146 -11.74 32.25 7.80
C VAL E 146 -11.45 32.90 9.14
N LEU E 147 -11.08 32.04 10.10
CA LEU E 147 -10.50 32.41 11.40
C LEU E 147 -11.46 33.30 12.18
N ASN E 148 -12.57 32.72 12.60
CA ASN E 148 -13.66 33.49 13.19
C ASN E 148 -14.11 32.78 14.46
N LYS E 149 -15.24 33.21 15.01
CA LYS E 149 -15.91 32.44 16.05
C LYS E 149 -16.81 31.36 15.45
N ASP E 150 -17.18 31.49 14.18
CA ASP E 150 -17.90 30.44 13.48
C ASP E 150 -16.97 29.45 12.78
N ASP E 151 -15.77 29.26 13.32
CA ASP E 151 -14.97 28.11 12.91
C ASP E 151 -15.55 26.81 13.44
N ASN E 152 -16.27 26.88 14.55
CA ASN E 152 -17.05 25.76 15.07
C ASN E 152 -18.53 26.11 15.04
N GLU E 153 -19.38 25.09 14.97
CA GLU E 153 -20.82 25.27 15.04
C GLU E 153 -21.21 25.38 16.52
N GLU E 154 -20.97 26.57 17.08
CA GLU E 154 -21.16 26.77 18.51
C GLU E 154 -21.87 28.06 18.90
N CYS E 155 -22.29 28.91 17.96
CA CYS E 155 -22.97 30.16 18.28
C CYS E 155 -24.47 30.02 18.49
N GLY E 156 -25.04 28.84 18.66
CA GLY E 156 -26.48 28.82 18.83
C GLY E 156 -27.21 28.72 17.50
N ASP E 157 -27.41 29.87 16.86
CA ASP E 157 -27.96 30.05 15.52
C ASP E 157 -29.44 29.70 15.47
N ILE E 158 -30.24 30.41 16.26
CA ILE E 158 -31.69 30.29 16.22
C ILE E 158 -32.25 31.38 15.30
N CYS E 159 -33.20 30.99 14.43
CA CYS E 159 -33.91 31.96 13.61
C CYS E 159 -35.36 31.54 13.47
N PRO E 160 -36.32 32.43 13.79
CA PRO E 160 -37.74 32.11 13.65
C PRO E 160 -38.22 32.25 12.20
N CYS E 169 -36.58 34.82 4.99
CA CYS E 169 -36.33 33.44 5.41
C CYS E 169 -37.06 32.38 4.58
N PRO E 170 -36.52 32.08 3.40
CA PRO E 170 -37.14 31.06 2.55
C PRO E 170 -36.72 29.65 2.93
N ALA E 171 -35.60 29.54 3.64
CA ALA E 171 -34.84 28.30 3.84
C ALA E 171 -34.56 27.64 2.49
N THR E 172 -33.71 28.33 1.72
CA THR E 172 -33.47 28.00 0.32
C THR E 172 -32.72 26.66 0.20
N VAL E 173 -32.75 26.13 -1.01
CA VAL E 173 -32.21 24.81 -1.32
C VAL E 173 -31.11 24.93 -2.38
N ILE E 174 -30.33 26.01 -2.30
CA ILE E 174 -29.23 26.24 -3.23
C ILE E 174 -28.16 25.15 -3.10
N ASN E 175 -27.84 24.76 -1.88
CA ASN E 175 -26.98 23.61 -1.64
C ASN E 175 -27.84 22.35 -1.55
N GLY E 176 -27.24 21.25 -1.12
CA GLY E 176 -27.96 20.00 -1.03
C GLY E 176 -28.72 19.76 0.26
N GLN E 177 -28.78 20.73 1.16
CA GLN E 177 -29.37 20.54 2.47
C GLN E 177 -30.47 21.56 2.70
N PHE E 178 -31.36 21.23 3.65
CA PHE E 178 -32.49 22.10 4.02
C PHE E 178 -32.11 22.94 5.24
N VAL E 179 -31.30 23.97 4.99
CA VAL E 179 -30.87 24.89 6.03
C VAL E 179 -31.59 26.24 5.82
N GLU E 180 -31.71 27.01 6.89
CA GLU E 180 -32.44 28.28 6.88
C GLU E 180 -31.44 29.43 6.89
N ARG E 181 -31.75 30.50 6.16
CA ARG E 181 -30.86 31.64 5.95
C ARG E 181 -31.46 32.90 6.56
N CYS E 182 -30.75 33.49 7.52
CA CYS E 182 -31.26 34.66 8.25
C CYS E 182 -30.12 35.60 8.60
N TRP E 183 -30.41 36.90 8.69
CA TRP E 183 -29.37 37.87 8.99
C TRP E 183 -29.06 37.93 10.49
N THR E 184 -30.03 38.32 11.29
CA THR E 184 -29.87 38.49 12.73
C THR E 184 -30.82 37.59 13.50
N HIS E 185 -30.88 37.84 14.81
CA HIS E 185 -31.83 37.18 15.71
C HIS E 185 -33.27 37.37 15.28
N SER E 186 -33.64 38.57 14.81
CA SER E 186 -35.03 38.88 14.53
C SER E 186 -35.21 39.57 13.17
N HIS E 187 -34.34 39.27 12.21
CA HIS E 187 -34.55 39.68 10.83
C HIS E 187 -34.14 38.55 9.91
N CYS E 188 -35.06 38.12 9.08
CA CYS E 188 -34.79 37.12 8.06
C CYS E 188 -34.80 37.76 6.68
N GLN E 189 -33.90 37.30 5.82
CA GLN E 189 -33.64 37.97 4.55
C GLN E 189 -34.68 37.61 3.52
N LYS E 190 -34.68 38.37 2.43
CA LYS E 190 -35.69 38.31 1.39
C LYS E 190 -35.13 37.68 0.12
N VAL E 191 -35.58 36.47 -0.20
CA VAL E 191 -35.39 35.88 -1.52
C VAL E 191 -36.78 35.48 -2.02
N CYS E 192 -37.28 36.23 -3.00
CA CYS E 192 -38.63 36.11 -3.55
C CYS E 192 -38.54 35.32 -4.85
N PRO E 193 -39.63 34.95 -5.55
CA PRO E 193 -39.50 34.13 -6.77
C PRO E 193 -38.63 34.72 -7.87
N THR E 194 -37.98 33.82 -8.62
CA THR E 194 -36.83 34.10 -9.44
C THR E 194 -37.17 34.34 -10.91
N ILE E 195 -38.35 34.89 -11.20
CA ILE E 195 -38.68 35.23 -12.58
C ILE E 195 -37.88 36.45 -13.04
N CYS E 196 -37.98 37.56 -12.31
CA CYS E 196 -37.09 38.69 -12.50
C CYS E 196 -35.97 38.60 -11.46
N LYS E 197 -34.73 38.59 -11.95
CA LYS E 197 -33.61 38.23 -11.10
C LYS E 197 -33.20 39.36 -10.18
N SER E 198 -32.76 40.48 -10.74
CA SER E 198 -32.30 41.62 -9.96
C SER E 198 -33.10 42.89 -10.24
N HIS E 199 -34.36 42.74 -10.63
CA HIS E 199 -35.18 43.87 -11.03
C HIS E 199 -36.07 44.39 -9.91
N GLY E 200 -35.80 44.01 -8.68
CA GLY E 200 -36.56 44.49 -7.55
C GLY E 200 -37.79 43.64 -7.27
N CYS E 201 -38.32 43.81 -6.06
CA CYS E 201 -39.28 42.85 -5.53
C CYS E 201 -40.03 43.45 -4.35
N THR E 202 -41.35 43.22 -4.32
CA THR E 202 -42.20 43.67 -3.24
C THR E 202 -42.41 42.54 -2.25
N ALA E 203 -43.31 42.76 -1.28
CA ALA E 203 -43.55 41.75 -0.25
C ALA E 203 -44.35 40.58 -0.79
N GLU E 204 -45.42 40.86 -1.53
CA GLU E 204 -46.32 39.83 -2.04
C GLU E 204 -45.91 39.30 -3.41
N GLY E 205 -44.63 39.41 -3.77
CA GLY E 205 -44.09 38.71 -4.91
C GLY E 205 -44.28 39.37 -6.27
N LEU E 206 -44.96 40.51 -6.32
CA LEU E 206 -45.17 41.18 -7.59
C LEU E 206 -43.88 41.86 -8.04
N CYS E 207 -43.51 41.63 -9.30
CA CYS E 207 -42.25 42.15 -9.81
C CYS E 207 -42.36 43.63 -10.19
N CYS E 208 -41.23 44.31 -10.09
CA CYS E 208 -41.17 45.76 -10.21
C CYS E 208 -40.90 46.17 -11.66
N HIS E 209 -40.56 47.45 -11.85
CA HIS E 209 -40.05 47.93 -13.13
C HIS E 209 -38.69 47.31 -13.40
N SER E 210 -38.31 47.28 -14.68
CA SER E 210 -37.07 46.63 -15.10
C SER E 210 -35.83 47.36 -14.58
N GLU E 211 -35.91 48.68 -14.44
CA GLU E 211 -34.74 49.48 -14.06
C GLU E 211 -34.73 49.81 -12.57
N CYS E 212 -34.61 48.78 -11.73
CA CYS E 212 -34.55 48.94 -10.29
C CYS E 212 -33.76 47.80 -9.65
N LEU E 213 -33.25 48.08 -8.45
CA LEU E 213 -32.63 47.10 -7.56
C LEU E 213 -33.18 47.24 -6.16
N GLY E 214 -33.14 46.13 -5.40
CA GLY E 214 -33.56 46.15 -4.01
C GLY E 214 -35.06 46.29 -3.84
N ASN E 215 -35.45 47.12 -2.89
CA ASN E 215 -36.86 47.30 -2.56
C ASN E 215 -37.58 48.09 -3.66
N CYS E 216 -38.89 48.15 -3.50
CA CYS E 216 -39.75 48.99 -4.33
C CYS E 216 -40.83 49.60 -3.44
N SER E 217 -41.23 50.82 -3.77
CA SER E 217 -42.34 51.43 -3.05
C SER E 217 -43.67 51.00 -3.66
N GLN E 218 -43.86 51.30 -4.95
CA GLN E 218 -44.98 50.79 -5.72
C GLN E 218 -44.46 50.09 -6.97
N PRO E 219 -45.06 48.98 -7.37
CA PRO E 219 -44.53 48.23 -8.51
C PRO E 219 -44.78 48.92 -9.84
N ASP E 220 -43.79 48.78 -10.74
CA ASP E 220 -43.78 49.34 -12.10
C ASP E 220 -43.96 50.86 -12.06
N ASP E 221 -43.00 51.55 -11.45
CA ASP E 221 -42.97 53.01 -11.47
C ASP E 221 -41.51 53.43 -11.47
N PRO E 222 -41.01 54.06 -12.53
CA PRO E 222 -39.63 54.56 -12.54
C PRO E 222 -39.45 55.91 -11.84
N THR E 223 -40.43 56.36 -11.07
CA THR E 223 -40.34 57.63 -10.34
C THR E 223 -40.14 57.43 -8.85
N LYS E 224 -40.79 56.41 -8.27
CA LYS E 224 -40.70 56.13 -6.84
C LYS E 224 -39.98 54.83 -6.54
N CYS E 225 -38.87 54.57 -7.23
CA CYS E 225 -37.97 53.48 -6.91
C CYS E 225 -36.97 53.98 -5.86
N VAL E 226 -36.10 53.11 -5.36
CA VAL E 226 -35.22 53.45 -4.24
C VAL E 226 -33.74 53.29 -4.58
N ALA E 227 -33.37 52.26 -5.33
CA ALA E 227 -31.95 51.97 -5.57
C ALA E 227 -31.77 51.74 -7.06
N CYS E 228 -31.47 52.81 -7.79
CA CYS E 228 -31.66 52.81 -9.23
C CYS E 228 -30.39 52.24 -9.88
N ARG E 229 -30.45 51.89 -11.16
CA ARG E 229 -29.48 50.94 -11.72
C ARG E 229 -28.46 51.54 -12.66
N ASN E 230 -28.88 52.12 -13.78
CA ASN E 230 -27.96 52.50 -14.84
C ASN E 230 -27.46 53.92 -14.68
N PHE E 231 -28.35 54.91 -14.63
CA PHE E 231 -27.96 56.28 -14.37
C PHE E 231 -29.03 56.90 -13.49
N TYR E 232 -28.97 58.22 -13.32
CA TYR E 232 -29.95 58.91 -12.50
C TYR E 232 -30.20 60.27 -13.12
N LEU E 233 -31.48 60.67 -13.18
CA LEU E 233 -31.83 61.94 -13.82
C LEU E 233 -33.15 62.41 -13.23
N ASP E 234 -33.08 63.40 -12.33
CA ASP E 234 -34.20 64.22 -11.87
C ASP E 234 -35.31 63.36 -11.24
N GLY E 235 -34.90 62.40 -10.42
CA GLY E 235 -35.85 61.55 -9.75
C GLY E 235 -36.39 60.41 -10.57
N ARG E 236 -35.81 60.11 -11.72
CA ARG E 236 -36.23 58.98 -12.54
C ARG E 236 -35.05 58.04 -12.76
N CYS E 237 -35.31 57.00 -13.54
CA CYS E 237 -34.29 56.08 -14.01
C CYS E 237 -34.40 55.93 -15.52
N VAL E 238 -33.38 56.40 -16.23
CA VAL E 238 -33.36 56.39 -17.69
C VAL E 238 -32.21 55.47 -18.12
N GLU E 239 -32.48 54.63 -19.13
CA GLU E 239 -31.48 53.65 -19.58
C GLU E 239 -30.28 54.34 -20.19
N THR E 240 -30.50 55.31 -21.07
CA THR E 240 -29.44 56.14 -21.66
C THR E 240 -29.99 57.57 -21.68
N CYS E 241 -29.41 58.44 -20.86
CA CYS E 241 -29.98 59.76 -20.66
C CYS E 241 -29.62 60.69 -21.83
N PRO E 242 -30.57 61.52 -22.28
CA PRO E 242 -30.46 62.17 -23.60
C PRO E 242 -29.40 63.25 -23.62
N PRO E 243 -28.93 63.68 -24.79
CA PRO E 243 -27.84 64.65 -24.85
C PRO E 243 -28.29 66.10 -24.79
N PRO E 244 -29.22 66.48 -23.90
CA PRO E 244 -28.95 67.67 -23.10
C PRO E 244 -28.09 67.39 -21.89
N TYR E 245 -27.80 66.12 -21.62
CA TYR E 245 -27.02 65.70 -20.46
C TYR E 245 -25.98 64.67 -20.89
N TYR E 246 -24.95 64.52 -20.05
CA TYR E 246 -23.87 63.57 -20.29
C TYR E 246 -23.72 62.66 -19.08
N HIS E 247 -23.09 61.50 -19.29
CA HIS E 247 -22.82 60.59 -18.19
C HIS E 247 -21.72 61.15 -17.29
N PHE E 248 -21.74 60.71 -16.04
CA PHE E 248 -20.76 61.14 -15.04
C PHE E 248 -20.67 60.08 -13.96
N GLN E 249 -19.46 59.55 -13.75
CA GLN E 249 -19.11 58.52 -12.77
C GLN E 249 -19.96 57.26 -12.86
N ASP E 250 -20.50 56.99 -14.06
CA ASP E 250 -21.51 55.97 -14.40
C ASP E 250 -22.60 55.78 -13.33
N TRP E 251 -23.07 56.87 -12.73
CA TRP E 251 -24.33 56.82 -11.99
C TRP E 251 -25.19 58.07 -12.14
N ARG E 252 -24.68 59.16 -12.70
CA ARG E 252 -25.40 60.42 -12.74
C ARG E 252 -25.60 60.83 -14.19
N CYS E 253 -26.41 61.87 -14.37
CA CYS E 253 -26.38 62.72 -15.56
C CYS E 253 -26.48 64.16 -15.10
N VAL E 254 -25.65 65.03 -15.68
CA VAL E 254 -25.53 66.39 -15.19
C VAL E 254 -25.28 67.30 -16.39
N ASN E 255 -25.67 68.57 -16.24
CA ASN E 255 -25.72 69.50 -17.36
C ASN E 255 -24.32 70.06 -17.69
N PHE E 256 -24.30 71.00 -18.64
CA PHE E 256 -23.05 71.54 -19.15
C PHE E 256 -22.34 72.41 -18.12
N SER E 257 -23.08 73.07 -17.24
CA SER E 257 -22.50 74.03 -16.31
C SER E 257 -21.62 73.37 -15.25
N PHE E 258 -21.84 72.09 -14.97
CA PHE E 258 -21.11 71.41 -13.90
C PHE E 258 -19.75 70.90 -14.37
N CYS E 259 -19.70 70.27 -15.54
CA CYS E 259 -18.47 69.68 -16.04
C CYS E 259 -17.46 70.72 -16.53
N GLN E 260 -17.80 72.02 -16.52
CA GLN E 260 -16.86 73.03 -16.97
C GLN E 260 -16.15 73.74 -15.81
N ASP E 261 -16.85 74.08 -14.73
CA ASP E 261 -16.27 74.96 -13.72
C ASP E 261 -15.28 74.25 -12.80
N LEU E 262 -15.23 72.92 -12.83
CA LEU E 262 -14.20 72.20 -12.08
C LEU E 262 -12.82 72.38 -12.69
N HIS E 263 -12.74 72.83 -13.94
CA HIS E 263 -11.46 73.26 -14.50
C HIS E 263 -10.89 74.44 -13.73
N HIS E 264 -11.73 75.43 -13.44
CA HIS E 264 -11.27 76.70 -12.90
C HIS E 264 -10.80 76.60 -11.46
N LYS E 265 -11.18 75.55 -10.74
CA LYS E 265 -10.68 75.35 -9.38
C LYS E 265 -9.25 74.82 -9.40
N CYS E 266 -9.04 73.65 -10.01
CA CYS E 266 -7.75 72.99 -9.97
C CYS E 266 -6.98 73.09 -11.28
N LYS E 267 -7.21 74.15 -12.06
CA LYS E 267 -6.14 74.61 -12.95
C LYS E 267 -5.06 75.33 -12.17
N ASN E 268 -5.43 75.90 -11.01
CA ASN E 268 -4.47 76.35 -10.00
C ASN E 268 -4.22 75.15 -9.09
N SER E 269 -3.17 74.40 -9.42
CA SER E 269 -2.93 73.07 -8.86
C SER E 269 -2.46 73.19 -7.40
N ARG E 270 -3.43 73.36 -6.51
CA ARG E 270 -3.16 73.35 -5.07
C ARG E 270 -3.01 71.94 -4.53
N ARG E 271 -3.47 70.93 -5.26
CA ARG E 271 -3.28 69.54 -4.89
C ARG E 271 -3.37 68.71 -6.16
N GLN E 272 -2.47 67.73 -6.29
CA GLN E 272 -2.35 66.92 -7.49
C GLN E 272 -3.30 65.73 -7.52
N GLY E 273 -4.39 65.77 -6.77
CA GLY E 273 -5.39 64.72 -6.79
C GLY E 273 -6.57 65.09 -7.67
N CYS E 274 -6.79 66.38 -7.87
CA CYS E 274 -7.84 66.86 -8.75
C CYS E 274 -7.55 66.52 -10.21
N HIS E 275 -8.60 66.51 -11.02
CA HIS E 275 -8.49 66.23 -12.44
C HIS E 275 -9.35 67.21 -13.23
N GLN E 276 -8.78 67.75 -14.30
CA GLN E 276 -9.51 68.68 -15.16
C GLN E 276 -10.48 67.91 -16.05
N TYR E 277 -11.76 67.91 -15.69
CA TYR E 277 -12.73 67.06 -16.38
C TYR E 277 -13.07 67.64 -17.74
N VAL E 278 -12.87 66.85 -18.79
CA VAL E 278 -13.04 67.31 -20.17
C VAL E 278 -14.03 66.40 -20.87
N ILE E 279 -14.90 66.99 -21.68
CA ILE E 279 -16.00 66.27 -22.30
C ILE E 279 -15.48 65.46 -23.48
N HIS E 280 -15.90 64.19 -23.56
CA HIS E 280 -15.52 63.29 -24.64
C HIS E 280 -16.55 62.18 -24.74
N ASN E 281 -17.22 62.11 -25.90
CA ASN E 281 -18.14 61.02 -26.26
C ASN E 281 -19.27 60.86 -25.24
N ASN E 282 -19.89 61.99 -24.88
CA ASN E 282 -20.98 62.08 -23.91
C ASN E 282 -20.57 61.60 -22.52
N LYS E 283 -19.28 61.73 -22.18
CA LYS E 283 -18.78 61.41 -20.86
C LYS E 283 -18.03 62.61 -20.31
N CYS E 284 -18.03 62.76 -18.99
CA CYS E 284 -17.22 63.77 -18.31
C CYS E 284 -16.01 63.02 -17.75
N ILE E 285 -15.02 62.78 -18.61
CA ILE E 285 -13.87 61.92 -18.34
C ILE E 285 -12.67 62.77 -17.91
N PRO E 286 -11.88 62.33 -16.91
CA PRO E 286 -10.76 63.18 -16.42
C PRO E 286 -9.65 63.43 -17.43
N GLU E 287 -9.03 62.40 -17.98
CA GLU E 287 -7.99 62.58 -19.00
C GLU E 287 -8.50 62.01 -20.31
N CYS E 288 -8.47 62.83 -21.36
CA CYS E 288 -8.93 62.37 -22.67
C CYS E 288 -7.92 61.37 -23.21
N PRO E 289 -8.35 60.21 -23.72
CA PRO E 289 -7.43 59.07 -23.91
C PRO E 289 -6.42 59.22 -25.03
N SER E 290 -5.65 58.14 -25.25
CA SER E 290 -4.50 58.16 -26.14
C SER E 290 -4.92 58.42 -27.59
N GLY E 291 -4.13 59.23 -28.29
CA GLY E 291 -4.46 59.65 -29.63
C GLY E 291 -5.39 60.83 -29.69
N TYR E 292 -5.49 61.62 -28.62
CA TYR E 292 -6.37 62.77 -28.58
C TYR E 292 -5.74 63.85 -27.73
N THR E 293 -6.00 65.11 -28.10
CA THR E 293 -5.59 66.27 -27.31
C THR E 293 -6.79 67.19 -27.11
N MET E 294 -6.74 67.95 -26.01
CA MET E 294 -7.74 68.96 -25.72
C MET E 294 -7.38 70.26 -26.44
N ASN E 295 -8.39 70.99 -26.88
CA ASN E 295 -8.14 72.30 -27.45
C ASN E 295 -7.95 73.34 -26.35
N SER E 296 -7.91 74.61 -26.76
CA SER E 296 -7.63 75.68 -25.81
C SER E 296 -8.84 75.98 -24.91
N SER E 297 -9.95 76.39 -25.51
CA SER E 297 -11.06 76.95 -24.74
C SER E 297 -12.29 76.05 -24.66
N ASN E 298 -12.71 75.45 -25.76
CA ASN E 298 -14.05 74.89 -25.84
C ASN E 298 -14.21 73.54 -25.15
N LEU E 299 -13.11 72.94 -24.69
CA LEU E 299 -13.08 71.71 -23.88
C LEU E 299 -13.83 70.53 -24.53
N LEU E 300 -13.33 70.11 -25.70
CA LEU E 300 -13.69 68.83 -26.30
C LEU E 300 -12.42 68.06 -26.65
N CYS E 301 -12.59 66.96 -27.39
CA CYS E 301 -11.48 66.16 -27.87
C CYS E 301 -11.53 66.05 -29.39
N THR E 302 -10.40 66.32 -30.03
CA THR E 302 -10.27 66.34 -31.47
C THR E 302 -9.26 65.30 -31.93
N PRO E 303 -9.39 64.77 -33.14
CA PRO E 303 -8.38 63.83 -33.67
C PRO E 303 -7.01 64.48 -33.79
N CYS E 304 -5.98 63.68 -33.50
CA CYS E 304 -4.62 64.19 -33.40
C CYS E 304 -3.92 64.22 -34.76
N LEU E 305 -2.98 65.14 -34.89
CA LEU E 305 -2.06 65.12 -36.02
C LEU E 305 -0.91 64.15 -35.71
N GLY E 306 -0.79 63.10 -36.52
CA GLY E 306 0.12 62.02 -36.21
C GLY E 306 -0.32 61.25 -34.99
N PRO E 307 0.61 60.52 -34.36
CA PRO E 307 0.31 59.91 -33.06
C PRO E 307 0.69 60.84 -31.92
N CYS E 308 -0.16 60.89 -30.89
CA CYS E 308 0.16 61.57 -29.64
C CYS E 308 -0.27 60.65 -28.50
N PRO E 309 0.67 59.94 -27.88
CA PRO E 309 0.30 59.00 -26.83
C PRO E 309 0.16 59.69 -25.48
N LYS E 310 -0.58 59.02 -24.59
CA LYS E 310 -0.66 59.48 -23.21
C LYS E 310 0.47 58.82 -22.44
N VAL E 311 1.56 59.57 -22.25
CA VAL E 311 2.71 59.02 -21.55
C VAL E 311 2.40 58.91 -20.06
N CYS E 312 2.67 57.75 -19.49
CA CYS E 312 2.10 57.34 -18.22
C CYS E 312 3.23 57.37 -17.19
N HIS E 313 3.53 58.57 -16.70
CA HIS E 313 4.76 58.86 -15.99
C HIS E 313 4.77 58.23 -14.60
N LEU E 314 5.47 57.12 -14.46
CA LEU E 314 5.43 56.31 -13.27
C LEU E 314 6.38 56.85 -12.21
N LEU E 315 5.88 57.02 -10.99
CA LEU E 315 6.69 57.56 -9.91
C LEU E 315 7.69 56.53 -9.41
N GLU E 316 8.85 57.03 -8.96
CA GLU E 316 9.96 56.40 -8.24
C GLU E 316 10.69 55.33 -9.04
N GLY E 317 10.27 55.03 -10.27
CA GLY E 317 10.96 54.09 -11.12
C GLY E 317 10.52 52.64 -11.03
N GLU E 318 9.63 52.30 -10.10
CA GLU E 318 9.14 50.93 -9.98
C GLU E 318 7.66 50.95 -9.63
N LYS E 319 7.00 49.82 -9.89
CA LYS E 319 5.62 49.61 -9.49
C LYS E 319 5.50 48.12 -9.17
N THR E 320 4.58 47.78 -8.27
CA THR E 320 4.42 46.40 -7.85
C THR E 320 2.94 46.04 -7.97
N ILE E 321 2.58 45.39 -9.08
CA ILE E 321 1.20 45.00 -9.33
C ILE E 321 0.82 43.87 -8.39
N ASP E 322 -0.08 44.14 -7.44
CA ASP E 322 -0.54 43.14 -6.49
C ASP E 322 -1.98 42.72 -6.71
N SER E 323 -2.85 43.64 -7.12
CA SER E 323 -4.28 43.37 -7.24
C SER E 323 -4.89 44.47 -8.08
N VAL E 324 -6.22 44.48 -8.14
CA VAL E 324 -6.89 45.42 -9.03
C VAL E 324 -7.04 46.79 -8.39
N THR E 325 -6.46 47.02 -7.22
CA THR E 325 -6.33 48.38 -6.71
C THR E 325 -5.11 49.05 -7.32
N SER E 326 -4.00 48.33 -7.46
CA SER E 326 -2.80 48.91 -8.05
C SER E 326 -2.82 48.85 -9.57
N ALA E 327 -3.43 47.81 -10.14
CA ALA E 327 -3.60 47.73 -11.59
C ALA E 327 -4.76 48.57 -12.10
N GLN E 328 -5.40 49.37 -11.24
CA GLN E 328 -6.42 50.32 -11.64
C GLN E 328 -5.82 51.63 -12.13
N GLU E 329 -4.63 51.99 -11.64
CA GLU E 329 -4.07 53.30 -11.92
C GLU E 329 -3.44 53.38 -13.30
N LEU E 330 -3.10 52.25 -13.92
CA LEU E 330 -2.54 52.23 -15.26
C LEU E 330 -3.61 52.09 -16.34
N ARG E 331 -4.85 52.45 -16.03
CA ARG E 331 -5.94 52.33 -17.00
C ARG E 331 -5.79 53.42 -18.05
N GLY E 332 -5.66 53.00 -19.31
CA GLY E 332 -5.71 53.91 -20.43
C GLY E 332 -4.39 54.56 -20.79
N CYS E 333 -3.33 54.32 -20.02
CA CYS E 333 -2.05 54.88 -20.40
C CYS E 333 -1.27 53.86 -21.22
N THR E 334 -0.39 54.36 -22.09
CA THR E 334 0.10 53.57 -23.21
C THR E 334 1.61 53.42 -23.24
N VAL E 335 2.36 54.44 -22.87
CA VAL E 335 3.82 54.39 -22.87
C VAL E 335 4.30 54.56 -21.45
N ILE E 336 4.65 53.46 -20.80
CA ILE E 336 5.14 53.50 -19.43
C ILE E 336 6.59 53.94 -19.46
N ASN E 337 6.92 54.98 -18.71
CA ASN E 337 8.29 55.49 -18.65
C ASN E 337 9.08 54.91 -17.49
N GLY E 338 8.72 53.72 -17.04
CA GLY E 338 9.45 53.10 -15.95
C GLY E 338 9.55 51.61 -16.16
N SER E 339 9.54 50.87 -15.06
CA SER E 339 9.59 49.42 -15.13
C SER E 339 8.50 48.81 -14.24
N LEU E 340 7.98 47.66 -14.66
CA LEU E 340 6.92 46.98 -13.95
C LEU E 340 7.42 45.68 -13.36
N ILE E 341 7.04 45.40 -12.12
CA ILE E 341 7.15 44.09 -11.51
C ILE E 341 5.77 43.46 -11.62
N ILE E 342 5.68 42.14 -11.54
CA ILE E 342 4.41 41.46 -11.36
C ILE E 342 4.58 40.47 -10.22
N ASN E 343 3.82 40.67 -9.15
CA ASN E 343 3.92 39.84 -7.96
C ASN E 343 2.50 39.65 -7.43
N ILE E 344 1.85 38.59 -7.89
CA ILE E 344 0.48 38.25 -7.48
C ILE E 344 0.57 37.05 -6.55
N ARG E 345 0.28 37.26 -5.27
CA ARG E 345 0.48 36.21 -4.27
C ARG E 345 -0.86 35.55 -3.95
N GLY E 346 -0.81 34.24 -3.75
CA GLY E 346 -1.99 33.45 -3.50
C GLY E 346 -2.92 33.44 -4.69
N GLY E 347 -4.10 34.03 -4.54
CA GLY E 347 -5.02 34.22 -5.64
C GLY E 347 -5.75 32.98 -6.07
N ASN E 348 -7.02 33.13 -6.48
CA ASN E 348 -7.67 32.03 -7.17
C ASN E 348 -7.50 32.13 -8.68
N ASN E 349 -7.92 33.25 -9.27
CA ASN E 349 -7.79 33.52 -10.69
C ASN E 349 -7.98 35.01 -10.97
N LEU E 350 -6.97 35.68 -11.51
CA LEU E 350 -7.02 37.11 -11.75
C LEU E 350 -6.86 37.51 -13.20
N ALA E 351 -6.87 36.54 -14.13
CA ALA E 351 -6.69 36.87 -15.54
C ALA E 351 -7.95 37.43 -16.20
N ALA E 352 -9.06 37.56 -15.47
CA ALA E 352 -10.28 38.07 -16.07
C ALA E 352 -10.38 39.59 -15.99
N GLU E 353 -9.66 40.22 -15.06
CA GLU E 353 -9.75 41.65 -14.84
C GLU E 353 -8.46 42.39 -15.17
N LEU E 354 -7.34 41.67 -15.26
CA LEU E 354 -6.08 42.31 -15.60
C LEU E 354 -5.98 42.70 -17.07
N GLU E 355 -6.82 42.12 -17.93
CA GLU E 355 -6.75 42.42 -19.35
C GLU E 355 -7.36 43.78 -19.65
N ALA E 356 -8.50 44.10 -19.05
CA ALA E 356 -9.28 45.25 -19.45
C ALA E 356 -8.73 46.59 -18.95
N ASN E 357 -7.66 46.60 -18.16
CA ASN E 357 -7.14 47.88 -17.68
C ASN E 357 -5.66 48.10 -17.95
N LEU E 358 -4.82 47.07 -17.91
CA LEU E 358 -3.41 47.26 -18.27
C LEU E 358 -3.08 46.57 -19.59
N GLY E 359 -4.09 46.16 -20.34
CA GLY E 359 -3.88 45.52 -21.61
C GLY E 359 -3.82 46.44 -22.81
N LEU E 360 -3.58 47.73 -22.60
CA LEU E 360 -3.39 48.68 -23.68
C LEU E 360 -2.02 49.32 -23.59
N ILE E 361 -1.06 48.59 -23.04
CA ILE E 361 0.29 49.10 -22.83
C ILE E 361 1.11 48.75 -24.07
N GLU E 362 1.57 49.77 -24.79
CA GLU E 362 2.31 49.53 -26.02
C GLU E 362 3.80 49.46 -25.82
N GLU E 363 4.43 50.55 -25.41
CA GLU E 363 5.87 50.60 -25.19
C GLU E 363 6.15 50.67 -23.69
N ILE E 364 7.11 49.88 -23.25
CA ILE E 364 7.55 49.89 -21.87
C ILE E 364 9.06 50.12 -21.87
N SER E 365 9.52 50.99 -20.98
CA SER E 365 10.89 51.46 -21.06
C SER E 365 11.79 50.96 -19.94
N GLY E 366 11.40 49.89 -19.25
CA GLY E 366 12.22 49.29 -18.22
C GLY E 366 12.40 47.80 -18.41
N TYR E 367 12.34 47.08 -17.29
CA TYR E 367 12.41 45.64 -17.28
C TYR E 367 11.09 45.09 -16.75
N LEU E 368 10.79 43.84 -17.08
CA LEU E 368 9.72 43.12 -16.42
C LEU E 368 10.34 42.20 -15.40
N LYS E 369 9.50 41.63 -14.53
CA LYS E 369 9.92 40.68 -13.52
C LYS E 369 8.67 39.95 -13.06
N ILE E 370 8.64 38.64 -13.22
CA ILE E 370 7.48 37.84 -12.85
C ILE E 370 7.96 36.88 -11.76
N ARG E 371 7.90 37.32 -10.51
CA ARG E 371 8.43 36.55 -9.41
C ARG E 371 7.33 36.15 -8.45
N ARG E 372 7.39 34.89 -8.00
CA ARG E 372 6.60 34.32 -6.92
C ARG E 372 5.10 34.29 -7.18
N SER E 373 4.67 34.51 -8.42
CA SER E 373 3.26 34.54 -8.74
C SER E 373 2.73 33.13 -8.87
N TYR E 374 1.70 32.81 -8.09
CA TYR E 374 1.17 31.45 -8.05
C TYR E 374 0.09 31.21 -9.10
N ALA E 375 -0.95 32.03 -9.11
CA ALA E 375 -2.16 31.72 -9.87
C ALA E 375 -2.13 32.30 -11.28
N LEU E 376 -0.95 32.51 -11.85
CA LEU E 376 -0.88 32.88 -13.25
C LEU E 376 -1.00 31.64 -14.11
N VAL E 377 -1.76 31.75 -15.21
CA VAL E 377 -1.96 30.66 -16.14
C VAL E 377 -1.28 30.93 -17.48
N SER E 378 -1.32 32.19 -17.93
CA SER E 378 -0.65 32.57 -19.16
C SER E 378 -0.35 34.06 -19.08
N LEU E 379 0.68 34.49 -19.80
CA LEU E 379 1.04 35.90 -19.88
C LEU E 379 0.30 36.63 -21.00
N SER E 380 -0.91 36.21 -21.33
CA SER E 380 -1.57 36.73 -22.52
C SER E 380 -2.33 38.03 -22.28
N PHE E 381 -2.50 38.47 -21.02
CA PHE E 381 -3.31 39.66 -20.77
C PHE E 381 -2.61 40.93 -21.22
N PHE E 382 -1.28 40.91 -21.24
CA PHE E 382 -0.55 41.91 -22.00
C PHE E 382 -0.88 41.72 -23.48
N ARG E 383 -1.58 42.68 -24.06
CA ARG E 383 -2.12 42.48 -25.40
C ARG E 383 -1.29 43.16 -26.48
N LYS E 384 -1.03 44.45 -26.35
CA LYS E 384 -0.34 45.19 -27.39
C LYS E 384 1.10 45.53 -27.04
N LEU E 385 1.83 44.62 -26.39
CA LEU E 385 3.27 44.79 -26.24
C LEU E 385 3.96 44.73 -27.59
N ARG E 386 4.68 45.79 -27.93
CA ARG E 386 5.47 45.82 -29.15
C ARG E 386 6.96 45.76 -28.86
N LEU E 387 7.49 46.65 -28.04
CA LEU E 387 8.93 46.71 -27.80
C LEU E 387 9.22 47.00 -26.34
N ILE E 388 10.10 46.21 -25.75
CA ILE E 388 10.69 46.50 -24.44
C ILE E 388 12.00 47.24 -24.72
N ARG E 389 11.97 48.56 -24.59
CA ARG E 389 13.07 49.40 -25.05
C ARG E 389 14.32 49.18 -24.21
N GLY E 390 14.14 49.06 -22.89
CA GLY E 390 15.20 48.66 -22.00
C GLY E 390 16.41 49.58 -21.93
N GLU E 391 16.19 50.85 -21.60
CA GLU E 391 17.32 51.74 -21.34
C GLU E 391 18.03 51.36 -20.05
N THR E 392 17.29 50.83 -19.07
CA THR E 392 17.85 50.29 -17.85
C THR E 392 17.86 48.77 -17.88
N LEU E 393 18.33 48.19 -16.79
CA LEU E 393 18.36 46.75 -16.60
C LEU E 393 18.44 46.42 -15.12
N GLU E 394 18.22 45.15 -14.81
CA GLU E 394 18.18 44.64 -13.45
C GLU E 394 19.60 44.47 -12.93
N ILE E 395 19.74 43.98 -11.69
CA ILE E 395 21.05 43.57 -11.21
C ILE E 395 21.47 42.27 -11.89
N GLY E 396 22.59 42.33 -12.61
CA GLY E 396 23.04 41.21 -13.40
C GLY E 396 22.75 41.30 -14.89
N ASN E 397 22.38 42.49 -15.38
CA ASN E 397 22.15 42.79 -16.80
C ASN E 397 21.06 41.91 -17.42
N TYR E 398 19.84 42.07 -16.91
CA TYR E 398 18.68 41.36 -17.43
C TYR E 398 17.55 42.32 -17.79
N SER E 399 16.68 41.88 -18.70
CA SER E 399 15.49 42.63 -19.08
C SER E 399 14.22 41.85 -18.78
N PHE E 400 14.11 40.61 -19.23
CA PHE E 400 13.03 39.73 -18.84
C PHE E 400 13.53 38.90 -17.66
N TYR E 401 12.62 38.34 -16.87
CA TYR E 401 12.97 37.67 -15.62
C TYR E 401 11.77 36.88 -15.11
N ALA E 402 12.01 35.69 -14.60
CA ALA E 402 10.97 34.87 -14.00
C ALA E 402 11.52 34.13 -12.79
N LEU E 403 10.64 33.85 -11.82
CA LEU E 403 10.96 33.01 -10.66
C LEU E 403 9.69 32.36 -10.14
N ASP E 404 9.76 31.03 -9.97
CA ASP E 404 8.92 30.29 -9.02
C ASP E 404 7.43 30.35 -9.39
N ASN E 405 7.16 30.56 -10.68
CA ASN E 405 5.79 30.66 -11.15
C ASN E 405 5.24 29.26 -11.31
N GLN E 406 4.46 28.81 -10.32
CA GLN E 406 4.12 27.40 -10.21
C GLN E 406 2.99 26.97 -11.14
N ASN E 407 2.41 27.86 -11.93
CA ASN E 407 1.41 27.44 -12.88
C ASN E 407 1.51 28.16 -14.23
N LEU E 408 2.62 28.82 -14.52
CA LEU E 408 2.80 29.48 -15.81
C LEU E 408 2.91 28.43 -16.91
N ARG E 409 2.28 28.68 -18.05
CA ARG E 409 2.14 27.65 -19.07
C ARG E 409 2.52 28.16 -20.45
N GLN E 410 2.42 29.47 -20.66
CA GLN E 410 2.53 30.05 -22.01
C GLN E 410 2.99 31.49 -21.89
N LEU E 411 3.95 31.91 -22.71
CA LEU E 411 4.32 33.32 -22.72
C LEU E 411 3.41 34.13 -23.65
N TRP E 412 3.36 33.77 -24.93
CA TRP E 412 2.44 34.38 -25.87
C TRP E 412 2.17 33.40 -27.02
N ASP E 413 0.99 33.53 -27.61
CA ASP E 413 0.67 32.77 -28.81
C ASP E 413 1.48 33.36 -29.97
N TRP E 414 2.49 32.62 -30.43
CA TRP E 414 3.49 33.16 -31.33
C TRP E 414 3.05 33.16 -32.78
N SER E 415 1.84 32.71 -33.09
CA SER E 415 1.36 32.72 -34.47
C SER E 415 1.04 34.12 -34.95
N LYS E 416 0.63 35.02 -34.06
CA LYS E 416 0.20 36.36 -34.44
C LYS E 416 0.66 37.39 -33.41
N HIS E 417 1.89 37.28 -32.95
CA HIS E 417 2.41 38.24 -31.99
C HIS E 417 3.89 38.47 -32.26
N ASN E 418 4.31 39.74 -32.17
CA ASN E 418 5.68 40.13 -32.46
C ASN E 418 6.19 41.00 -31.32
N LEU E 419 7.44 40.76 -30.92
CA LEU E 419 8.02 41.40 -29.76
C LEU E 419 9.52 41.58 -29.98
N THR E 420 9.98 42.83 -29.95
CA THR E 420 11.37 43.12 -30.22
C THR E 420 12.00 43.81 -29.03
N THR E 421 12.75 43.06 -28.23
CA THR E 421 13.51 43.61 -27.12
C THR E 421 14.90 43.96 -27.62
N THR E 422 15.28 45.23 -27.47
CA THR E 422 16.46 45.74 -28.16
C THR E 422 17.75 45.24 -27.50
N GLN E 423 17.91 45.51 -26.21
CA GLN E 423 19.10 45.06 -25.51
C GLN E 423 18.68 44.32 -24.24
N GLY E 424 19.67 43.83 -23.51
CA GLY E 424 19.40 43.02 -22.33
C GLY E 424 19.45 41.53 -22.65
N LYS E 425 19.35 40.73 -21.60
CA LYS E 425 19.57 39.28 -21.68
C LYS E 425 18.50 38.59 -20.84
N LEU E 426 18.02 37.45 -21.33
CA LEU E 426 16.90 36.77 -20.69
C LEU E 426 17.35 36.08 -19.40
N PHE E 427 16.37 35.46 -18.73
CA PHE E 427 16.57 34.79 -17.45
C PHE E 427 15.33 33.95 -17.18
N PHE E 428 15.52 32.66 -16.88
CA PHE E 428 14.40 31.78 -16.57
C PHE E 428 14.83 30.84 -15.45
N HIS E 429 13.96 30.62 -14.47
CA HIS E 429 14.27 29.78 -13.32
C HIS E 429 13.01 29.30 -12.62
N TYR E 430 12.93 27.98 -12.41
CA TYR E 430 11.89 27.29 -11.64
C TYR E 430 10.48 27.58 -12.16
N ASN E 431 10.22 27.17 -13.40
CA ASN E 431 8.88 27.25 -13.99
C ASN E 431 8.43 25.84 -14.29
N PRO E 432 7.80 25.16 -13.32
CA PRO E 432 7.58 23.71 -13.45
C PRO E 432 6.48 23.31 -14.44
N LYS E 433 5.88 24.23 -15.18
CA LYS E 433 4.95 23.84 -16.24
C LYS E 433 5.16 24.69 -17.49
N LEU E 434 6.40 25.05 -17.77
CA LEU E 434 6.76 25.77 -18.98
C LEU E 434 7.85 25.00 -19.70
N CYS E 435 7.58 24.63 -20.95
CA CYS E 435 8.53 23.87 -21.75
C CYS E 435 9.61 24.78 -22.31
N LEU E 436 10.76 24.19 -22.62
CA LEU E 436 11.83 24.91 -23.30
C LEU E 436 11.46 25.29 -24.72
N SER E 437 10.46 24.64 -25.31
CA SER E 437 10.08 24.94 -26.68
C SER E 437 9.43 26.31 -26.80
N GLU E 438 8.68 26.72 -25.77
CA GLU E 438 8.02 28.02 -25.81
C GLU E 438 8.99 29.16 -25.52
N ILE E 439 10.12 28.88 -24.87
CA ILE E 439 11.10 29.94 -24.63
C ILE E 439 12.19 29.97 -25.68
N HIS E 440 12.30 28.93 -26.50
CA HIS E 440 13.27 28.94 -27.59
C HIS E 440 12.71 29.53 -28.88
N LYS E 441 11.41 29.38 -29.12
CA LYS E 441 10.77 30.17 -30.17
C LYS E 441 10.74 31.63 -29.77
N MET E 442 10.66 31.91 -28.46
CA MET E 442 10.90 33.25 -27.93
C MET E 442 12.31 33.74 -28.26
N GLU E 443 13.28 32.83 -28.27
CA GLU E 443 14.67 33.23 -28.47
C GLU E 443 14.93 33.63 -29.92
N GLU E 444 14.17 33.11 -30.87
CA GLU E 444 14.43 33.40 -32.28
C GLU E 444 13.67 34.63 -32.78
N VAL E 445 12.50 34.92 -32.21
CA VAL E 445 11.71 36.05 -32.71
C VAL E 445 12.03 37.33 -31.93
N SER E 446 12.64 37.22 -30.75
CA SER E 446 13.09 38.40 -30.03
C SER E 446 14.30 39.01 -30.73
N GLY E 447 14.61 40.25 -30.35
CA GLY E 447 15.74 40.95 -30.94
C GLY E 447 17.08 40.35 -30.55
N THR E 448 17.16 39.63 -29.44
CA THR E 448 18.37 38.94 -29.07
C THR E 448 18.42 37.55 -29.69
N LYS E 449 19.62 37.15 -30.13
CA LYS E 449 19.82 35.88 -30.81
C LYS E 449 20.82 34.97 -30.11
N GLY E 450 21.95 35.49 -29.64
CA GLY E 450 22.96 34.66 -29.04
C GLY E 450 23.62 35.27 -27.83
N ARG E 451 22.95 36.21 -27.18
CA ARG E 451 23.48 36.80 -25.96
C ARG E 451 22.99 36.03 -24.75
N GLN E 452 23.73 35.00 -24.36
CA GLN E 452 23.42 34.19 -23.19
C GLN E 452 24.66 34.08 -22.30
N GLU E 453 24.53 33.32 -21.22
CA GLU E 453 25.46 33.45 -20.10
C GLU E 453 26.44 32.30 -19.96
N ARG E 454 25.96 31.05 -19.93
CA ARG E 454 26.71 29.87 -19.49
C ARG E 454 27.31 30.12 -18.10
N ASN E 455 26.44 30.11 -17.08
CA ASN E 455 25.12 29.45 -17.11
C ASN E 455 23.97 30.39 -17.46
N ASP E 456 23.36 30.08 -18.59
CA ASP E 456 22.28 30.83 -19.21
C ASP E 456 20.93 30.54 -18.56
N ILE E 457 19.85 30.85 -19.28
CA ILE E 457 18.51 30.40 -18.94
C ILE E 457 18.52 28.90 -18.64
N ALA E 458 17.96 28.54 -17.49
CA ALA E 458 18.28 27.26 -16.86
C ALA E 458 17.66 26.10 -17.63
N LEU E 459 18.52 25.15 -18.01
CA LEU E 459 18.15 24.05 -18.88
C LEU E 459 17.58 22.85 -18.13
N LYS E 460 17.71 22.82 -16.81
CA LYS E 460 17.32 21.66 -16.02
C LYS E 460 16.03 21.88 -15.26
N THR E 461 15.84 23.05 -14.65
CA THR E 461 14.74 23.25 -13.71
C THR E 461 13.46 23.73 -14.37
N ASN E 462 13.42 23.86 -15.70
CA ASN E 462 12.22 24.26 -16.40
C ASN E 462 11.47 23.03 -16.89
N GLY E 463 10.16 23.00 -16.65
CA GLY E 463 9.31 21.98 -17.23
C GLY E 463 9.45 20.59 -16.66
N ASP E 464 9.91 20.45 -15.42
CA ASP E 464 10.07 19.12 -14.83
C ASP E 464 8.76 18.43 -14.52
N LYS E 465 7.68 19.18 -14.29
CA LYS E 465 6.44 18.61 -13.82
C LYS E 465 5.37 18.56 -14.90
N ALA E 466 5.74 18.76 -16.16
CA ALA E 466 4.81 18.65 -17.26
C ALA E 466 5.54 18.10 -18.48
N SER E 467 5.13 16.94 -18.97
CA SER E 467 5.71 16.38 -20.17
C SER E 467 5.10 17.03 -21.41
N CYS E 468 5.95 17.31 -22.39
CA CYS E 468 5.51 17.96 -23.62
C CYS E 468 6.44 17.61 -24.77
N GLU E 469 5.87 17.07 -25.84
CA GLU E 469 6.61 16.66 -27.03
C GLU E 469 5.85 17.13 -28.26
N ASN E 470 6.51 17.08 -29.41
CA ASN E 470 5.96 17.68 -30.62
C ASN E 470 5.64 16.71 -31.75
N GLU E 471 6.55 15.82 -32.11
CA GLU E 471 6.29 14.89 -33.20
C GLU E 471 5.48 13.70 -32.69
N LEU E 472 4.54 13.24 -33.50
CA LEU E 472 3.63 12.18 -33.08
C LEU E 472 4.05 10.83 -33.62
N LEU E 473 3.70 9.79 -32.86
CA LEU E 473 3.87 8.40 -33.26
C LEU E 473 2.51 7.73 -33.31
N LYS E 474 2.26 7.00 -34.39
CA LYS E 474 1.00 6.32 -34.56
C LYS E 474 1.20 4.83 -34.31
N PHE E 475 0.08 4.12 -34.20
CA PHE E 475 0.10 2.68 -34.01
C PHE E 475 -0.24 1.99 -35.32
N SER E 476 0.23 0.78 -35.46
CA SER E 476 0.06 0.10 -36.74
C SER E 476 -0.65 -1.24 -36.62
N TYR E 477 -0.44 -1.96 -35.53
CA TYR E 477 -0.99 -3.31 -35.42
C TYR E 477 -1.23 -3.64 -33.97
N ILE E 478 -2.46 -4.06 -33.68
CA ILE E 478 -2.88 -4.43 -32.34
C ILE E 478 -3.58 -5.78 -32.41
N ARG E 479 -3.07 -6.75 -31.67
CA ARG E 479 -3.65 -8.08 -31.59
C ARG E 479 -3.99 -8.38 -30.14
N THR E 480 -5.07 -9.13 -29.94
CA THR E 480 -5.67 -9.27 -28.63
C THR E 480 -6.01 -10.72 -28.34
N SER E 481 -5.58 -11.20 -27.19
CA SER E 481 -5.95 -12.53 -26.71
C SER E 481 -6.48 -12.38 -25.30
N PHE E 482 -6.89 -13.49 -24.70
CA PHE E 482 -7.56 -13.44 -23.39
C PHE E 482 -6.61 -13.11 -22.25
N ASP E 483 -5.30 -13.23 -22.46
CA ASP E 483 -4.33 -12.84 -21.44
C ASP E 483 -3.21 -11.97 -21.99
N LYS E 484 -2.92 -12.00 -23.29
CA LYS E 484 -1.86 -11.19 -23.85
C LYS E 484 -2.39 -10.27 -24.94
N ILE E 485 -1.79 -9.09 -25.02
CA ILE E 485 -2.19 -8.09 -26.00
C ILE E 485 -0.92 -7.42 -26.52
N LEU E 486 -0.86 -7.25 -27.84
CA LEU E 486 0.41 -7.02 -28.53
C LEU E 486 0.37 -5.67 -29.25
N LEU E 487 1.48 -4.94 -29.19
CA LEU E 487 1.57 -3.60 -29.75
C LEU E 487 2.63 -3.54 -30.84
N ARG E 488 2.47 -2.58 -31.75
CA ARG E 488 3.44 -2.34 -32.79
C ARG E 488 3.25 -0.93 -33.32
N TRP E 489 4.27 -0.10 -33.13
CA TRP E 489 4.20 1.30 -33.55
C TRP E 489 5.25 1.55 -34.62
N GLU E 490 4.98 2.54 -35.47
CA GLU E 490 5.88 2.84 -36.57
C GLU E 490 7.11 3.59 -36.06
N PRO E 491 8.28 3.38 -36.66
CA PRO E 491 9.53 3.83 -36.04
C PRO E 491 9.74 5.33 -36.17
N TYR E 492 10.84 5.78 -35.58
CA TYR E 492 11.19 7.19 -35.49
C TYR E 492 12.69 7.30 -35.27
N TRP E 493 13.31 8.28 -35.92
CA TRP E 493 14.74 8.46 -35.75
C TRP E 493 15.09 9.95 -35.68
N PRO E 494 15.80 10.35 -34.62
CA PRO E 494 16.34 11.71 -34.57
C PRO E 494 17.50 11.87 -35.53
N PRO E 495 17.98 13.10 -35.78
CA PRO E 495 19.14 13.27 -36.67
C PRO E 495 20.44 12.63 -36.18
N ASP E 496 20.54 12.28 -34.90
CA ASP E 496 21.67 11.52 -34.38
C ASP E 496 21.19 10.10 -34.10
N PHE E 497 21.87 9.12 -34.71
CA PHE E 497 21.47 7.73 -34.53
C PHE E 497 21.81 7.18 -33.16
N ARG E 498 22.73 7.81 -32.43
CA ARG E 498 23.05 7.39 -31.08
C ARG E 498 22.18 8.07 -30.03
N ASP E 499 21.47 9.14 -30.38
CA ASP E 499 20.69 9.92 -29.43
C ASP E 499 19.36 9.24 -29.20
N LEU E 500 19.40 8.07 -28.55
CA LEU E 500 18.19 7.32 -28.22
C LEU E 500 18.53 6.33 -27.12
N LEU E 501 17.92 6.52 -25.95
CA LEU E 501 18.00 5.50 -24.90
C LEU E 501 16.93 4.44 -25.04
N GLY E 502 16.03 4.57 -26.01
CA GLY E 502 15.01 3.58 -26.22
C GLY E 502 13.61 4.15 -26.21
N PHE E 503 12.71 3.47 -25.53
CA PHE E 503 11.34 3.94 -25.37
C PHE E 503 10.95 3.72 -23.91
N MET E 504 9.69 3.99 -23.61
CA MET E 504 9.09 3.54 -22.37
C MET E 504 7.59 3.43 -22.61
N LEU E 505 7.00 2.36 -22.11
CA LEU E 505 5.61 2.04 -22.35
C LEU E 505 4.84 2.12 -21.04
N PHE E 506 3.61 2.58 -21.12
CA PHE E 506 2.75 2.72 -19.95
C PHE E 506 1.44 1.98 -20.20
N TYR E 507 0.93 1.32 -19.16
CA TYR E 507 -0.40 0.72 -19.26
C TYR E 507 -1.04 0.68 -17.88
N LYS E 508 -2.30 1.08 -17.82
CA LYS E 508 -3.03 1.16 -16.57
C LYS E 508 -4.44 0.66 -16.79
N GLU E 509 -5.12 0.33 -15.70
CA GLU E 509 -6.53 -0.01 -15.77
C GLU E 509 -7.37 1.26 -15.88
N ALA E 510 -8.51 1.14 -16.56
CA ALA E 510 -9.48 2.21 -16.65
C ALA E 510 -10.81 1.56 -16.99
N PRO E 511 -11.82 1.65 -16.11
CA PRO E 511 -13.12 1.07 -16.44
C PRO E 511 -14.00 1.97 -17.29
N TYR E 512 -13.71 3.26 -17.38
CA TYR E 512 -14.44 4.17 -18.25
C TYR E 512 -13.42 4.94 -19.08
N GLN E 513 -13.91 5.67 -20.09
CA GLN E 513 -13.04 6.32 -21.06
C GLN E 513 -12.59 7.71 -20.62
N ASN E 514 -12.94 8.14 -19.41
CA ASN E 514 -12.54 9.46 -18.93
C ASN E 514 -11.22 9.41 -18.14
N VAL E 515 -10.19 8.84 -18.74
CA VAL E 515 -8.89 8.78 -18.11
C VAL E 515 -8.17 10.09 -18.41
N THR E 516 -7.30 10.51 -17.51
CA THR E 516 -6.62 11.79 -17.64
C THR E 516 -5.49 11.69 -18.65
N GLU E 517 -4.76 12.78 -18.81
CA GLU E 517 -3.54 12.82 -19.60
C GLU E 517 -2.35 12.67 -18.66
N PHE E 518 -1.19 12.35 -19.22
CA PHE E 518 0.00 12.17 -18.40
C PHE E 518 0.48 13.51 -17.85
N ASP E 519 0.45 13.65 -16.53
CA ASP E 519 0.87 14.90 -15.89
C ASP E 519 2.37 15.11 -15.98
N GLY E 520 3.15 14.03 -15.94
CA GLY E 520 4.59 14.12 -15.90
C GLY E 520 5.17 14.21 -14.51
N GLN E 521 4.33 14.19 -13.48
CA GLN E 521 4.80 14.30 -12.10
C GLN E 521 5.39 12.99 -11.62
N ASP E 522 6.54 13.08 -10.93
CA ASP E 522 7.14 11.92 -10.28
C ASP E 522 7.03 12.12 -8.77
N ALA E 523 6.13 11.38 -8.13
CA ALA E 523 5.99 11.44 -6.69
C ALA E 523 5.87 10.06 -6.07
N CYS E 524 6.48 9.04 -6.71
CA CYS E 524 6.60 7.65 -6.26
C CYS E 524 5.22 7.04 -6.00
N GLY E 525 4.24 7.43 -6.81
CA GLY E 525 2.85 7.10 -6.56
C GLY E 525 2.29 6.05 -7.51
N SER E 526 1.04 5.67 -7.24
CA SER E 526 0.32 4.66 -8.01
C SER E 526 -0.11 5.15 -9.39
N ASN E 527 -0.15 6.47 -9.61
CA ASN E 527 -0.47 7.00 -10.93
C ASN E 527 0.75 7.17 -11.83
N SER E 528 1.82 6.41 -11.59
CA SER E 528 2.96 6.34 -12.48
C SER E 528 2.79 5.30 -13.57
N TRP E 529 1.58 4.75 -13.72
CA TRP E 529 1.14 3.93 -14.86
C TRP E 529 1.88 2.59 -14.98
N THR E 530 2.62 2.18 -13.94
CA THR E 530 3.40 0.94 -13.90
C THR E 530 4.34 0.81 -15.10
N VAL E 531 5.33 1.70 -15.16
CA VAL E 531 6.16 1.87 -16.35
C VAL E 531 6.99 0.62 -16.64
N VAL E 532 6.90 0.15 -17.88
CA VAL E 532 7.69 -0.97 -18.38
C VAL E 532 8.71 -0.42 -19.36
N ASP E 533 9.99 -0.70 -19.10
CA ASP E 533 11.03 -0.19 -19.97
C ASP E 533 11.17 -1.06 -21.21
N ILE E 534 11.55 -0.42 -22.31
CA ILE E 534 11.76 -1.10 -23.59
C ILE E 534 13.22 -0.95 -23.95
N ASP E 535 13.84 -2.06 -24.35
CA ASP E 535 15.19 -2.02 -24.89
C ASP E 535 15.20 -1.19 -26.17
N PRO E 536 16.25 -0.42 -26.42
CA PRO E 536 16.31 0.39 -27.64
C PRO E 536 16.42 -0.50 -28.86
N PRO E 537 15.88 -0.08 -30.00
CA PRO E 537 16.06 -0.84 -31.24
C PRO E 537 17.52 -0.81 -31.66
N LEU E 538 18.09 -2.02 -31.77
CA LEU E 538 19.49 -2.19 -32.14
C LEU E 538 19.72 -1.68 -33.55
N ARG E 539 20.92 -1.14 -33.78
CA ARG E 539 21.23 -0.36 -34.97
C ARG E 539 21.17 -1.27 -36.19
N SER E 540 20.14 -1.10 -37.00
CA SER E 540 19.77 -2.05 -38.02
C SER E 540 20.52 -1.87 -39.33
N ASN E 541 20.92 -0.63 -39.65
CA ASN E 541 21.58 -0.27 -40.93
C ASN E 541 20.71 -0.65 -42.13
N ASP E 542 19.39 -0.58 -41.95
CA ASP E 542 18.46 -1.10 -42.93
C ASP E 542 17.14 -0.38 -42.71
N PRO E 543 16.52 0.15 -43.77
CA PRO E 543 15.19 0.78 -43.62
C PRO E 543 14.09 -0.19 -43.18
N LYS E 544 13.89 -1.28 -43.91
CA LYS E 544 12.95 -2.32 -43.52
C LYS E 544 13.70 -3.38 -42.74
N SER E 545 13.41 -3.51 -41.45
CA SER E 545 14.22 -4.36 -40.59
C SER E 545 13.36 -4.83 -39.42
N GLN E 546 14.02 -5.39 -38.40
CA GLN E 546 13.38 -5.77 -37.15
C GLN E 546 13.37 -4.64 -36.14
N ASN E 547 13.51 -3.39 -36.60
CA ASN E 547 13.43 -2.22 -35.75
C ASN E 547 12.10 -1.49 -35.87
N HIS E 548 11.03 -2.22 -36.15
CA HIS E 548 9.68 -1.71 -35.98
C HIS E 548 9.24 -2.25 -34.62
N PRO E 549 9.48 -1.52 -33.54
CA PRO E 549 9.56 -2.16 -32.23
C PRO E 549 8.21 -2.33 -31.57
N GLY E 550 8.09 -3.44 -30.85
CA GLY E 550 6.90 -3.72 -30.08
C GLY E 550 7.23 -4.38 -28.76
N TRP E 551 6.20 -4.83 -28.06
CA TRP E 551 6.37 -5.47 -26.76
C TRP E 551 5.16 -6.37 -26.56
N LEU E 552 5.22 -7.22 -25.56
CA LEU E 552 4.11 -8.10 -25.24
C LEU E 552 3.78 -7.99 -23.76
N MET E 553 2.51 -7.81 -23.47
CA MET E 553 2.01 -7.75 -22.11
C MET E 553 1.68 -9.16 -21.65
N ARG E 554 1.87 -9.44 -20.36
CA ARG E 554 1.64 -10.80 -19.86
C ARG E 554 0.63 -10.91 -18.72
N GLY E 555 0.71 -10.03 -17.72
CA GLY E 555 -0.18 -10.15 -16.58
C GLY E 555 -1.50 -9.42 -16.71
N LEU E 556 -2.48 -10.03 -17.35
CA LEU E 556 -3.76 -9.39 -17.62
C LEU E 556 -4.92 -10.11 -16.95
N LYS E 557 -5.93 -9.35 -16.57
CA LYS E 557 -7.24 -9.92 -16.26
C LYS E 557 -8.11 -9.87 -17.51
N PRO E 558 -8.95 -10.88 -17.74
CA PRO E 558 -9.80 -10.87 -18.93
C PRO E 558 -10.97 -9.90 -18.79
N TRP E 559 -11.43 -9.42 -19.95
CA TRP E 559 -12.64 -8.60 -20.10
C TRP E 559 -12.57 -7.30 -19.29
N THR E 560 -11.55 -6.49 -19.60
CA THR E 560 -11.40 -5.19 -19.00
C THR E 560 -10.69 -4.26 -19.98
N GLN E 561 -10.77 -2.97 -19.71
CA GLN E 561 -10.30 -1.93 -20.61
C GLN E 561 -9.00 -1.33 -20.08
N TYR E 562 -8.00 -1.21 -20.95
CA TYR E 562 -6.68 -0.69 -20.60
C TYR E 562 -6.34 0.53 -21.41
N ALA E 563 -5.59 1.44 -20.82
CA ALA E 563 -5.17 2.69 -21.46
C ALA E 563 -3.67 2.68 -21.67
N ILE E 564 -3.25 2.79 -22.93
CA ILE E 564 -1.86 2.61 -23.33
C ILE E 564 -1.40 3.82 -24.12
N PHE E 565 -0.22 4.33 -23.79
CA PHE E 565 0.46 5.29 -24.66
C PHE E 565 1.96 5.07 -24.51
N VAL E 566 2.70 5.54 -25.51
CA VAL E 566 4.12 5.23 -25.64
C VAL E 566 4.91 6.52 -25.84
N LYS E 567 6.07 6.59 -25.19
CA LYS E 567 6.86 7.81 -25.16
C LYS E 567 8.32 7.43 -25.32
N THR E 568 9.08 8.25 -26.04
CA THR E 568 10.50 8.00 -26.18
C THR E 568 11.26 8.67 -25.04
N LEU E 569 12.57 8.45 -25.00
CA LEU E 569 13.40 8.97 -23.94
C LEU E 569 14.80 9.20 -24.52
N VAL E 570 15.09 10.44 -24.86
CA VAL E 570 16.35 10.79 -25.50
C VAL E 570 17.19 11.62 -24.53
N THR E 571 18.48 11.69 -24.81
CA THR E 571 19.36 12.58 -24.05
C THR E 571 19.14 14.01 -24.50
N PHE E 572 18.87 14.90 -23.55
CA PHE E 572 18.83 16.31 -23.88
C PHE E 572 20.25 16.82 -24.12
N SER E 573 20.35 17.83 -24.97
CA SER E 573 21.64 18.29 -25.46
C SER E 573 21.69 19.80 -25.48
N ASP E 574 22.91 20.33 -25.67
CA ASP E 574 23.10 21.77 -25.80
C ASP E 574 22.50 22.33 -27.08
N GLU E 575 22.44 21.51 -28.14
CA GLU E 575 21.77 21.91 -29.36
C GLU E 575 20.26 21.90 -29.14
N ARG E 576 19.58 22.82 -29.83
CA ARG E 576 18.16 23.11 -29.56
C ARG E 576 17.24 22.26 -30.45
N ARG E 577 17.48 20.95 -30.38
CA ARG E 577 16.66 19.99 -31.10
C ARG E 577 16.42 18.79 -30.19
N THR E 578 15.85 17.72 -30.75
CA THR E 578 15.54 16.45 -30.09
C THR E 578 14.70 16.65 -28.83
N TYR E 579 13.48 17.16 -29.03
CA TYR E 579 12.51 17.25 -27.94
C TYR E 579 11.83 15.93 -27.65
N GLY E 580 12.00 14.92 -28.50
CA GLY E 580 11.32 13.66 -28.31
C GLY E 580 10.05 13.55 -29.13
N ALA E 581 9.23 12.59 -28.72
CA ALA E 581 8.01 12.23 -29.43
C ALA E 581 7.11 11.48 -28.46
N LYS E 582 5.80 11.57 -28.67
CA LYS E 582 4.85 11.00 -27.73
C LYS E 582 3.53 10.74 -28.44
N SER E 583 3.02 9.51 -28.31
CA SER E 583 1.77 9.13 -28.93
C SER E 583 0.58 9.59 -28.10
N ASP E 584 -0.61 9.46 -28.68
CA ASP E 584 -1.85 9.77 -27.99
C ASP E 584 -2.39 8.53 -27.29
N ILE E 585 -3.23 8.77 -26.28
CA ILE E 585 -3.76 7.69 -25.47
C ILE E 585 -4.92 7.04 -26.19
N ILE E 586 -4.91 5.70 -26.27
CA ILE E 586 -6.00 4.95 -26.88
C ILE E 586 -6.58 3.98 -25.86
N TYR E 587 -7.54 3.17 -26.28
CA TYR E 587 -8.14 2.19 -25.40
C TYR E 587 -8.27 0.87 -26.14
N VAL E 588 -7.88 -0.22 -25.48
CA VAL E 588 -8.02 -1.57 -26.00
C VAL E 588 -8.58 -2.47 -24.91
N GLN E 589 -9.54 -3.33 -25.29
CA GLN E 589 -10.16 -4.26 -24.36
C GLN E 589 -9.78 -5.69 -24.71
N THR E 590 -9.45 -6.49 -23.69
CA THR E 590 -9.13 -7.90 -23.91
C THR E 590 -10.39 -8.75 -23.94
N ASP E 591 -10.28 -9.99 -24.39
CA ASP E 591 -11.44 -10.87 -24.43
C ASP E 591 -11.63 -11.65 -23.14
N ALA E 592 -12.65 -12.51 -23.08
CA ALA E 592 -12.96 -13.22 -21.84
C ALA E 592 -12.33 -14.59 -21.65
N THR E 593 -12.45 -15.14 -20.44
CA THR E 593 -11.93 -16.45 -20.11
C THR E 593 -12.90 -17.16 -19.18
N ASN E 594 -12.68 -18.46 -18.95
CA ASN E 594 -13.55 -19.23 -18.07
C ASN E 594 -13.80 -18.46 -16.77
N PRO E 595 -15.06 -18.40 -16.35
CA PRO E 595 -15.40 -17.65 -15.13
C PRO E 595 -14.99 -18.43 -13.88
N SER E 596 -15.34 -17.85 -12.73
CA SER E 596 -14.96 -18.41 -11.45
C SER E 596 -16.05 -19.36 -10.94
N VAL E 597 -15.93 -19.78 -9.69
CA VAL E 597 -16.86 -20.74 -9.10
C VAL E 597 -18.04 -19.96 -8.50
N PRO E 598 -19.28 -20.43 -8.65
CA PRO E 598 -20.40 -19.82 -7.94
C PRO E 598 -20.23 -19.90 -6.43
N LEU E 599 -20.53 -18.79 -5.75
CA LEU E 599 -20.13 -18.57 -4.37
C LEU E 599 -21.34 -18.70 -3.45
N ASP E 600 -21.11 -19.34 -2.29
CA ASP E 600 -21.99 -19.47 -1.13
C ASP E 600 -23.30 -20.15 -1.53
N PRO E 601 -23.30 -21.45 -1.84
CA PRO E 601 -24.59 -22.11 -2.15
C PRO E 601 -25.27 -22.70 -0.93
N ILE E 602 -26.51 -22.28 -0.68
CA ILE E 602 -27.31 -22.79 0.44
C ILE E 602 -28.54 -23.51 -0.10
N SER E 603 -28.85 -24.65 0.50
CA SER E 603 -30.04 -25.42 0.17
C SER E 603 -30.93 -25.50 1.40
N VAL E 604 -32.19 -25.07 1.25
CA VAL E 604 -33.13 -24.98 2.36
C VAL E 604 -34.35 -25.84 2.04
N SER E 605 -34.64 -26.80 2.92
CA SER E 605 -35.77 -27.69 2.76
C SER E 605 -36.96 -27.18 3.57
N ASN E 606 -38.14 -27.15 2.95
CA ASN E 606 -39.35 -26.71 3.62
C ASN E 606 -40.46 -27.75 3.62
N SER E 607 -40.61 -28.52 2.54
CA SER E 607 -41.68 -29.51 2.46
C SER E 607 -41.17 -30.82 1.86
N SER E 608 -42.08 -31.72 1.53
CA SER E 608 -41.73 -33.03 1.01
C SER E 608 -41.49 -33.05 -0.49
N SER E 609 -41.72 -31.93 -1.18
CA SER E 609 -41.44 -31.85 -2.61
C SER E 609 -40.64 -30.62 -3.03
N GLN E 610 -40.73 -29.51 -2.30
CA GLN E 610 -40.06 -28.27 -2.69
C GLN E 610 -38.66 -28.26 -2.09
N ILE E 611 -37.68 -27.91 -2.92
CA ILE E 611 -36.33 -27.58 -2.45
C ILE E 611 -35.88 -26.30 -3.14
N ILE E 612 -35.50 -25.30 -2.34
CA ILE E 612 -35.07 -24.01 -2.85
C ILE E 612 -33.56 -23.92 -2.68
N LEU E 613 -32.92 -23.14 -3.55
CA LEU E 613 -31.47 -23.00 -3.47
C LEU E 613 -31.04 -21.65 -4.03
N LYS E 614 -30.16 -20.98 -3.31
CA LYS E 614 -29.68 -19.65 -3.68
C LYS E 614 -28.15 -19.64 -3.66
N TRP E 615 -27.59 -18.65 -4.34
CA TRP E 615 -26.14 -18.48 -4.39
C TRP E 615 -25.85 -17.01 -4.67
N LYS E 616 -24.59 -16.69 -4.95
CA LYS E 616 -24.16 -15.35 -5.33
C LYS E 616 -23.38 -15.44 -6.62
N PRO E 617 -23.34 -14.37 -7.41
CA PRO E 617 -22.47 -14.36 -8.58
C PRO E 617 -21.01 -14.43 -8.18
N PRO E 618 -20.15 -14.99 -9.03
CA PRO E 618 -18.75 -15.23 -8.63
C PRO E 618 -17.97 -13.94 -8.49
N SER E 619 -16.82 -14.05 -7.80
CA SER E 619 -15.99 -12.89 -7.53
C SER E 619 -15.30 -12.40 -8.79
N ASP E 620 -14.89 -13.31 -9.65
CA ASP E 620 -14.24 -12.95 -10.91
C ASP E 620 -15.10 -13.45 -12.06
N PRO E 621 -16.04 -12.65 -12.56
CA PRO E 621 -16.92 -13.14 -13.63
C PRO E 621 -16.22 -13.28 -14.96
N ASN E 622 -15.29 -12.38 -15.27
CA ASN E 622 -14.52 -12.35 -16.52
C ASN E 622 -15.42 -12.34 -17.75
N GLY E 623 -16.29 -11.34 -17.81
CA GLY E 623 -17.27 -11.21 -18.86
C GLY E 623 -18.68 -11.11 -18.31
N ASN E 624 -19.59 -10.74 -19.21
CA ASN E 624 -21.00 -10.73 -18.88
C ASN E 624 -21.50 -12.17 -18.82
N ILE E 625 -22.01 -12.58 -17.67
CA ILE E 625 -22.39 -13.98 -17.45
C ILE E 625 -23.67 -14.26 -18.21
N THR E 626 -23.60 -15.19 -19.17
CA THR E 626 -24.76 -15.51 -20.00
C THR E 626 -25.81 -16.27 -19.19
N HIS E 627 -25.44 -17.45 -18.67
CA HIS E 627 -26.40 -18.22 -17.88
C HIS E 627 -25.66 -19.15 -16.93
N TYR E 628 -26.39 -19.61 -15.92
CA TYR E 628 -25.88 -20.64 -15.05
C TYR E 628 -26.33 -22.00 -15.57
N LEU E 629 -25.92 -23.07 -14.88
CA LEU E 629 -26.28 -24.41 -15.31
C LEU E 629 -26.31 -25.30 -14.09
N VAL E 630 -27.44 -25.98 -13.87
CA VAL E 630 -27.68 -26.74 -12.66
C VAL E 630 -28.01 -28.17 -13.04
N PHE E 631 -27.20 -29.12 -12.57
CA PHE E 631 -27.48 -30.54 -12.72
C PHE E 631 -27.74 -31.14 -11.35
N TRP E 632 -28.64 -32.13 -11.29
CA TRP E 632 -28.87 -32.85 -10.04
C TRP E 632 -28.97 -34.35 -10.32
N GLU E 633 -28.66 -35.13 -9.29
CA GLU E 633 -28.63 -36.58 -9.42
C GLU E 633 -29.11 -37.22 -8.13
N ARG E 634 -29.91 -38.26 -8.28
CA ARG E 634 -30.51 -38.96 -7.14
C ARG E 634 -29.52 -39.96 -6.56
N GLN E 635 -29.01 -39.66 -5.37
CA GLN E 635 -28.22 -40.64 -4.64
C GLN E 635 -29.12 -41.65 -3.95
N ALA E 636 -28.68 -42.90 -3.93
CA ALA E 636 -29.42 -43.96 -3.28
C ALA E 636 -28.86 -44.20 -1.88
N GLU E 637 -29.67 -44.85 -1.05
CA GLU E 637 -29.29 -45.08 0.33
C GLU E 637 -28.24 -46.19 0.42
N ASP E 638 -27.63 -46.30 1.60
CA ASP E 638 -26.55 -47.25 1.80
C ASP E 638 -27.08 -48.67 1.90
N SER E 639 -26.48 -49.59 1.12
CA SER E 639 -26.84 -51.00 1.22
C SER E 639 -26.41 -51.59 2.56
N GLU E 640 -25.40 -50.99 3.20
CA GLU E 640 -25.03 -51.35 4.56
C GLU E 640 -26.04 -50.89 5.60
N LEU E 641 -27.06 -50.13 5.20
CA LEU E 641 -28.23 -49.89 6.03
C LEU E 641 -29.34 -50.89 5.76
N PHE E 642 -29.05 -51.98 5.05
CA PHE E 642 -30.07 -52.93 4.65
C PHE E 642 -30.01 -54.26 5.41
N GLU E 643 -28.85 -54.61 5.96
CA GLU E 643 -28.64 -55.96 6.49
C GLU E 643 -28.07 -55.92 7.91
N LEU E 644 -28.57 -55.02 8.75
CA LEU E 644 -28.13 -54.95 10.14
C LEU E 644 -29.34 -54.94 11.07
N ASP E 645 -29.19 -55.56 12.23
CA ASP E 645 -30.22 -55.57 13.27
C ASP E 645 -30.11 -54.26 14.06
N TYR E 646 -31.19 -53.47 14.08
CA TYR E 646 -31.12 -52.09 14.51
C TYR E 646 -31.94 -51.80 15.77
N CYS E 647 -31.88 -52.68 16.77
CA CYS E 647 -32.11 -52.28 18.15
C CYS E 647 -30.99 -52.77 19.06
N LEU E 648 -29.83 -53.09 18.46
CA LEU E 648 -28.56 -53.20 19.13
C LEU E 648 -27.96 -51.79 19.24
N LYS E 649 -26.67 -51.69 19.57
CA LYS E 649 -26.01 -50.39 19.68
C LYS E 649 -26.01 -49.66 18.34
N GLY E 650 -26.80 -48.59 18.24
CA GLY E 650 -26.85 -47.77 17.04
C GLY E 650 -28.23 -47.64 16.42
N LEU E 651 -28.73 -46.41 16.32
CA LEU E 651 -29.96 -46.09 15.59
C LEU E 651 -29.72 -44.86 14.74
N LYS E 652 -30.31 -44.84 13.55
CA LYS E 652 -29.99 -43.82 12.55
C LYS E 652 -31.11 -42.78 12.46
N LEU E 653 -30.71 -41.52 12.26
CA LEU E 653 -31.65 -40.41 12.14
C LEU E 653 -30.98 -39.30 11.33
N PRO E 654 -31.07 -39.34 10.01
CA PRO E 654 -30.49 -38.30 9.17
C PRO E 654 -31.35 -37.04 9.19
N SER E 655 -30.81 -35.97 8.60
CA SER E 655 -31.47 -34.67 8.57
C SER E 655 -32.66 -34.66 7.62
N HIS E 756 -31.75 -39.95 -17.45
CA HIS E 756 -30.56 -39.12 -17.59
C HIS E 756 -30.61 -37.99 -16.56
N ARG E 757 -29.64 -37.10 -16.59
CA ARG E 757 -29.58 -36.01 -15.62
C ARG E 757 -30.62 -34.95 -15.96
N PRO E 758 -31.53 -34.62 -15.03
CA PRO E 758 -32.49 -33.55 -15.30
C PRO E 758 -31.89 -32.19 -14.93
N PHE E 759 -31.94 -31.28 -15.91
CA PHE E 759 -31.26 -30.00 -15.79
C PHE E 759 -32.14 -28.90 -16.33
N GLU E 760 -31.73 -27.66 -16.10
CA GLU E 760 -32.41 -26.50 -16.65
C GLU E 760 -31.41 -25.36 -16.83
N LYS E 761 -31.45 -24.74 -18.01
CA LYS E 761 -30.60 -23.60 -18.34
C LYS E 761 -31.20 -22.36 -17.69
N VAL E 762 -30.89 -22.20 -16.40
CA VAL E 762 -31.41 -21.05 -15.65
C VAL E 762 -30.69 -19.78 -16.13
N VAL E 763 -31.48 -18.75 -16.43
CA VAL E 763 -30.96 -17.52 -17.02
C VAL E 763 -31.50 -16.32 -16.25
N ASN E 764 -30.57 -15.49 -15.78
CA ASN E 764 -30.83 -14.24 -15.04
C ASN E 764 -31.68 -14.50 -13.78
N LYS E 765 -31.10 -15.28 -12.87
CA LYS E 765 -31.71 -15.57 -11.60
C LYS E 765 -30.64 -15.65 -10.52
N GLU E 766 -31.08 -15.80 -9.28
CA GLU E 766 -30.20 -16.07 -8.16
C GLU E 766 -30.71 -17.20 -7.26
N SER E 767 -31.97 -17.59 -7.39
CA SER E 767 -32.53 -18.69 -6.63
C SER E 767 -33.25 -19.64 -7.59
N LEU E 768 -33.52 -20.84 -7.10
CA LEU E 768 -34.11 -21.88 -7.94
C LEU E 768 -34.98 -22.79 -7.09
N VAL E 769 -36.14 -23.13 -7.62
CA VAL E 769 -37.09 -24.02 -6.96
C VAL E 769 -37.16 -25.31 -7.75
N ILE E 770 -37.10 -26.44 -7.04
CA ILE E 770 -37.28 -27.76 -7.65
C ILE E 770 -38.42 -28.45 -6.90
N SER E 771 -39.48 -28.79 -7.62
CA SER E 771 -40.64 -29.46 -7.07
C SER E 771 -40.88 -30.78 -7.78
N GLY E 772 -41.66 -31.63 -7.14
CA GLY E 772 -42.10 -32.88 -7.74
C GLY E 772 -41.01 -33.94 -7.84
N LEU E 773 -40.52 -34.40 -6.69
CA LEU E 773 -39.55 -35.48 -6.64
C LEU E 773 -39.88 -36.38 -5.46
N ARG E 774 -39.05 -37.40 -5.27
CA ARG E 774 -39.28 -38.35 -4.18
C ARG E 774 -38.99 -37.70 -2.83
N HIS E 775 -39.66 -38.19 -1.80
CA HIS E 775 -39.59 -37.60 -0.47
C HIS E 775 -38.51 -38.25 0.38
N PHE E 776 -37.82 -37.42 1.17
CA PHE E 776 -36.78 -37.73 2.14
C PHE E 776 -35.49 -38.29 1.51
N THR E 777 -35.40 -38.41 0.20
CA THR E 777 -34.19 -38.90 -0.42
C THR E 777 -33.20 -37.75 -0.62
N GLY E 778 -31.94 -38.12 -0.83
CA GLY E 778 -30.87 -37.15 -0.97
C GLY E 778 -30.45 -36.99 -2.42
N TYR E 779 -30.21 -35.73 -2.81
CA TYR E 779 -29.80 -35.39 -4.16
C TYR E 779 -28.47 -34.64 -4.10
N ARG E 780 -27.54 -35.02 -4.97
CA ARG E 780 -26.33 -34.24 -5.17
C ARG E 780 -26.58 -33.29 -6.32
N ILE E 781 -26.37 -32.00 -6.09
CA ILE E 781 -26.63 -30.97 -7.07
C ILE E 781 -25.33 -30.21 -7.32
N GLU E 782 -25.12 -29.78 -8.56
CA GLU E 782 -23.94 -29.02 -8.89
C GLU E 782 -24.32 -27.90 -9.85
N LEU E 783 -23.70 -26.75 -9.66
CA LEU E 783 -24.01 -25.57 -10.42
C LEU E 783 -22.75 -24.94 -10.97
N GLN E 784 -22.85 -24.40 -12.18
CA GLN E 784 -21.77 -23.71 -12.85
C GLN E 784 -22.26 -22.36 -13.34
N ALA E 785 -21.39 -21.36 -13.31
CA ALA E 785 -21.65 -20.13 -14.04
C ALA E 785 -21.10 -20.28 -15.46
N CYS E 786 -21.64 -19.50 -16.39
CA CYS E 786 -21.22 -19.70 -17.77
C CYS E 786 -21.40 -18.43 -18.58
N ASN E 787 -20.34 -18.06 -19.30
CA ASN E 787 -20.28 -16.95 -20.25
C ASN E 787 -20.80 -17.44 -21.61
N GLN E 788 -20.54 -16.67 -22.68
CA GLN E 788 -21.11 -16.85 -24.02
C GLN E 788 -21.18 -18.31 -24.49
N ASP E 789 -22.30 -18.65 -25.12
CA ASP E 789 -22.81 -20.02 -25.11
C ASP E 789 -22.86 -20.69 -26.47
N THR E 790 -23.51 -20.08 -27.47
CA THR E 790 -23.87 -20.83 -28.66
C THR E 790 -22.69 -21.15 -29.60
N PRO E 791 -21.70 -20.25 -29.85
CA PRO E 791 -20.42 -20.77 -30.36
C PRO E 791 -19.45 -21.14 -29.24
N GLU E 792 -19.09 -22.43 -29.16
CA GLU E 792 -18.04 -22.95 -28.28
C GLU E 792 -18.34 -22.64 -26.80
N GLU E 793 -19.38 -23.34 -26.30
CA GLU E 793 -19.82 -23.30 -24.91
C GLU E 793 -18.67 -23.46 -23.92
N ARG E 794 -18.40 -22.42 -23.13
CA ARG E 794 -17.27 -22.39 -22.19
C ARG E 794 -17.79 -21.96 -20.83
N CYS E 795 -18.01 -22.92 -19.95
CA CYS E 795 -18.46 -22.66 -18.59
C CYS E 795 -17.35 -23.03 -17.61
N SER E 796 -17.57 -22.67 -16.34
CA SER E 796 -16.53 -22.79 -15.32
C SER E 796 -16.50 -24.21 -14.75
N VAL E 797 -15.77 -24.36 -13.66
CA VAL E 797 -15.75 -25.61 -12.89
C VAL E 797 -16.95 -25.57 -11.94
N ALA E 798 -17.47 -26.74 -11.60
CA ALA E 798 -18.76 -26.83 -10.93
C ALA E 798 -18.62 -26.51 -9.44
N ALA E 799 -19.76 -26.53 -8.74
CA ALA E 799 -19.80 -26.43 -7.29
C ALA E 799 -20.89 -27.35 -6.79
N TYR E 800 -20.58 -28.12 -5.74
CA TYR E 800 -21.38 -29.27 -5.33
C TYR E 800 -22.06 -29.00 -3.98
N VAL E 801 -23.35 -29.33 -3.89
CA VAL E 801 -24.12 -29.29 -2.66
C VAL E 801 -24.88 -30.60 -2.52
N SER E 802 -24.90 -31.14 -1.31
CA SER E 802 -25.77 -32.25 -0.97
C SER E 802 -27.04 -31.72 -0.33
N ALA E 803 -28.19 -32.19 -0.79
CA ALA E 803 -29.47 -31.70 -0.31
C ALA E 803 -30.37 -32.87 0.06
N ARG E 804 -31.19 -32.66 1.11
CA ARG E 804 -32.15 -33.65 1.55
C ARG E 804 -33.48 -32.97 1.85
N THR E 805 -34.55 -33.50 1.29
CA THR E 805 -35.88 -32.93 1.46
C THR E 805 -36.43 -33.26 2.85
N MET E 806 -37.60 -32.70 3.16
CA MET E 806 -38.23 -32.88 4.45
C MET E 806 -39.17 -34.09 4.43
N PRO E 807 -39.32 -34.82 5.56
CA PRO E 807 -40.11 -36.07 5.54
C PRO E 807 -41.60 -35.88 5.34
N GLU E 808 -42.31 -37.00 5.18
CA GLU E 808 -43.75 -37.01 4.99
C GLU E 808 -44.41 -37.66 6.22
N ALA E 809 -45.69 -37.35 6.42
CA ALA E 809 -46.37 -37.74 7.64
C ALA E 809 -46.90 -39.16 7.61
N LYS E 810 -47.76 -39.48 6.65
CA LYS E 810 -48.48 -40.74 6.67
C LYS E 810 -47.81 -41.82 5.81
N ALA E 811 -46.49 -41.78 5.66
CA ALA E 811 -45.82 -42.82 4.87
C ALA E 811 -45.70 -44.13 5.62
N ASP E 812 -45.09 -44.13 6.80
CA ASP E 812 -44.77 -45.34 7.53
C ASP E 812 -45.92 -45.87 8.37
N ASP E 813 -47.09 -45.23 8.33
CA ASP E 813 -48.23 -45.69 9.12
C ASP E 813 -48.99 -46.77 8.38
N ILE E 814 -49.43 -47.79 9.12
CA ILE E 814 -50.07 -48.96 8.55
C ILE E 814 -51.54 -48.97 8.94
N VAL E 815 -52.40 -49.27 7.96
CA VAL E 815 -53.83 -49.44 8.19
C VAL E 815 -54.20 -50.86 7.82
N GLY E 816 -55.32 -51.33 8.36
CA GLY E 816 -55.80 -52.66 8.09
C GLY E 816 -55.76 -53.54 9.32
N PRO E 817 -56.55 -54.61 9.33
CA PRO E 817 -56.60 -55.51 10.49
C PRO E 817 -55.41 -56.44 10.53
N VAL E 818 -54.67 -56.42 11.63
CA VAL E 818 -53.62 -57.41 11.84
C VAL E 818 -54.26 -58.73 12.27
N THR E 819 -53.64 -59.85 11.90
CA THR E 819 -54.27 -61.14 12.08
C THR E 819 -53.39 -62.05 12.94
N HIS E 820 -53.98 -62.60 13.99
CA HIS E 820 -53.28 -63.46 14.94
C HIS E 820 -53.62 -64.92 14.68
N GLU E 821 -52.59 -65.76 14.58
CA GLU E 821 -52.72 -67.19 14.34
C GLU E 821 -52.23 -67.96 15.56
N ILE E 822 -52.91 -69.06 15.87
CA ILE E 822 -52.70 -69.81 17.11
C ILE E 822 -51.98 -71.10 16.77
N PHE E 823 -50.80 -71.29 17.34
CA PHE E 823 -50.08 -72.55 17.32
C PHE E 823 -50.29 -73.31 18.62
N GLU E 824 -50.04 -74.62 18.57
CA GLU E 824 -50.28 -75.47 19.73
C GLU E 824 -49.15 -75.38 20.76
N ASN E 825 -47.96 -74.96 20.33
CA ASN E 825 -46.79 -74.88 21.20
C ASN E 825 -46.65 -73.52 21.87
N ASN E 826 -47.76 -72.81 22.07
CA ASN E 826 -47.94 -71.44 22.59
C ASN E 826 -46.90 -70.44 22.07
N VAL E 827 -46.55 -70.54 20.79
CA VAL E 827 -45.80 -69.52 20.09
C VAL E 827 -46.74 -68.84 19.11
N VAL E 828 -47.24 -67.66 19.45
CA VAL E 828 -48.39 -67.09 18.73
C VAL E 828 -47.90 -66.28 17.54
N HIS E 829 -48.50 -66.52 16.37
CA HIS E 829 -48.09 -65.85 15.14
C HIS E 829 -48.89 -64.57 14.93
N LEU E 830 -48.25 -63.56 14.37
CA LEU E 830 -48.90 -62.29 14.06
C LEU E 830 -48.56 -61.85 12.64
N MET E 831 -49.58 -61.43 11.91
CA MET E 831 -49.50 -60.96 10.54
C MET E 831 -49.91 -59.50 10.46
N TRP E 832 -49.11 -58.68 9.80
CA TRP E 832 -49.54 -57.37 9.34
C TRP E 832 -48.95 -57.12 7.96
N GLN E 833 -49.16 -55.91 7.46
CA GLN E 833 -48.60 -55.48 6.19
C GLN E 833 -47.47 -54.49 6.44
N GLU E 834 -46.37 -54.65 5.73
CA GLU E 834 -45.39 -53.58 5.67
C GLU E 834 -45.96 -52.42 4.87
N PRO E 835 -45.64 -51.17 5.24
CA PRO E 835 -46.13 -50.02 4.46
C PRO E 835 -45.55 -50.03 3.05
N LYS E 836 -46.40 -49.65 2.08
CA LYS E 836 -46.07 -49.85 0.67
C LYS E 836 -45.01 -48.85 0.21
N GLU E 837 -45.05 -47.62 0.73
CA GLU E 837 -43.94 -46.69 0.58
C GLU E 837 -43.64 -46.03 1.92
N PRO E 838 -42.42 -46.18 2.43
CA PRO E 838 -42.03 -45.45 3.63
C PRO E 838 -41.31 -44.15 3.27
N ASN E 839 -41.02 -43.37 4.30
CA ASN E 839 -40.14 -42.21 4.16
C ASN E 839 -38.68 -42.68 4.24
N GLY E 840 -38.20 -43.20 3.11
CA GLY E 840 -36.87 -43.75 2.98
C GLY E 840 -36.74 -45.24 3.18
N LEU E 841 -36.82 -45.72 4.42
CA LEU E 841 -36.49 -47.12 4.73
C LEU E 841 -37.04 -47.48 6.09
N ILE E 842 -37.92 -48.47 6.15
CA ILE E 842 -38.44 -48.98 7.43
C ILE E 842 -37.33 -49.80 8.09
N VAL E 843 -37.03 -49.47 9.35
CA VAL E 843 -35.87 -50.05 10.01
C VAL E 843 -36.24 -50.91 11.23
N LEU E 844 -37.41 -50.71 11.85
CA LEU E 844 -37.77 -51.57 12.97
C LEU E 844 -39.29 -51.63 13.10
N TYR E 845 -39.80 -52.78 13.56
CA TYR E 845 -41.21 -52.91 13.92
C TYR E 845 -41.30 -53.10 15.43
N GLU E 846 -42.17 -52.34 16.07
CA GLU E 846 -42.30 -52.35 17.53
C GLU E 846 -43.69 -52.87 17.89
N VAL E 847 -43.76 -54.13 18.28
CA VAL E 847 -45.00 -54.75 18.75
C VAL E 847 -45.03 -54.65 20.27
N SER E 848 -46.19 -54.36 20.83
CA SER E 848 -46.36 -54.31 22.28
C SER E 848 -47.66 -55.01 22.65
N TYR E 849 -47.65 -55.70 23.78
CA TYR E 849 -48.85 -56.35 24.28
C TYR E 849 -49.12 -55.88 25.71
N ARG E 850 -50.40 -55.88 26.06
CA ARG E 850 -50.90 -55.22 27.26
C ARG E 850 -51.98 -56.08 27.91
N ARG E 851 -51.95 -56.12 29.23
CA ARG E 851 -53.01 -56.65 30.06
C ARG E 851 -53.47 -55.56 31.02
N TYR E 852 -54.45 -55.88 31.86
CA TYR E 852 -54.97 -54.92 32.82
C TYR E 852 -54.21 -55.06 34.14
N GLY E 853 -53.50 -54.00 34.53
CA GLY E 853 -52.78 -53.94 35.78
C GLY E 853 -51.28 -53.78 35.60
N ASP E 854 -50.69 -54.50 34.66
CA ASP E 854 -49.27 -54.40 34.34
C ASP E 854 -49.07 -53.30 33.30
N GLU E 855 -47.81 -52.95 33.08
CA GLU E 855 -47.46 -52.04 31.99
C GLU E 855 -47.38 -52.82 30.68
N GLU E 856 -47.04 -52.11 29.61
CA GLU E 856 -46.89 -52.76 28.31
C GLU E 856 -45.49 -53.33 28.17
N LEU E 857 -45.41 -54.56 27.65
CA LEU E 857 -44.14 -55.23 27.40
C LEU E 857 -43.99 -55.41 25.90
N HIS E 858 -42.88 -54.91 25.36
CA HIS E 858 -42.65 -54.82 23.92
C HIS E 858 -41.53 -55.76 23.48
N LEU E 859 -41.28 -55.78 22.18
CA LEU E 859 -40.36 -56.72 21.58
C LEU E 859 -39.79 -56.17 20.28
N CYS E 860 -38.47 -56.27 20.13
CA CYS E 860 -37.83 -55.92 18.87
C CYS E 860 -38.16 -56.91 17.77
N VAL E 861 -38.22 -56.40 16.54
CA VAL E 861 -38.09 -57.22 15.33
C VAL E 861 -37.59 -56.32 14.20
N SER E 862 -36.62 -56.84 13.46
CA SER E 862 -36.01 -56.15 12.32
C SER E 862 -36.30 -56.93 11.05
N ARG E 863 -35.66 -56.53 9.94
CA ARG E 863 -36.06 -57.00 8.61
C ARG E 863 -35.74 -58.47 8.40
N LYS E 864 -34.61 -58.95 8.94
CA LYS E 864 -34.25 -60.35 8.76
C LYS E 864 -35.18 -61.27 9.54
N HIS E 865 -35.49 -60.91 10.79
CA HIS E 865 -36.41 -61.71 11.59
C HIS E 865 -37.83 -61.61 11.05
N PHE E 866 -38.20 -60.45 10.50
CA PHE E 866 -39.52 -60.30 9.89
C PHE E 866 -39.66 -61.15 8.64
N ALA E 867 -38.60 -61.25 7.85
CA ALA E 867 -38.63 -62.10 6.66
C ALA E 867 -38.63 -63.58 7.03
N LEU E 868 -37.78 -63.98 7.99
CA LEU E 868 -37.66 -65.39 8.34
C LEU E 868 -38.77 -65.87 9.26
N GLU E 869 -39.59 -64.98 9.84
CA GLU E 869 -40.72 -65.39 10.64
C GLU E 869 -42.07 -65.07 10.03
N ARG E 870 -42.09 -64.26 8.96
CA ARG E 870 -43.29 -63.88 8.20
C ARG E 870 -44.33 -63.23 9.12
N GLY E 871 -43.96 -62.05 9.62
CA GLY E 871 -44.72 -61.36 10.65
C GLY E 871 -43.90 -61.23 11.91
N CYS E 872 -44.52 -61.60 13.03
CA CYS E 872 -43.75 -61.73 14.27
C CYS E 872 -44.33 -62.83 15.14
N ARG E 873 -43.47 -63.58 15.79
CA ARG E 873 -43.89 -64.63 16.71
C ARG E 873 -43.67 -64.18 18.14
N LEU E 874 -44.59 -64.60 19.01
CA LEU E 874 -44.50 -64.32 20.43
C LEU E 874 -44.22 -65.61 21.17
N ARG E 875 -43.17 -65.60 21.99
CA ARG E 875 -42.73 -66.75 22.76
C ARG E 875 -43.19 -66.63 24.20
N GLY E 876 -44.02 -67.57 24.65
CA GLY E 876 -44.24 -67.83 26.06
C GLY E 876 -44.88 -66.76 26.93
N LEU E 877 -46.15 -66.46 26.69
CA LEU E 877 -46.88 -65.52 27.53
C LEU E 877 -48.02 -66.22 28.26
N SER E 878 -48.52 -65.56 29.32
CA SER E 878 -49.57 -66.12 30.17
C SER E 878 -50.89 -66.19 29.42
N PRO E 879 -51.71 -67.21 29.70
CA PRO E 879 -52.99 -67.35 28.99
C PRO E 879 -53.99 -66.28 29.39
N GLY E 880 -54.91 -65.98 28.46
CA GLY E 880 -55.90 -64.94 28.70
C GLY E 880 -56.28 -64.17 27.45
N ASN E 881 -56.19 -62.85 27.50
CA ASN E 881 -56.59 -61.97 26.41
C ASN E 881 -55.65 -60.79 26.45
N TYR E 882 -54.69 -60.76 25.52
CA TYR E 882 -53.72 -59.67 25.45
C TYR E 882 -54.03 -58.71 24.31
N SER E 883 -53.96 -57.42 24.61
CA SER E 883 -54.11 -56.37 23.62
C SER E 883 -52.77 -56.17 22.91
N VAL E 884 -52.81 -55.91 21.60
CA VAL E 884 -51.63 -55.78 20.78
C VAL E 884 -51.68 -54.41 20.10
N ARG E 885 -50.58 -53.66 20.19
CA ARG E 885 -50.45 -52.35 19.59
C ARG E 885 -49.11 -52.28 18.88
N ILE E 886 -49.13 -51.92 17.60
CA ILE E 886 -48.01 -52.12 16.68
C ILE E 886 -47.62 -50.79 16.06
N ARG E 887 -46.34 -50.42 16.17
CA ARG E 887 -45.76 -49.29 15.48
C ARG E 887 -44.69 -49.75 14.50
N ALA E 888 -44.35 -48.86 13.58
CA ALA E 888 -43.20 -49.04 12.71
C ALA E 888 -42.37 -47.76 12.76
N THR E 889 -41.05 -47.91 12.89
CA THR E 889 -40.16 -46.77 12.84
C THR E 889 -39.19 -46.93 11.69
N SER E 890 -39.03 -45.85 10.94
CA SER E 890 -38.11 -45.76 9.83
C SER E 890 -36.85 -45.05 10.29
N LEU E 891 -35.98 -44.72 9.33
CA LEU E 891 -34.80 -43.92 9.68
C LEU E 891 -35.15 -42.44 9.83
N ALA E 892 -36.32 -42.02 9.34
CA ALA E 892 -36.73 -40.63 9.48
C ALA E 892 -37.28 -40.30 10.86
N GLY E 893 -37.88 -41.28 11.53
CA GLY E 893 -38.56 -41.02 12.79
C GLY E 893 -39.38 -42.20 13.24
N ASN E 894 -40.64 -41.97 13.58
CA ASN E 894 -41.56 -43.00 14.03
C ASN E 894 -42.87 -42.89 13.27
N GLY E 895 -43.72 -43.92 13.42
CA GLY E 895 -45.09 -43.85 12.98
C GLY E 895 -46.04 -43.94 14.17
N SER E 896 -47.33 -43.85 13.84
CA SER E 896 -48.36 -44.02 14.85
C SER E 896 -48.64 -45.51 15.07
N TRP E 897 -49.47 -45.79 16.07
CA TRP E 897 -49.80 -47.16 16.42
C TRP E 897 -50.88 -47.69 15.49
N THR E 898 -51.42 -48.85 15.81
CA THR E 898 -52.62 -49.37 15.16
C THR E 898 -53.73 -49.44 16.19
N GLU E 899 -54.88 -49.93 15.76
CA GLU E 899 -55.95 -50.24 16.69
C GLU E 899 -55.51 -51.39 17.58
N PRO E 900 -55.69 -51.29 18.90
CA PRO E 900 -55.25 -52.37 19.79
C PRO E 900 -56.11 -53.62 19.64
N THR E 901 -55.56 -54.65 19.02
CA THR E 901 -56.31 -55.85 18.68
C THR E 901 -56.10 -56.94 19.73
N TYR E 902 -57.16 -57.67 20.02
CA TYR E 902 -57.14 -58.67 21.07
C TYR E 902 -56.79 -60.04 20.51
N PHE E 903 -55.76 -60.68 21.08
CA PHE E 903 -55.53 -62.09 20.82
C PHE E 903 -55.67 -62.84 22.14
N TYR E 904 -56.41 -63.93 22.11
CA TYR E 904 -56.89 -64.59 23.33
C TYR E 904 -56.68 -66.09 23.23
N VAL E 905 -56.13 -66.67 24.30
CA VAL E 905 -56.11 -68.12 24.48
C VAL E 905 -56.73 -68.44 25.83
N THR E 906 -57.44 -69.56 25.90
CA THR E 906 -58.21 -69.93 27.07
C THR E 906 -57.69 -71.21 27.70
N ASP E 907 -57.47 -71.16 29.01
CA ASP E 907 -57.04 -72.34 29.76
C ASP E 907 -57.47 -72.23 31.22
#